data_1RIE
# 
_entry.id   1RIE 
# 
_audit_conform.dict_name       mmcif_pdbx.dic 
_audit_conform.dict_version    5.397 
_audit_conform.dict_location   http://mmcif.pdb.org/dictionaries/ascii/mmcif_pdbx.dic 
# 
loop_
_database_2.database_id 
_database_2.database_code 
_database_2.pdbx_database_accession 
_database_2.pdbx_DOI 
PDB   1RIE         pdb_00001rie 10.2210/pdb1rie/pdb 
WWPDB D_1000176096 ?            ?                   
# 
loop_
_pdbx_audit_revision_history.ordinal 
_pdbx_audit_revision_history.data_content_type 
_pdbx_audit_revision_history.major_revision 
_pdbx_audit_revision_history.minor_revision 
_pdbx_audit_revision_history.revision_date 
1 'Structure model' 1 0 1996-12-07 
2 'Structure model' 1 1 2008-03-24 
3 'Structure model' 1 2 2011-07-13 
4 'Structure model' 1 3 2024-10-23 
# 
_pdbx_audit_revision_details.ordinal             1 
_pdbx_audit_revision_details.revision_ordinal    1 
_pdbx_audit_revision_details.data_content_type   'Structure model' 
_pdbx_audit_revision_details.provider            repository 
_pdbx_audit_revision_details.type                'Initial release' 
_pdbx_audit_revision_details.description         ? 
_pdbx_audit_revision_details.details             ? 
# 
loop_
_pdbx_audit_revision_group.ordinal 
_pdbx_audit_revision_group.revision_ordinal 
_pdbx_audit_revision_group.data_content_type 
_pdbx_audit_revision_group.group 
1 2 'Structure model' 'Version format compliance' 
2 3 'Structure model' 'Version format compliance' 
3 4 'Structure model' 'Data collection'           
4 4 'Structure model' 'Database references'       
5 4 'Structure model' 'Derived calculations'      
6 4 'Structure model' 'Structure summary'         
# 
loop_
_pdbx_audit_revision_category.ordinal 
_pdbx_audit_revision_category.revision_ordinal 
_pdbx_audit_revision_category.data_content_type 
_pdbx_audit_revision_category.category 
1 4 'Structure model' chem_comp_atom            
2 4 'Structure model' chem_comp_bond            
3 4 'Structure model' database_2                
4 4 'Structure model' pdbx_entry_details        
5 4 'Structure model' pdbx_modification_feature 
6 4 'Structure model' pdbx_struct_conn_angle    
7 4 'Structure model' struct_conn               
8 4 'Structure model' struct_site               
# 
loop_
_pdbx_audit_revision_item.ordinal 
_pdbx_audit_revision_item.revision_ordinal 
_pdbx_audit_revision_item.data_content_type 
_pdbx_audit_revision_item.item 
1  4 'Structure model' '_database_2.pdbx_DOI'                       
2  4 'Structure model' '_database_2.pdbx_database_accession'        
3  4 'Structure model' '_pdbx_struct_conn_angle.ptnr1_auth_seq_id'  
4  4 'Structure model' '_pdbx_struct_conn_angle.ptnr1_label_seq_id' 
5  4 'Structure model' '_pdbx_struct_conn_angle.ptnr3_auth_seq_id'  
6  4 'Structure model' '_pdbx_struct_conn_angle.ptnr3_label_seq_id' 
7  4 'Structure model' '_pdbx_struct_conn_angle.value'              
8  4 'Structure model' '_struct_conn.pdbx_dist_value'               
9  4 'Structure model' '_struct_conn.ptnr1_auth_comp_id'            
10 4 'Structure model' '_struct_conn.ptnr1_auth_seq_id'             
11 4 'Structure model' '_struct_conn.ptnr1_label_asym_id'           
12 4 'Structure model' '_struct_conn.ptnr1_label_atom_id'           
13 4 'Structure model' '_struct_conn.ptnr1_label_comp_id'           
14 4 'Structure model' '_struct_conn.ptnr1_label_seq_id'            
15 4 'Structure model' '_struct_conn.ptnr2_auth_comp_id'            
16 4 'Structure model' '_struct_conn.ptnr2_auth_seq_id'             
17 4 'Structure model' '_struct_conn.ptnr2_label_asym_id'           
18 4 'Structure model' '_struct_conn.ptnr2_label_atom_id'           
19 4 'Structure model' '_struct_conn.ptnr2_label_comp_id'           
20 4 'Structure model' '_struct_conn.ptnr2_label_seq_id'            
21 4 'Structure model' '_struct_site.pdbx_auth_asym_id'             
22 4 'Structure model' '_struct_site.pdbx_auth_comp_id'             
23 4 'Structure model' '_struct_site.pdbx_auth_seq_id'              
# 
_pdbx_database_status.status_code                     REL 
_pdbx_database_status.entry_id                        1RIE 
_pdbx_database_status.recvd_initial_deposition_date   1996-02-23 
_pdbx_database_status.deposit_site                    ? 
_pdbx_database_status.process_site                    BNL 
_pdbx_database_status.status_code_sf                  REL 
_pdbx_database_status.status_code_mr                  ? 
_pdbx_database_status.SG_entry                        ? 
_pdbx_database_status.pdb_format_compatible           Y 
_pdbx_database_status.status_code_cs                  ? 
_pdbx_database_status.status_code_nmr_data            ? 
_pdbx_database_status.methods_development_category    ? 
# 
loop_
_audit_author.name 
_audit_author.pdbx_ordinal 
'Iwata, S.'     1 
'Saynovits, M.' 2 
'Link, T.A.'    3 
'Michel, H.'    4 
# 
loop_
_citation.id 
_citation.title 
_citation.journal_abbrev 
_citation.journal_volume 
_citation.page_first 
_citation.page_last 
_citation.year 
_citation.journal_id_ASTM 
_citation.country 
_citation.journal_id_ISSN 
_citation.journal_id_CSD 
_citation.book_publisher 
_citation.pdbx_database_id_PubMed 
_citation.pdbx_database_id_DOI 
primary 
;Structure of a water soluble fragment of the 'Rieske' iron-sulfur protein of the bovine heart mitochondrial cytochrome bc1 complex determined by MAD phasing at 1.5 A resolution.
;
Structure                   4   567  579 1996 STRUE6 UK 0969-2126 2005 ? 8736555 '10.1016/S0969-2126(96)00062-7' 
1       
;Isolation, Characterisation and Crystallisation of a Water-Soluble Fragment of the Rieske Iron-Sulfur Protein of Bovine Heart Mitochondrial Bc1 Complex
;
Eur.J.Biochem.              237 71   ?   1996 EJBCAI IX 0014-2956 0262 ? ?       ?                               
2       
;The Mitochondrial Targeting Presequence of the Rieske Iron-Sulfur Protein is Processed in a Single Step After Insertion Into the Cytochrome Bc1 Complex in Mammals and Retained as a Subunit in the Complex
;
J.Biol.Chem.                268 8387 ?   1993 JBCHA3 US 0021-9258 0071 ? ?       ?                               
3       
;Cloning and Sequencing of a Cdna Encoding the Rieske Iron-Sulfur Protein of Bovine Heart Mitochondrial Ubiquinol-Cytochrome C Reductase
;
Biochem.Biophys.Res.Commun. 167 575  ?   1990 BBRCA9 US 0006-291X 0146 ? ?       ?                               
4       
;Isolation and Amino Acid Sequence of the 'Rieske' Iron Sulfur Protein of Beef Heart Ubiquinol:Cytochrome C Reductase
;
'FEBS Lett.'                219 161  ?   1987 FEBLAL NE 0014-5793 0165 ? ?       ?                               
# 
loop_
_citation_author.citation_id 
_citation_author.name 
_citation_author.ordinal 
_citation_author.identifier_ORCID 
primary 'Iwata, S.'       1  ? 
primary 'Saynovits, M.'   2  ? 
primary 'Link, T.A.'      3  ? 
primary 'Michel, H.'      4  ? 
1       'Link, T.A.'      5  ? 
1       'Saynovits, M.'   6  ? 
1       'Assmann, C.'     7  ? 
1       'Iwata, S.'       8  ? 
1       'Ohnishi, T.'     9  ? 
1       'Von Jagow, G.'   10 ? 
2       'Brandt, U.'      11 ? 
2       'Yu, L.'          12 ? 
2       'Yu, C.A.'        13 ? 
2       'Trumpower, B.L.' 14 ? 
3       'Usui, S.'        15 ? 
3       'Yu, L.'          16 ? 
3       'Yu, C.A.'        17 ? 
4       'Schagger, H.'    18 ? 
4       'Borchart, U.'    19 ? 
4       'Machleidt, W.'   20 ? 
4       'Link, T.A.'      21 ? 
4       'Von Jagow, G.'   22 ? 
# 
loop_
_entity.id 
_entity.type 
_entity.src_method 
_entity.pdbx_description 
_entity.formula_weight 
_entity.pdbx_number_of_molecules 
_entity.pdbx_ec 
_entity.pdbx_mutation 
_entity.pdbx_fragment 
_entity.details 
1 polymer     nat 'RIESKE IRON-SULFUR PROTEIN' 14440.658 1   1.10.2.2 ? 'SOLUBLE FRAGMENT' ? 
2 non-polymer syn 'FE2/S2 (INORGANIC) CLUSTER' 175.820   1   ?        ? ?                  ? 
3 water       nat water                        18.015    167 ?        ? ?                  ? 
# 
_entity_name_com.entity_id   1 
_entity_name_com.name        'UBIQUINOL-CYTOCHROME C REDUCTASE IRON-SULFUR' 
# 
_entity_poly.entity_id                      1 
_entity_poly.type                           'polypeptide(L)' 
_entity_poly.nstd_linkage                   no 
_entity_poly.nstd_monomer                   no 
_entity_poly.pdbx_seq_one_letter_code       
;VLAMSKIEIKLSDIPEGKNMAFKWRGKPLFVRHRTKKEIDQEAAVEVSQLRDPQHDLERVKKPEWVILIGVCTHLGCVPI
ANAGDFGGYYCPCHGSHYDASGRIRKGPAPLNLEVPSYEFTSDDMVIVG
;
_entity_poly.pdbx_seq_one_letter_code_can   
;VLAMSKIEIKLSDIPEGKNMAFKWRGKPLFVRHRTKKEIDQEAAVEVSQLRDPQHDLERVKKPEWVILIGVCTHLGCVPI
ANAGDFGGYYCPCHGSHYDASGRIRKGPAPLNLEVPSYEFTSDDMVIVG
;
_entity_poly.pdbx_strand_id                 A 
_entity_poly.pdbx_target_identifier         ? 
# 
loop_
_pdbx_entity_nonpoly.entity_id 
_pdbx_entity_nonpoly.name 
_pdbx_entity_nonpoly.comp_id 
2 'FE2/S2 (INORGANIC) CLUSTER' FES 
3 water                        HOH 
# 
loop_
_entity_poly_seq.entity_id 
_entity_poly_seq.num 
_entity_poly_seq.mon_id 
_entity_poly_seq.hetero 
1 1   VAL n 
1 2   LEU n 
1 3   ALA n 
1 4   MET n 
1 5   SER n 
1 6   LYS n 
1 7   ILE n 
1 8   GLU n 
1 9   ILE n 
1 10  LYS n 
1 11  LEU n 
1 12  SER n 
1 13  ASP n 
1 14  ILE n 
1 15  PRO n 
1 16  GLU n 
1 17  GLY n 
1 18  LYS n 
1 19  ASN n 
1 20  MET n 
1 21  ALA n 
1 22  PHE n 
1 23  LYS n 
1 24  TRP n 
1 25  ARG n 
1 26  GLY n 
1 27  LYS n 
1 28  PRO n 
1 29  LEU n 
1 30  PHE n 
1 31  VAL n 
1 32  ARG n 
1 33  HIS n 
1 34  ARG n 
1 35  THR n 
1 36  LYS n 
1 37  LYS n 
1 38  GLU n 
1 39  ILE n 
1 40  ASP n 
1 41  GLN n 
1 42  GLU n 
1 43  ALA n 
1 44  ALA n 
1 45  VAL n 
1 46  GLU n 
1 47  VAL n 
1 48  SER n 
1 49  GLN n 
1 50  LEU n 
1 51  ARG n 
1 52  ASP n 
1 53  PRO n 
1 54  GLN n 
1 55  HIS n 
1 56  ASP n 
1 57  LEU n 
1 58  GLU n 
1 59  ARG n 
1 60  VAL n 
1 61  LYS n 
1 62  LYS n 
1 63  PRO n 
1 64  GLU n 
1 65  TRP n 
1 66  VAL n 
1 67  ILE n 
1 68  LEU n 
1 69  ILE n 
1 70  GLY n 
1 71  VAL n 
1 72  CYS n 
1 73  THR n 
1 74  HIS n 
1 75  LEU n 
1 76  GLY n 
1 77  CYS n 
1 78  VAL n 
1 79  PRO n 
1 80  ILE n 
1 81  ALA n 
1 82  ASN n 
1 83  ALA n 
1 84  GLY n 
1 85  ASP n 
1 86  PHE n 
1 87  GLY n 
1 88  GLY n 
1 89  TYR n 
1 90  TYR n 
1 91  CYS n 
1 92  PRO n 
1 93  CYS n 
1 94  HIS n 
1 95  GLY n 
1 96  SER n 
1 97  HIS n 
1 98  TYR n 
1 99  ASP n 
1 100 ALA n 
1 101 SER n 
1 102 GLY n 
1 103 ARG n 
1 104 ILE n 
1 105 ARG n 
1 106 LYS n 
1 107 GLY n 
1 108 PRO n 
1 109 ALA n 
1 110 PRO n 
1 111 LEU n 
1 112 ASN n 
1 113 LEU n 
1 114 GLU n 
1 115 VAL n 
1 116 PRO n 
1 117 SER n 
1 118 TYR n 
1 119 GLU n 
1 120 PHE n 
1 121 THR n 
1 122 SER n 
1 123 ASP n 
1 124 ASP n 
1 125 MET n 
1 126 VAL n 
1 127 ILE n 
1 128 VAL n 
1 129 GLY n 
# 
_entity_src_nat.entity_id                  1 
_entity_src_nat.pdbx_src_id                1 
_entity_src_nat.pdbx_alt_source_flag       sample 
_entity_src_nat.pdbx_beg_seq_num           ? 
_entity_src_nat.pdbx_end_seq_num           ? 
_entity_src_nat.common_name                cattle 
_entity_src_nat.pdbx_organism_scientific   'Bos taurus' 
_entity_src_nat.pdbx_ncbi_taxonomy_id      9913 
_entity_src_nat.genus                      Bos 
_entity_src_nat.species                    ? 
_entity_src_nat.strain                     ? 
_entity_src_nat.tissue                     ? 
_entity_src_nat.tissue_fraction            ? 
_entity_src_nat.pdbx_secretion             ? 
_entity_src_nat.pdbx_fragment              ? 
_entity_src_nat.pdbx_variant               ? 
_entity_src_nat.pdbx_cell_line             ? 
_entity_src_nat.pdbx_atcc                  ? 
_entity_src_nat.pdbx_cellular_location     ? 
_entity_src_nat.pdbx_organ                 HEART 
_entity_src_nat.pdbx_organelle             MITOCHONDRIA 
_entity_src_nat.pdbx_cell                  ? 
_entity_src_nat.pdbx_plasmid_name          ? 
_entity_src_nat.pdbx_plasmid_details       ? 
_entity_src_nat.details                    ? 
# 
loop_
_chem_comp.id 
_chem_comp.type 
_chem_comp.mon_nstd_flag 
_chem_comp.name 
_chem_comp.pdbx_synonyms 
_chem_comp.formula 
_chem_comp.formula_weight 
ALA 'L-peptide linking' y ALANINE                      ? 'C3 H7 N O2'     89.093  
ARG 'L-peptide linking' y ARGININE                     ? 'C6 H15 N4 O2 1' 175.209 
ASN 'L-peptide linking' y ASPARAGINE                   ? 'C4 H8 N2 O3'    132.118 
ASP 'L-peptide linking' y 'ASPARTIC ACID'              ? 'C4 H7 N O4'     133.103 
CYS 'L-peptide linking' y CYSTEINE                     ? 'C3 H7 N O2 S'   121.158 
FES non-polymer         . 'FE2/S2 (INORGANIC) CLUSTER' ? 'Fe2 S2'         175.820 
GLN 'L-peptide linking' y GLUTAMINE                    ? 'C5 H10 N2 O3'   146.144 
GLU 'L-peptide linking' y 'GLUTAMIC ACID'              ? 'C5 H9 N O4'     147.129 
GLY 'peptide linking'   y GLYCINE                      ? 'C2 H5 N O2'     75.067  
HIS 'L-peptide linking' y HISTIDINE                    ? 'C6 H10 N3 O2 1' 156.162 
HOH non-polymer         . WATER                        ? 'H2 O'           18.015  
ILE 'L-peptide linking' y ISOLEUCINE                   ? 'C6 H13 N O2'    131.173 
LEU 'L-peptide linking' y LEUCINE                      ? 'C6 H13 N O2'    131.173 
LYS 'L-peptide linking' y LYSINE                       ? 'C6 H15 N2 O2 1' 147.195 
MET 'L-peptide linking' y METHIONINE                   ? 'C5 H11 N O2 S'  149.211 
PHE 'L-peptide linking' y PHENYLALANINE                ? 'C9 H11 N O2'    165.189 
PRO 'L-peptide linking' y PROLINE                      ? 'C5 H9 N O2'     115.130 
SER 'L-peptide linking' y SERINE                       ? 'C3 H7 N O3'     105.093 
THR 'L-peptide linking' y THREONINE                    ? 'C4 H9 N O3'     119.119 
TRP 'L-peptide linking' y TRYPTOPHAN                   ? 'C11 H12 N2 O2'  204.225 
TYR 'L-peptide linking' y TYROSINE                     ? 'C9 H11 N O3'    181.189 
VAL 'L-peptide linking' y VALINE                       ? 'C5 H11 N O2'    117.146 
# 
loop_
_pdbx_poly_seq_scheme.asym_id 
_pdbx_poly_seq_scheme.entity_id 
_pdbx_poly_seq_scheme.seq_id 
_pdbx_poly_seq_scheme.mon_id 
_pdbx_poly_seq_scheme.ndb_seq_num 
_pdbx_poly_seq_scheme.pdb_seq_num 
_pdbx_poly_seq_scheme.auth_seq_num 
_pdbx_poly_seq_scheme.pdb_mon_id 
_pdbx_poly_seq_scheme.auth_mon_id 
_pdbx_poly_seq_scheme.pdb_strand_id 
_pdbx_poly_seq_scheme.pdb_ins_code 
_pdbx_poly_seq_scheme.hetero 
A 1 1   VAL 1   68  ?   ?   ?   A . n 
A 1 2   LEU 2   69  ?   ?   ?   A . n 
A 1 3   ALA 3   70  70  ALA ALA A . n 
A 1 4   MET 4   71  71  MET MET A . n 
A 1 5   SER 5   72  72  SER SER A . n 
A 1 6   LYS 6   73  73  LYS LYS A . n 
A 1 7   ILE 7   74  74  ILE ILE A . n 
A 1 8   GLU 8   75  75  GLU GLU A . n 
A 1 9   ILE 9   76  76  ILE ILE A . n 
A 1 10  LYS 10  77  77  LYS LYS A . n 
A 1 11  LEU 11  78  78  LEU LEU A . n 
A 1 12  SER 12  79  79  SER SER A . n 
A 1 13  ASP 13  80  80  ASP ASP A . n 
A 1 14  ILE 14  81  81  ILE ILE A . n 
A 1 15  PRO 15  82  82  PRO PRO A . n 
A 1 16  GLU 16  83  83  GLU GLU A . n 
A 1 17  GLY 17  84  84  GLY GLY A . n 
A 1 18  LYS 18  85  85  LYS LYS A . n 
A 1 19  ASN 19  86  86  ASN ASN A . n 
A 1 20  MET 20  87  87  MET MET A . n 
A 1 21  ALA 21  88  88  ALA ALA A . n 
A 1 22  PHE 22  89  89  PHE PHE A . n 
A 1 23  LYS 23  90  90  LYS LYS A . n 
A 1 24  TRP 24  91  91  TRP TRP A . n 
A 1 25  ARG 25  92  92  ARG ARG A . n 
A 1 26  GLY 26  93  93  GLY GLY A . n 
A 1 27  LYS 27  94  94  LYS LYS A . n 
A 1 28  PRO 28  95  95  PRO PRO A . n 
A 1 29  LEU 29  96  96  LEU LEU A . n 
A 1 30  PHE 30  97  97  PHE PHE A . n 
A 1 31  VAL 31  98  98  VAL VAL A . n 
A 1 32  ARG 32  99  99  ARG ARG A . n 
A 1 33  HIS 33  100 100 HIS HIS A . n 
A 1 34  ARG 34  101 101 ARG ARG A . n 
A 1 35  THR 35  102 102 THR THR A . n 
A 1 36  LYS 36  103 103 LYS LYS A . n 
A 1 37  LYS 37  104 104 LYS LYS A . n 
A 1 38  GLU 38  105 105 GLU GLU A . n 
A 1 39  ILE 39  106 106 ILE ILE A . n 
A 1 40  ASP 40  107 107 ASP ASP A . n 
A 1 41  GLN 41  108 108 GLN GLN A . n 
A 1 42  GLU 42  109 109 GLU GLU A . n 
A 1 43  ALA 43  110 110 ALA ALA A . n 
A 1 44  ALA 44  111 111 ALA ALA A . n 
A 1 45  VAL 45  112 112 VAL VAL A . n 
A 1 46  GLU 46  113 113 GLU GLU A . n 
A 1 47  VAL 47  114 114 VAL VAL A . n 
A 1 48  SER 48  115 115 SER SER A . n 
A 1 49  GLN 49  116 116 GLN GLN A . n 
A 1 50  LEU 50  117 117 LEU LEU A . n 
A 1 51  ARG 51  118 118 ARG ARG A . n 
A 1 52  ASP 52  119 119 ASP ASP A . n 
A 1 53  PRO 53  120 120 PRO PRO A . n 
A 1 54  GLN 54  121 121 GLN GLN A . n 
A 1 55  HIS 55  122 122 HIS HIS A . n 
A 1 56  ASP 56  123 123 ASP ASP A . n 
A 1 57  LEU 57  124 124 LEU LEU A . n 
A 1 58  GLU 58  125 125 GLU GLU A . n 
A 1 59  ARG 59  126 126 ARG ARG A . n 
A 1 60  VAL 60  127 127 VAL VAL A . n 
A 1 61  LYS 61  128 128 LYS LYS A . n 
A 1 62  LYS 62  129 129 LYS LYS A . n 
A 1 63  PRO 63  130 130 PRO PRO A . n 
A 1 64  GLU 64  131 131 GLU GLU A . n 
A 1 65  TRP 65  132 132 TRP TRP A . n 
A 1 66  VAL 66  133 133 VAL VAL A . n 
A 1 67  ILE 67  134 134 ILE ILE A . n 
A 1 68  LEU 68  135 135 LEU LEU A . n 
A 1 69  ILE 69  136 136 ILE ILE A . n 
A 1 70  GLY 70  137 137 GLY GLY A . n 
A 1 71  VAL 71  138 138 VAL VAL A . n 
A 1 72  CYS 72  139 139 CYS CYS A . n 
A 1 73  THR 73  140 140 THR THR A . n 
A 1 74  HIS 74  141 141 HIS HIS A . n 
A 1 75  LEU 75  142 142 LEU LEU A . n 
A 1 76  GLY 76  143 143 GLY GLY A . n 
A 1 77  CYS 77  144 144 CYS CYS A . n 
A 1 78  VAL 78  145 145 VAL VAL A . n 
A 1 79  PRO 79  146 146 PRO PRO A . n 
A 1 80  ILE 80  147 147 ILE ILE A . n 
A 1 81  ALA 81  148 148 ALA ALA A . n 
A 1 82  ASN 82  149 149 ASN ASN A . n 
A 1 83  ALA 83  150 150 ALA ALA A . n 
A 1 84  GLY 84  151 151 GLY GLY A . n 
A 1 85  ASP 85  152 152 ASP ASP A . n 
A 1 86  PHE 86  153 153 PHE PHE A . n 
A 1 87  GLY 87  154 154 GLY GLY A . n 
A 1 88  GLY 88  155 155 GLY GLY A . n 
A 1 89  TYR 89  156 156 TYR TYR A . n 
A 1 90  TYR 90  157 157 TYR TYR A . n 
A 1 91  CYS 91  158 158 CYS CYS A . n 
A 1 92  PRO 92  159 159 PRO PRO A . n 
A 1 93  CYS 93  160 160 CYS CYS A . n 
A 1 94  HIS 94  161 161 HIS HIS A . n 
A 1 95  GLY 95  162 162 GLY GLY A . n 
A 1 96  SER 96  163 163 SER SER A . n 
A 1 97  HIS 97  164 164 HIS HIS A . n 
A 1 98  TYR 98  165 165 TYR TYR A . n 
A 1 99  ASP 99  166 166 ASP ASP A . n 
A 1 100 ALA 100 167 167 ALA ALA A . n 
A 1 101 SER 101 168 168 SER SER A . n 
A 1 102 GLY 102 169 169 GLY GLY A . n 
A 1 103 ARG 103 170 170 ARG ARG A . n 
A 1 104 ILE 104 171 171 ILE ILE A . n 
A 1 105 ARG 105 172 172 ARG ARG A . n 
A 1 106 LYS 106 173 173 LYS LYS A . n 
A 1 107 GLY 107 174 174 GLY GLY A . n 
A 1 108 PRO 108 175 175 PRO PRO A . n 
A 1 109 ALA 109 176 176 ALA ALA A . n 
A 1 110 PRO 110 177 177 PRO PRO A . n 
A 1 111 LEU 111 178 178 LEU LEU A . n 
A 1 112 ASN 112 179 179 ASN ASN A . n 
A 1 113 LEU 113 180 180 LEU LEU A . n 
A 1 114 GLU 114 181 181 GLU GLU A . n 
A 1 115 VAL 115 182 182 VAL VAL A . n 
A 1 116 PRO 116 183 183 PRO PRO A . n 
A 1 117 SER 117 184 184 SER SER A . n 
A 1 118 TYR 118 185 185 TYR TYR A . n 
A 1 119 GLU 119 186 186 GLU GLU A . n 
A 1 120 PHE 120 187 187 PHE PHE A . n 
A 1 121 THR 121 188 188 THR THR A . n 
A 1 122 SER 122 189 189 SER SER A . n 
A 1 123 ASP 123 190 190 ASP ASP A . n 
A 1 124 ASP 124 191 191 ASP ASP A . n 
A 1 125 MET 125 192 192 MET MET A . n 
A 1 126 VAL 126 193 193 VAL VAL A . n 
A 1 127 ILE 127 194 194 ILE ILE A . n 
A 1 128 VAL 128 195 195 VAL VAL A . n 
A 1 129 GLY 129 196 196 GLY GLY A . n 
# 
loop_
_pdbx_nonpoly_scheme.asym_id 
_pdbx_nonpoly_scheme.entity_id 
_pdbx_nonpoly_scheme.mon_id 
_pdbx_nonpoly_scheme.ndb_seq_num 
_pdbx_nonpoly_scheme.pdb_seq_num 
_pdbx_nonpoly_scheme.auth_seq_num 
_pdbx_nonpoly_scheme.pdb_mon_id 
_pdbx_nonpoly_scheme.auth_mon_id 
_pdbx_nonpoly_scheme.pdb_strand_id 
_pdbx_nonpoly_scheme.pdb_ins_code 
B 2 FES 1   200 200 FES FES A . 
C 3 HOH 1   201 1   HOH HOH A . 
C 3 HOH 2   202 2   HOH HOH A . 
C 3 HOH 3   203 3   HOH HOH A . 
C 3 HOH 4   204 4   HOH HOH A . 
C 3 HOH 5   205 5   HOH HOH A . 
C 3 HOH 6   206 6   HOH HOH A . 
C 3 HOH 7   207 7   HOH HOH A . 
C 3 HOH 8   208 8   HOH HOH A . 
C 3 HOH 9   209 9   HOH HOH A . 
C 3 HOH 10  210 10  HOH HOH A . 
C 3 HOH 11  211 11  HOH HOH A . 
C 3 HOH 12  212 12  HOH HOH A . 
C 3 HOH 13  213 13  HOH HOH A . 
C 3 HOH 14  214 14  HOH HOH A . 
C 3 HOH 15  215 15  HOH HOH A . 
C 3 HOH 16  216 16  HOH HOH A . 
C 3 HOH 17  217 17  HOH HOH A . 
C 3 HOH 18  218 18  HOH HOH A . 
C 3 HOH 19  219 19  HOH HOH A . 
C 3 HOH 20  220 20  HOH HOH A . 
C 3 HOH 21  221 21  HOH HOH A . 
C 3 HOH 22  222 22  HOH HOH A . 
C 3 HOH 23  223 23  HOH HOH A . 
C 3 HOH 24  224 24  HOH HOH A . 
C 3 HOH 25  225 25  HOH HOH A . 
C 3 HOH 26  226 26  HOH HOH A . 
C 3 HOH 27  227 27  HOH HOH A . 
C 3 HOH 28  228 28  HOH HOH A . 
C 3 HOH 29  229 29  HOH HOH A . 
C 3 HOH 30  230 30  HOH HOH A . 
C 3 HOH 31  231 31  HOH HOH A . 
C 3 HOH 32  232 32  HOH HOH A . 
C 3 HOH 33  233 33  HOH HOH A . 
C 3 HOH 34  234 34  HOH HOH A . 
C 3 HOH 35  235 35  HOH HOH A . 
C 3 HOH 36  236 36  HOH HOH A . 
C 3 HOH 37  237 37  HOH HOH A . 
C 3 HOH 38  238 38  HOH HOH A . 
C 3 HOH 39  239 39  HOH HOH A . 
C 3 HOH 40  240 40  HOH HOH A . 
C 3 HOH 41  241 41  HOH HOH A . 
C 3 HOH 42  242 42  HOH HOH A . 
C 3 HOH 43  243 43  HOH HOH A . 
C 3 HOH 44  244 44  HOH HOH A . 
C 3 HOH 45  245 45  HOH HOH A . 
C 3 HOH 46  246 46  HOH HOH A . 
C 3 HOH 47  247 47  HOH HOH A . 
C 3 HOH 48  248 48  HOH HOH A . 
C 3 HOH 49  249 49  HOH HOH A . 
C 3 HOH 50  250 50  HOH HOH A . 
C 3 HOH 51  251 51  HOH HOH A . 
C 3 HOH 52  252 52  HOH HOH A . 
C 3 HOH 53  253 53  HOH HOH A . 
C 3 HOH 54  254 54  HOH HOH A . 
C 3 HOH 55  255 55  HOH HOH A . 
C 3 HOH 56  256 56  HOH HOH A . 
C 3 HOH 57  257 57  HOH HOH A . 
C 3 HOH 58  258 58  HOH HOH A . 
C 3 HOH 59  259 59  HOH HOH A . 
C 3 HOH 60  260 60  HOH HOH A . 
C 3 HOH 61  261 61  HOH HOH A . 
C 3 HOH 62  262 62  HOH HOH A . 
C 3 HOH 63  263 63  HOH HOH A . 
C 3 HOH 64  264 64  HOH HOH A . 
C 3 HOH 65  265 65  HOH HOH A . 
C 3 HOH 66  266 66  HOH HOH A . 
C 3 HOH 67  267 67  HOH HOH A . 
C 3 HOH 68  268 68  HOH HOH A . 
C 3 HOH 69  269 69  HOH HOH A . 
C 3 HOH 70  270 70  HOH HOH A . 
C 3 HOH 71  271 71  HOH HOH A . 
C 3 HOH 72  272 72  HOH HOH A . 
C 3 HOH 73  273 73  HOH HOH A . 
C 3 HOH 74  274 74  HOH HOH A . 
C 3 HOH 75  275 75  HOH HOH A . 
C 3 HOH 76  276 76  HOH HOH A . 
C 3 HOH 77  277 77  HOH HOH A . 
C 3 HOH 78  278 78  HOH HOH A . 
C 3 HOH 79  279 79  HOH HOH A . 
C 3 HOH 80  280 80  HOH HOH A . 
C 3 HOH 81  281 81  HOH HOH A . 
C 3 HOH 82  282 82  HOH HOH A . 
C 3 HOH 83  283 83  HOH HOH A . 
C 3 HOH 84  284 84  HOH HOH A . 
C 3 HOH 85  285 85  HOH HOH A . 
C 3 HOH 86  286 86  HOH HOH A . 
C 3 HOH 87  287 87  HOH HOH A . 
C 3 HOH 88  288 88  HOH HOH A . 
C 3 HOH 89  289 89  HOH HOH A . 
C 3 HOH 90  290 90  HOH HOH A . 
C 3 HOH 91  291 91  HOH HOH A . 
C 3 HOH 92  292 92  HOH HOH A . 
C 3 HOH 93  293 93  HOH HOH A . 
C 3 HOH 94  294 94  HOH HOH A . 
C 3 HOH 95  295 95  HOH HOH A . 
C 3 HOH 96  296 96  HOH HOH A . 
C 3 HOH 97  297 97  HOH HOH A . 
C 3 HOH 98  298 98  HOH HOH A . 
C 3 HOH 99  299 99  HOH HOH A . 
C 3 HOH 100 300 100 HOH HOH A . 
C 3 HOH 101 301 101 HOH HOH A . 
C 3 HOH 102 302 102 HOH HOH A . 
C 3 HOH 103 303 103 HOH HOH A . 
C 3 HOH 104 304 104 HOH HOH A . 
C 3 HOH 105 305 105 HOH HOH A . 
C 3 HOH 106 306 106 HOH HOH A . 
C 3 HOH 107 307 107 HOH HOH A . 
C 3 HOH 108 308 108 HOH HOH A . 
C 3 HOH 109 309 109 HOH HOH A . 
C 3 HOH 110 310 110 HOH HOH A . 
C 3 HOH 111 311 111 HOH HOH A . 
C 3 HOH 112 312 112 HOH HOH A . 
C 3 HOH 113 313 113 HOH HOH A . 
C 3 HOH 114 314 114 HOH HOH A . 
C 3 HOH 115 315 115 HOH HOH A . 
C 3 HOH 116 316 116 HOH HOH A . 
C 3 HOH 117 317 117 HOH HOH A . 
C 3 HOH 118 318 118 HOH HOH A . 
C 3 HOH 119 319 119 HOH HOH A . 
C 3 HOH 120 320 120 HOH HOH A . 
C 3 HOH 121 321 121 HOH HOH A . 
C 3 HOH 122 322 122 HOH HOH A . 
C 3 HOH 123 323 123 HOH HOH A . 
C 3 HOH 124 324 124 HOH HOH A . 
C 3 HOH 125 325 125 HOH HOH A . 
C 3 HOH 126 326 126 HOH HOH A . 
C 3 HOH 127 327 127 HOH HOH A . 
C 3 HOH 128 328 128 HOH HOH A . 
C 3 HOH 129 329 129 HOH HOH A . 
C 3 HOH 130 330 130 HOH HOH A . 
C 3 HOH 131 331 131 HOH HOH A . 
C 3 HOH 132 332 132 HOH HOH A . 
C 3 HOH 133 333 133 HOH HOH A . 
C 3 HOH 134 334 134 HOH HOH A . 
C 3 HOH 135 335 135 HOH HOH A . 
C 3 HOH 136 336 136 HOH HOH A . 
C 3 HOH 137 337 137 HOH HOH A . 
C 3 HOH 138 338 138 HOH HOH A . 
C 3 HOH 139 339 139 HOH HOH A . 
C 3 HOH 140 340 140 HOH HOH A . 
C 3 HOH 141 341 141 HOH HOH A . 
C 3 HOH 142 342 142 HOH HOH A . 
C 3 HOH 143 343 143 HOH HOH A . 
C 3 HOH 144 344 144 HOH HOH A . 
C 3 HOH 145 345 145 HOH HOH A . 
C 3 HOH 146 346 146 HOH HOH A . 
C 3 HOH 147 347 147 HOH HOH A . 
C 3 HOH 148 348 148 HOH HOH A . 
C 3 HOH 149 349 149 HOH HOH A . 
C 3 HOH 150 350 150 HOH HOH A . 
C 3 HOH 151 351 151 HOH HOH A . 
C 3 HOH 152 352 152 HOH HOH A . 
C 3 HOH 153 353 153 HOH HOH A . 
C 3 HOH 154 354 154 HOH HOH A . 
C 3 HOH 155 355 155 HOH HOH A . 
C 3 HOH 156 356 156 HOH HOH A . 
C 3 HOH 157 357 157 HOH HOH A . 
C 3 HOH 158 358 158 HOH HOH A . 
C 3 HOH 159 359 159 HOH HOH A . 
C 3 HOH 160 360 160 HOH HOH A . 
C 3 HOH 161 361 161 HOH HOH A . 
C 3 HOH 162 362 162 HOH HOH A . 
C 3 HOH 163 363 163 HOH HOH A . 
C 3 HOH 164 364 164 HOH HOH A . 
C 3 HOH 165 365 165 HOH HOH A . 
C 3 HOH 166 366 166 HOH HOH A . 
C 3 HOH 167 367 167 HOH HOH A . 
# 
loop_
_software.name 
_software.classification 
_software.version 
_software.citation_id 
_software.pdbx_ordinal 
DENZO     'data reduction' .   ? 1 
SCALEPACK 'data scaling'   .   ? 2 
MLPHARE   phasing          .   ? 3 
X-PLOR    refinement       3.1 ? 4 
# 
_cell.entry_id           1RIE 
_cell.length_a           32.100 
_cell.length_b           53.000 
_cell.length_c           38.000 
_cell.angle_alpha        90.00 
_cell.angle_beta         100.30 
_cell.angle_gamma        90.00 
_cell.Z_PDB              2 
_cell.pdbx_unique_axis   ? 
# 
_symmetry.entry_id                         1RIE 
_symmetry.space_group_name_H-M             'P 1 21 1' 
_symmetry.pdbx_full_space_group_name_H-M   ? 
_symmetry.cell_setting                     ? 
_symmetry.Int_Tables_number                4 
# 
_exptl.entry_id          1RIE 
_exptl.method            'X-RAY DIFFRACTION' 
_exptl.crystals_number   1 
# 
_exptl_crystal.id                    1 
_exptl_crystal.density_meas          ? 
_exptl_crystal.density_Matthews      2.20 
_exptl_crystal.density_percent_sol   41. 
_exptl_crystal.description           ? 
# 
_exptl_crystal_grow.crystal_id      1 
_exptl_crystal_grow.method          ? 
_exptl_crystal_grow.temp            ? 
_exptl_crystal_grow.temp_details    ? 
_exptl_crystal_grow.pH              6.0 
_exptl_crystal_grow.pdbx_pH_range   ? 
_exptl_crystal_grow.pdbx_details    'pH 6.0' 
# 
_diffrn.id                     1 
_diffrn.ambient_temp           100 
_diffrn.ambient_temp_details   ? 
_diffrn.crystal_id             1 
# 
_diffrn_detector.diffrn_id              1 
_diffrn_detector.detector               'IMAGE PLATE' 
_diffrn_detector.type                   FUJI 
_diffrn_detector.pdbx_collection_date   1995-05-10 
_diffrn_detector.details                ? 
# 
_diffrn_radiation.diffrn_id                        1 
_diffrn_radiation.wavelength_id                    1 
_diffrn_radiation.pdbx_monochromatic_or_laue_m_l   M 
_diffrn_radiation.monochromator                    'SI(111)' 
_diffrn_radiation.pdbx_diffrn_protocol             ? 
_diffrn_radiation.pdbx_scattering_type             x-ray 
# 
_diffrn_radiation_wavelength.id           1 
_diffrn_radiation_wavelength.wavelength   1.0 
_diffrn_radiation_wavelength.wt           1.0 
# 
_diffrn_source.diffrn_id                   1 
_diffrn_source.source                      SYNCHROTRON 
_diffrn_source.type                        'PHOTON FACTORY BEAMLINE BL-6A' 
_diffrn_source.pdbx_synchrotron_site       'Photon Factory' 
_diffrn_source.pdbx_synchrotron_beamline   BL-6A 
_diffrn_source.pdbx_wavelength             1.0 
_diffrn_source.pdbx_wavelength_list        ? 
# 
_reflns.entry_id                     1RIE 
_reflns.observed_criterion_sigma_I   -3.0 
_reflns.observed_criterion_sigma_F   ? 
_reflns.d_resolution_low             40.0 
_reflns.d_resolution_high            1.5 
_reflns.number_obs                   18058 
_reflns.number_all                   ? 
_reflns.percent_possible_obs         89.4 
_reflns.pdbx_Rmerge_I_obs            0.051 
_reflns.pdbx_Rsym_value              ? 
_reflns.pdbx_netI_over_sigmaI        28.6 
_reflns.B_iso_Wilson_estimate        ? 
_reflns.pdbx_redundancy              3.52 
_reflns.pdbx_diffrn_id               1 
_reflns.pdbx_ordinal                 1 
# 
_reflns_shell.d_res_high             1.50 
_reflns_shell.d_res_low              1.53 
_reflns_shell.percent_possible_all   68.0 
_reflns_shell.Rmerge_I_obs           0.27 
_reflns_shell.pdbx_Rsym_value        ? 
_reflns_shell.meanI_over_sigI_obs    5.5 
_reflns_shell.pdbx_redundancy        ? 
_reflns_shell.pdbx_diffrn_id         ? 
_reflns_shell.pdbx_ordinal           1 
# 
_refine.entry_id                                 1RIE 
_refine.ls_number_reflns_obs                     15165 
_refine.ls_number_reflns_all                     ? 
_refine.pdbx_ls_sigma_I                          ? 
_refine.pdbx_ls_sigma_F                          2.0 
_refine.pdbx_data_cutoff_high_absF               ? 
_refine.pdbx_data_cutoff_low_absF                ? 
_refine.pdbx_data_cutoff_high_rms_absF           ? 
_refine.ls_d_res_low                             10.0 
_refine.ls_d_res_high                            1.5 
_refine.ls_percent_reflns_obs                    75.6 
_refine.ls_R_factor_obs                          0.187 
_refine.ls_R_factor_all                          ? 
_refine.ls_R_factor_R_work                       0.187 
_refine.ls_R_factor_R_free                       0.211 
_refine.ls_R_factor_R_free_error                 ? 
_refine.ls_R_factor_R_free_error_details         ? 
_refine.ls_percent_reflns_R_free                 5.0 
_refine.ls_number_reflns_R_free                  ? 
_refine.ls_number_parameters                     ? 
_refine.ls_number_restraints                     ? 
_refine.occupancy_min                            ? 
_refine.occupancy_max                            ? 
_refine.B_iso_mean                               9.21 
_refine.aniso_B[1][1]                            ? 
_refine.aniso_B[2][2]                            ? 
_refine.aniso_B[3][3]                            ? 
_refine.aniso_B[1][2]                            ? 
_refine.aniso_B[1][3]                            ? 
_refine.aniso_B[2][3]                            ? 
_refine.solvent_model_details                    ? 
_refine.solvent_model_param_ksol                 ? 
_refine.solvent_model_param_bsol                 ? 
_refine.pdbx_ls_cross_valid_method               ? 
_refine.details                                  ? 
_refine.pdbx_starting_model                      ? 
_refine.pdbx_method_to_determine_struct          MAD 
_refine.pdbx_isotropic_thermal_model             ? 
_refine.pdbx_stereochemistry_target_values       ? 
_refine.pdbx_stereochem_target_val_spec_case     ? 
_refine.pdbx_R_Free_selection_details            ? 
_refine.pdbx_overall_ESU_R                       ? 
_refine.pdbx_overall_ESU_R_Free                  ? 
_refine.overall_SU_ML                            ? 
_refine.overall_SU_B                             ? 
_refine.pdbx_refine_id                           'X-RAY DIFFRACTION' 
_refine.pdbx_diffrn_id                           1 
_refine.pdbx_TLS_residual_ADP_flag               ? 
_refine.correlation_coeff_Fo_to_Fc               ? 
_refine.correlation_coeff_Fo_to_Fc_free          ? 
_refine.pdbx_solvent_vdw_probe_radii             ? 
_refine.pdbx_solvent_ion_probe_radii             ? 
_refine.pdbx_solvent_shrinkage_radii             ? 
_refine.pdbx_overall_phase_error                 ? 
_refine.overall_SU_R_Cruickshank_DPI             ? 
_refine.pdbx_overall_SU_R_free_Cruickshank_DPI   ? 
_refine.pdbx_overall_SU_R_Blow_DPI               ? 
_refine.pdbx_overall_SU_R_free_Blow_DPI          ? 
# 
_refine_analyze.entry_id                        1RIE 
_refine_analyze.Luzzati_coordinate_error_obs    ? 
_refine_analyze.Luzzati_sigma_a_obs             0.16 
_refine_analyze.Luzzati_d_res_low_obs           ? 
_refine_analyze.Luzzati_coordinate_error_free   ? 
_refine_analyze.Luzzati_sigma_a_free            ? 
_refine_analyze.Luzzati_d_res_low_free          ? 
_refine_analyze.number_disordered_residues      ? 
_refine_analyze.occupancy_sum_hydrogen          ? 
_refine_analyze.occupancy_sum_non_hydrogen      ? 
_refine_analyze.pdbx_refine_id                  'X-RAY DIFFRACTION' 
# 
_refine_hist.pdbx_refine_id                   'X-RAY DIFFRACTION' 
_refine_hist.cycle_id                         LAST 
_refine_hist.pdbx_number_atoms_protein        1169 
_refine_hist.pdbx_number_atoms_nucleic_acid   0 
_refine_hist.pdbx_number_atoms_ligand         4 
_refine_hist.number_atoms_solvent             167 
_refine_hist.number_atoms_total               1340 
_refine_hist.d_res_high                       1.5 
_refine_hist.d_res_low                        10.0 
# 
loop_
_refine_ls_restr.type 
_refine_ls_restr.dev_ideal 
_refine_ls_restr.dev_ideal_target 
_refine_ls_restr.weight 
_refine_ls_restr.number 
_refine_ls_restr.pdbx_refine_id 
_refine_ls_restr.pdbx_restraint_function 
x_bond_d                0.009 ? ? ? 'X-RAY DIFFRACTION' ? 
x_bond_d_na             ?     ? ? ? 'X-RAY DIFFRACTION' ? 
x_bond_d_prot           ?     ? ? ? 'X-RAY DIFFRACTION' ? 
x_angle_d               ?     ? ? ? 'X-RAY DIFFRACTION' ? 
x_angle_d_na            ?     ? ? ? 'X-RAY DIFFRACTION' ? 
x_angle_d_prot          ?     ? ? ? 'X-RAY DIFFRACTION' ? 
x_angle_deg             1.5   ? ? ? 'X-RAY DIFFRACTION' ? 
x_angle_deg_na          ?     ? ? ? 'X-RAY DIFFRACTION' ? 
x_angle_deg_prot        ?     ? ? ? 'X-RAY DIFFRACTION' ? 
x_dihedral_angle_d      27.0  ? ? ? 'X-RAY DIFFRACTION' ? 
x_dihedral_angle_d_na   ?     ? ? ? 'X-RAY DIFFRACTION' ? 
x_dihedral_angle_d_prot ?     ? ? ? 'X-RAY DIFFRACTION' ? 
x_improper_angle_d      1.4   ? ? ? 'X-RAY DIFFRACTION' ? 
x_improper_angle_d_na   ?     ? ? ? 'X-RAY DIFFRACTION' ? 
x_improper_angle_d_prot ?     ? ? ? 'X-RAY DIFFRACTION' ? 
x_mcbond_it             2.324 ? ? ? 'X-RAY DIFFRACTION' ? 
x_mcangle_it            2.949 ? ? ? 'X-RAY DIFFRACTION' ? 
x_scbond_it             2.553 ? ? ? 'X-RAY DIFFRACTION' ? 
x_scangle_it            3.188 ? ? ? 'X-RAY DIFFRACTION' ? 
# 
_struct.entry_id                  1RIE 
_struct.title                     
'STRUCTURE OF A WATER SOLUBLE FRAGMENT OF THE RIESKE IRON-SULFUR PROTEIN OF THE BOVINE HEART MITOCHONDRIAL CYTOCHROME BC1-COMPLEX' 
_struct.pdbx_model_details        ? 
_struct.pdbx_CASP_flag            ? 
_struct.pdbx_model_type_details   ? 
# 
_struct_keywords.entry_id        1RIE 
_struct_keywords.pdbx_keywords   'ELECTRON TRANSPORT' 
_struct_keywords.text            
'OXIDOREDUCTASE, CYTOCHROME BC1 COMPLEX, HISTIDINE LIGANDS, RIESKE IRON-SULFUR CLUSTER, ELECTRON TRANSPORT' 
# 
loop_
_struct_asym.id 
_struct_asym.pdbx_blank_PDB_chainid_flag 
_struct_asym.pdbx_modified 
_struct_asym.entity_id 
_struct_asym.details 
A N N 1 ? 
B N N 2 ? 
C N N 3 ? 
# 
_struct_ref.id                         1 
_struct_ref.db_name                    UNP 
_struct_ref.db_code                    UCRI_BOVIN 
_struct_ref.entity_id                  1 
_struct_ref.pdbx_db_accession          P13272 
_struct_ref.pdbx_align_begin           1 
_struct_ref.pdbx_seq_one_letter_code   
;MLSVAARSGPFAPVLSATSRGVAGALRPLVQAAVPATSESPVLDLKRSVLCRESLRGQAAGRPLVASVSLNVPASVRYSH
TDIKVPDFSDYRRPEVLDSTKSSKESSEARKGFSYLVTATTTVGVAYAAKNVVSQFVSSMSASADVLAMSKIEIKLSDIP
EGKNMAFKWRGKPLFVRHRTKKEIDQEAAVEVSQLRDPQHDLERVKKPEWVILIGVCTHLGCVPIANAGDFGGYYCPCHG
SHYDASGRIRKGPAPLNLEVPSYEFTSDDMVIVG
;
_struct_ref.pdbx_db_isoform            ? 
# 
_struct_ref_seq.align_id                      1 
_struct_ref_seq.ref_id                        1 
_struct_ref_seq.pdbx_PDB_id_code              1RIE 
_struct_ref_seq.pdbx_strand_id                A 
_struct_ref_seq.seq_align_beg                 1 
_struct_ref_seq.pdbx_seq_align_beg_ins_code   ? 
_struct_ref_seq.seq_align_end                 129 
_struct_ref_seq.pdbx_seq_align_end_ins_code   ? 
_struct_ref_seq.pdbx_db_accession             P13272 
_struct_ref_seq.db_align_beg                  146 
_struct_ref_seq.pdbx_db_align_beg_ins_code    ? 
_struct_ref_seq.db_align_end                  274 
_struct_ref_seq.pdbx_db_align_end_ins_code    ? 
_struct_ref_seq.pdbx_auth_seq_align_beg       68 
_struct_ref_seq.pdbx_auth_seq_align_end       196 
# 
_pdbx_struct_assembly.id                   1 
_pdbx_struct_assembly.details              author_defined_assembly 
_pdbx_struct_assembly.method_details       ? 
_pdbx_struct_assembly.oligomeric_details   monomeric 
_pdbx_struct_assembly.oligomeric_count     1 
# 
_pdbx_struct_assembly_gen.assembly_id       1 
_pdbx_struct_assembly_gen.oper_expression   1 
_pdbx_struct_assembly_gen.asym_id_list      A,B,C 
# 
_pdbx_struct_oper_list.id                   1 
_pdbx_struct_oper_list.type                 'identity operation' 
_pdbx_struct_oper_list.name                 1_555 
_pdbx_struct_oper_list.symmetry_operation   x,y,z 
_pdbx_struct_oper_list.matrix[1][1]         1.0000000000 
_pdbx_struct_oper_list.matrix[1][2]         0.0000000000 
_pdbx_struct_oper_list.matrix[1][3]         0.0000000000 
_pdbx_struct_oper_list.vector[1]            0.0000000000 
_pdbx_struct_oper_list.matrix[2][1]         0.0000000000 
_pdbx_struct_oper_list.matrix[2][2]         1.0000000000 
_pdbx_struct_oper_list.matrix[2][3]         0.0000000000 
_pdbx_struct_oper_list.vector[2]            0.0000000000 
_pdbx_struct_oper_list.matrix[3][1]         0.0000000000 
_pdbx_struct_oper_list.matrix[3][2]         0.0000000000 
_pdbx_struct_oper_list.matrix[3][3]         1.0000000000 
_pdbx_struct_oper_list.vector[3]            0.0000000000 
# 
_struct_biol.id   1 
# 
_struct_conf.conf_type_id            HELX_P 
_struct_conf.id                      HELX_P1 
_struct_conf.pdbx_PDB_helix_id       A1 
_struct_conf.beg_label_comp_id       THR 
_struct_conf.beg_label_asym_id       A 
_struct_conf.beg_label_seq_id        35 
_struct_conf.pdbx_beg_PDB_ins_code   ? 
_struct_conf.end_label_comp_id       ALA 
_struct_conf.end_label_asym_id       A 
_struct_conf.end_label_seq_id        44 
_struct_conf.pdbx_end_PDB_ins_code   ? 
_struct_conf.beg_auth_comp_id        THR 
_struct_conf.beg_auth_asym_id        A 
_struct_conf.beg_auth_seq_id         102 
_struct_conf.end_auth_comp_id        ALA 
_struct_conf.end_auth_asym_id        A 
_struct_conf.end_auth_seq_id         111 
_struct_conf.pdbx_PDB_helix_class    1 
_struct_conf.details                 ? 
_struct_conf.pdbx_PDB_helix_length   10 
# 
_struct_conf_type.id          HELX_P 
_struct_conf_type.criteria    ? 
_struct_conf_type.reference   ? 
# 
loop_
_struct_conn.id 
_struct_conn.conn_type_id 
_struct_conn.pdbx_leaving_atom_flag 
_struct_conn.pdbx_PDB_id 
_struct_conn.ptnr1_label_asym_id 
_struct_conn.ptnr1_label_comp_id 
_struct_conn.ptnr1_label_seq_id 
_struct_conn.ptnr1_label_atom_id 
_struct_conn.pdbx_ptnr1_label_alt_id 
_struct_conn.pdbx_ptnr1_PDB_ins_code 
_struct_conn.pdbx_ptnr1_standard_comp_id 
_struct_conn.ptnr1_symmetry 
_struct_conn.ptnr2_label_asym_id 
_struct_conn.ptnr2_label_comp_id 
_struct_conn.ptnr2_label_seq_id 
_struct_conn.ptnr2_label_atom_id 
_struct_conn.pdbx_ptnr2_label_alt_id 
_struct_conn.pdbx_ptnr2_PDB_ins_code 
_struct_conn.ptnr1_auth_asym_id 
_struct_conn.ptnr1_auth_comp_id 
_struct_conn.ptnr1_auth_seq_id 
_struct_conn.ptnr2_auth_asym_id 
_struct_conn.ptnr2_auth_comp_id 
_struct_conn.ptnr2_auth_seq_id 
_struct_conn.ptnr2_symmetry 
_struct_conn.pdbx_ptnr3_label_atom_id 
_struct_conn.pdbx_ptnr3_label_seq_id 
_struct_conn.pdbx_ptnr3_label_comp_id 
_struct_conn.pdbx_ptnr3_label_asym_id 
_struct_conn.pdbx_ptnr3_label_alt_id 
_struct_conn.pdbx_ptnr3_PDB_ins_code 
_struct_conn.details 
_struct_conn.pdbx_dist_value 
_struct_conn.pdbx_value_order 
_struct_conn.pdbx_role 
disulf1 disulf ? ? A CYS 77 SG  ? ? ? 1_555 A CYS 93 SG  ? ? A CYS 144 A CYS 160 1_555 ? ? ? ? ? ? ? 2.030 ? ? 
metalc1 metalc ? ? A CYS 72 SG  ? ? ? 1_555 B FES .  FE1 ? ? A CYS 139 A FES 200 1_555 ? ? ? ? ? ? ? 2.293 ? ? 
metalc2 metalc ? ? A HIS 74 ND1 ? ? ? 1_555 B FES .  FE2 ? ? A HIS 141 A FES 200 1_555 ? ? ? ? ? ? ? 2.155 ? ? 
metalc3 metalc ? ? A CYS 91 SG  ? ? ? 1_555 B FES .  FE1 ? ? A CYS 158 A FES 200 1_555 ? ? ? ? ? ? ? 2.218 ? ? 
metalc4 metalc ? ? A HIS 94 ND1 ? ? ? 1_555 B FES .  FE2 ? ? A HIS 161 A FES 200 1_555 ? ? ? ? ? ? ? 2.133 ? ? 
# 
loop_
_struct_conn_type.id 
_struct_conn_type.criteria 
_struct_conn_type.reference 
disulf ? ? 
metalc ? ? 
# 
loop_
_pdbx_struct_conn_angle.id 
_pdbx_struct_conn_angle.ptnr1_label_atom_id 
_pdbx_struct_conn_angle.ptnr1_label_alt_id 
_pdbx_struct_conn_angle.ptnr1_label_asym_id 
_pdbx_struct_conn_angle.ptnr1_label_comp_id 
_pdbx_struct_conn_angle.ptnr1_label_seq_id 
_pdbx_struct_conn_angle.ptnr1_auth_atom_id 
_pdbx_struct_conn_angle.ptnr1_auth_asym_id 
_pdbx_struct_conn_angle.ptnr1_auth_comp_id 
_pdbx_struct_conn_angle.ptnr1_auth_seq_id 
_pdbx_struct_conn_angle.ptnr1_PDB_ins_code 
_pdbx_struct_conn_angle.ptnr1_symmetry 
_pdbx_struct_conn_angle.ptnr2_label_atom_id 
_pdbx_struct_conn_angle.ptnr2_label_alt_id 
_pdbx_struct_conn_angle.ptnr2_label_asym_id 
_pdbx_struct_conn_angle.ptnr2_label_comp_id 
_pdbx_struct_conn_angle.ptnr2_label_seq_id 
_pdbx_struct_conn_angle.ptnr2_auth_atom_id 
_pdbx_struct_conn_angle.ptnr2_auth_asym_id 
_pdbx_struct_conn_angle.ptnr2_auth_comp_id 
_pdbx_struct_conn_angle.ptnr2_auth_seq_id 
_pdbx_struct_conn_angle.ptnr2_PDB_ins_code 
_pdbx_struct_conn_angle.ptnr2_symmetry 
_pdbx_struct_conn_angle.ptnr3_label_atom_id 
_pdbx_struct_conn_angle.ptnr3_label_alt_id 
_pdbx_struct_conn_angle.ptnr3_label_asym_id 
_pdbx_struct_conn_angle.ptnr3_label_comp_id 
_pdbx_struct_conn_angle.ptnr3_label_seq_id 
_pdbx_struct_conn_angle.ptnr3_auth_atom_id 
_pdbx_struct_conn_angle.ptnr3_auth_asym_id 
_pdbx_struct_conn_angle.ptnr3_auth_comp_id 
_pdbx_struct_conn_angle.ptnr3_auth_seq_id 
_pdbx_struct_conn_angle.ptnr3_PDB_ins_code 
_pdbx_struct_conn_angle.ptnr3_symmetry 
_pdbx_struct_conn_angle.value 
_pdbx_struct_conn_angle.value_esd 
1  SG  ? A CYS 72 ? A CYS 139 ? 1_555 FE1 ? B FES . ? A FES 200 ? 1_555 S1  ? B FES .  ? A FES 200 ? 1_555 109.3 ? 
2  SG  ? A CYS 72 ? A CYS 139 ? 1_555 FE1 ? B FES . ? A FES 200 ? 1_555 S2  ? B FES .  ? A FES 200 ? 1_555 108.1 ? 
3  S1  ? B FES .  ? A FES 200 ? 1_555 FE1 ? B FES . ? A FES 200 ? 1_555 S2  ? B FES .  ? A FES 200 ? 1_555 105.6 ? 
4  SG  ? A CYS 72 ? A CYS 139 ? 1_555 FE1 ? B FES . ? A FES 200 ? 1_555 SG  ? A CYS 91 ? A CYS 158 ? 1_555 105.6 ? 
5  S1  ? B FES .  ? A FES 200 ? 1_555 FE1 ? B FES . ? A FES 200 ? 1_555 SG  ? A CYS 91 ? A CYS 158 ? 1_555 113.7 ? 
6  S2  ? B FES .  ? A FES 200 ? 1_555 FE1 ? B FES . ? A FES 200 ? 1_555 SG  ? A CYS 91 ? A CYS 158 ? 1_555 114.4 ? 
7  ND1 ? A HIS 74 ? A HIS 141 ? 1_555 FE2 ? B FES . ? A FES 200 ? 1_555 S1  ? B FES .  ? A FES 200 ? 1_555 108.6 ? 
8  ND1 ? A HIS 74 ? A HIS 141 ? 1_555 FE2 ? B FES . ? A FES 200 ? 1_555 S2  ? B FES .  ? A FES 200 ? 1_555 116.7 ? 
9  S1  ? B FES .  ? A FES 200 ? 1_555 FE2 ? B FES . ? A FES 200 ? 1_555 S2  ? B FES .  ? A FES 200 ? 1_555 105.6 ? 
10 ND1 ? A HIS 74 ? A HIS 141 ? 1_555 FE2 ? B FES . ? A FES 200 ? 1_555 ND1 ? A HIS 94 ? A HIS 161 ? 1_555 90.8  ? 
11 S1  ? B FES .  ? A FES 200 ? 1_555 FE2 ? B FES . ? A FES 200 ? 1_555 ND1 ? A HIS 94 ? A HIS 161 ? 1_555 122.3 ? 
12 S2  ? B FES .  ? A FES 200 ? 1_555 FE2 ? B FES . ? A FES 200 ? 1_555 ND1 ? A HIS 94 ? A HIS 161 ? 1_555 112.8 ? 
# 
_pdbx_modification_feature.ordinal                            1 
_pdbx_modification_feature.label_comp_id                      CYS 
_pdbx_modification_feature.label_asym_id                      A 
_pdbx_modification_feature.label_seq_id                       77 
_pdbx_modification_feature.label_alt_id                       ? 
_pdbx_modification_feature.modified_residue_label_comp_id     CYS 
_pdbx_modification_feature.modified_residue_label_asym_id     A 
_pdbx_modification_feature.modified_residue_label_seq_id      93 
_pdbx_modification_feature.modified_residue_label_alt_id      ? 
_pdbx_modification_feature.auth_comp_id                       CYS 
_pdbx_modification_feature.auth_asym_id                       A 
_pdbx_modification_feature.auth_seq_id                        144 
_pdbx_modification_feature.PDB_ins_code                       ? 
_pdbx_modification_feature.symmetry                           1_555 
_pdbx_modification_feature.modified_residue_auth_comp_id      CYS 
_pdbx_modification_feature.modified_residue_auth_asym_id      A 
_pdbx_modification_feature.modified_residue_auth_seq_id       160 
_pdbx_modification_feature.modified_residue_PDB_ins_code      ? 
_pdbx_modification_feature.modified_residue_symmetry          1_555 
_pdbx_modification_feature.comp_id_linking_atom               SG 
_pdbx_modification_feature.modified_residue_id_linking_atom   SG 
_pdbx_modification_feature.modified_residue_id                . 
_pdbx_modification_feature.ref_pcm_id                         . 
_pdbx_modification_feature.ref_comp_id                        . 
_pdbx_modification_feature.type                               None 
_pdbx_modification_feature.category                           'Disulfide bridge' 
# 
loop_
_struct_sheet.id 
_struct_sheet.type 
_struct_sheet.number_strands 
_struct_sheet.details 
S1 ? 3 ? 
S2 ? 3 ? 
S3 ? 4 ? 
# 
loop_
_struct_sheet_order.sheet_id 
_struct_sheet_order.range_id_1 
_struct_sheet_order.range_id_2 
_struct_sheet_order.offset 
_struct_sheet_order.sense 
S1 1 2 ? anti-parallel 
S1 2 3 ? anti-parallel 
S2 1 2 ? anti-parallel 
S2 2 3 ? anti-parallel 
S3 1 2 ? anti-parallel 
S3 2 3 ? anti-parallel 
S3 3 4 ? anti-parallel 
# 
loop_
_struct_sheet_range.sheet_id 
_struct_sheet_range.id 
_struct_sheet_range.beg_label_comp_id 
_struct_sheet_range.beg_label_asym_id 
_struct_sheet_range.beg_label_seq_id 
_struct_sheet_range.pdbx_beg_PDB_ins_code 
_struct_sheet_range.end_label_comp_id 
_struct_sheet_range.end_label_asym_id 
_struct_sheet_range.end_label_seq_id 
_struct_sheet_range.pdbx_end_PDB_ins_code 
_struct_sheet_range.beg_auth_comp_id 
_struct_sheet_range.beg_auth_asym_id 
_struct_sheet_range.beg_auth_seq_id 
_struct_sheet_range.end_auth_comp_id 
_struct_sheet_range.end_auth_asym_id 
_struct_sheet_range.end_auth_seq_id 
S1 1 ILE A 7   ? LEU A 11  ? ILE A 74  LEU A 78  
S1 2 ASP A 124 ? GLY A 129 ? ASP A 191 GLY A 196 
S1 3 SER A 117 ? THR A 121 ? SER A 184 THR A 188 
S2 1 LYS A 18  ? TRP A 24  ? LYS A 85  TRP A 91  
S2 2 LYS A 27  ? ARG A 34  ? LYS A 94  ARG A 101 
S2 3 GLU A 64  ? VAL A 71  ? GLU A 131 VAL A 138 
S3 1 ILE A 80  ? ASN A 82  ? ILE A 147 ASN A 149 
S3 2 GLY A 88  ? CYS A 91  ? GLY A 155 CYS A 158 
S3 3 SER A 96  ? ASP A 99  ? SER A 163 ASP A 166 
S3 4 GLY A 102 ? LYS A 106 ? GLY A 169 LYS A 173 
# 
loop_
_pdbx_struct_sheet_hbond.sheet_id 
_pdbx_struct_sheet_hbond.range_id_1 
_pdbx_struct_sheet_hbond.range_id_2 
_pdbx_struct_sheet_hbond.range_1_label_atom_id 
_pdbx_struct_sheet_hbond.range_1_label_comp_id 
_pdbx_struct_sheet_hbond.range_1_label_asym_id 
_pdbx_struct_sheet_hbond.range_1_label_seq_id 
_pdbx_struct_sheet_hbond.range_1_PDB_ins_code 
_pdbx_struct_sheet_hbond.range_1_auth_atom_id 
_pdbx_struct_sheet_hbond.range_1_auth_comp_id 
_pdbx_struct_sheet_hbond.range_1_auth_asym_id 
_pdbx_struct_sheet_hbond.range_1_auth_seq_id 
_pdbx_struct_sheet_hbond.range_2_label_atom_id 
_pdbx_struct_sheet_hbond.range_2_label_comp_id 
_pdbx_struct_sheet_hbond.range_2_label_asym_id 
_pdbx_struct_sheet_hbond.range_2_label_seq_id 
_pdbx_struct_sheet_hbond.range_2_PDB_ins_code 
_pdbx_struct_sheet_hbond.range_2_auth_atom_id 
_pdbx_struct_sheet_hbond.range_2_auth_comp_id 
_pdbx_struct_sheet_hbond.range_2_auth_asym_id 
_pdbx_struct_sheet_hbond.range_2_auth_seq_id 
S1 1 2 N LEU A 11  ? N LEU A 78  O ASP A 124 ? O ASP A 191 
S1 2 3 O GLY A 129 ? O GLY A 196 N SER A 117 ? N SER A 184 
S2 1 2 N TRP A 24  ? N TRP A 91  O LYS A 27  ? O LYS A 94  
S2 2 3 N ARG A 34  ? N ARG A 101 O GLU A 64  ? O GLU A 131 
S3 1 2 N ILE A 80  ? N ILE A 147 O GLY A 88  ? O GLY A 155 
S3 2 3 N CYS A 91  ? N CYS A 158 O SER A 96  ? O SER A 163 
S3 3 4 O ASP A 99  ? O ASP A 166 N GLY A 102 ? N GLY A 169 
# 
loop_
_struct_site.id 
_struct_site.pdbx_evidence_code 
_struct_site.pdbx_auth_asym_id 
_struct_site.pdbx_auth_comp_id 
_struct_site.pdbx_auth_seq_id 
_struct_site.pdbx_auth_ins_code 
_struct_site.pdbx_num_residues 
_struct_site.details 
IRO Unknown  ? ?   ?   ? 4 'FE2/S2 SITE.'                       
AC1 Software A FES 200 ? 7 'BINDING SITE FOR RESIDUE FES A 200' 
# 
loop_
_struct_site_gen.id 
_struct_site_gen.site_id 
_struct_site_gen.pdbx_num_res 
_struct_site_gen.label_comp_id 
_struct_site_gen.label_asym_id 
_struct_site_gen.label_seq_id 
_struct_site_gen.pdbx_auth_ins_code 
_struct_site_gen.auth_comp_id 
_struct_site_gen.auth_asym_id 
_struct_site_gen.auth_seq_id 
_struct_site_gen.label_atom_id 
_struct_site_gen.label_alt_id 
_struct_site_gen.symmetry 
_struct_site_gen.details 
1  IRO 4 CYS A 72 ? CYS A 139 . ? 1_555 ? 
2  IRO 4 CYS A 91 ? CYS A 158 . ? 1_555 ? 
3  IRO 4 HIS A 74 ? HIS A 141 . ? 1_555 ? 
4  IRO 4 HIS A 94 ? HIS A 161 . ? 1_555 ? 
5  AC1 7 CYS A 72 ? CYS A 139 . ? 1_555 ? 
6  AC1 7 HIS A 74 ? HIS A 141 . ? 1_555 ? 
7  AC1 7 LEU A 75 ? LEU A 142 . ? 1_555 ? 
8  AC1 7 CYS A 77 ? CYS A 144 . ? 1_555 ? 
9  AC1 7 CYS A 91 ? CYS A 158 . ? 1_555 ? 
10 AC1 7 HIS A 94 ? HIS A 161 . ? 1_555 ? 
11 AC1 7 SER A 96 ? SER A 163 . ? 1_555 ? 
# 
_pdbx_entry_details.entry_id                   1RIE 
_pdbx_entry_details.compound_details           ? 
_pdbx_entry_details.source_details             ? 
_pdbx_entry_details.nonpolymer_details         ? 
_pdbx_entry_details.sequence_details           ? 
_pdbx_entry_details.has_ligand_of_interest     ? 
_pdbx_entry_details.has_protein_modification   Y 
# 
_pdbx_validate_torsion.id              1 
_pdbx_validate_torsion.PDB_model_num   1 
_pdbx_validate_torsion.auth_comp_id    HIS 
_pdbx_validate_torsion.auth_asym_id    A 
_pdbx_validate_torsion.auth_seq_id     141 
_pdbx_validate_torsion.PDB_ins_code    ? 
_pdbx_validate_torsion.label_alt_id    ? 
_pdbx_validate_torsion.phi             -73.95 
_pdbx_validate_torsion.psi             -74.59 
# 
loop_
_pdbx_unobs_or_zero_occ_residues.id 
_pdbx_unobs_or_zero_occ_residues.PDB_model_num 
_pdbx_unobs_or_zero_occ_residues.polymer_flag 
_pdbx_unobs_or_zero_occ_residues.occupancy_flag 
_pdbx_unobs_or_zero_occ_residues.auth_asym_id 
_pdbx_unobs_or_zero_occ_residues.auth_comp_id 
_pdbx_unobs_or_zero_occ_residues.auth_seq_id 
_pdbx_unobs_or_zero_occ_residues.PDB_ins_code 
_pdbx_unobs_or_zero_occ_residues.label_asym_id 
_pdbx_unobs_or_zero_occ_residues.label_comp_id 
_pdbx_unobs_or_zero_occ_residues.label_seq_id 
1 1 Y 1 A VAL 68 ? A VAL 1 
2 1 Y 1 A LEU 69 ? A LEU 2 
# 
loop_
_chem_comp_atom.comp_id 
_chem_comp_atom.atom_id 
_chem_comp_atom.type_symbol 
_chem_comp_atom.pdbx_aromatic_flag 
_chem_comp_atom.pdbx_stereo_config 
_chem_comp_atom.pdbx_ordinal 
ALA N    N  N N 1   
ALA CA   C  N S 2   
ALA C    C  N N 3   
ALA O    O  N N 4   
ALA CB   C  N N 5   
ALA OXT  O  N N 6   
ALA H    H  N N 7   
ALA H2   H  N N 8   
ALA HA   H  N N 9   
ALA HB1  H  N N 10  
ALA HB2  H  N N 11  
ALA HB3  H  N N 12  
ALA HXT  H  N N 13  
ARG N    N  N N 14  
ARG CA   C  N S 15  
ARG C    C  N N 16  
ARG O    O  N N 17  
ARG CB   C  N N 18  
ARG CG   C  N N 19  
ARG CD   C  N N 20  
ARG NE   N  N N 21  
ARG CZ   C  N N 22  
ARG NH1  N  N N 23  
ARG NH2  N  N N 24  
ARG OXT  O  N N 25  
ARG H    H  N N 26  
ARG H2   H  N N 27  
ARG HA   H  N N 28  
ARG HB2  H  N N 29  
ARG HB3  H  N N 30  
ARG HG2  H  N N 31  
ARG HG3  H  N N 32  
ARG HD2  H  N N 33  
ARG HD3  H  N N 34  
ARG HE   H  N N 35  
ARG HH11 H  N N 36  
ARG HH12 H  N N 37  
ARG HH21 H  N N 38  
ARG HH22 H  N N 39  
ARG HXT  H  N N 40  
ASN N    N  N N 41  
ASN CA   C  N S 42  
ASN C    C  N N 43  
ASN O    O  N N 44  
ASN CB   C  N N 45  
ASN CG   C  N N 46  
ASN OD1  O  N N 47  
ASN ND2  N  N N 48  
ASN OXT  O  N N 49  
ASN H    H  N N 50  
ASN H2   H  N N 51  
ASN HA   H  N N 52  
ASN HB2  H  N N 53  
ASN HB3  H  N N 54  
ASN HD21 H  N N 55  
ASN HD22 H  N N 56  
ASN HXT  H  N N 57  
ASP N    N  N N 58  
ASP CA   C  N S 59  
ASP C    C  N N 60  
ASP O    O  N N 61  
ASP CB   C  N N 62  
ASP CG   C  N N 63  
ASP OD1  O  N N 64  
ASP OD2  O  N N 65  
ASP OXT  O  N N 66  
ASP H    H  N N 67  
ASP H2   H  N N 68  
ASP HA   H  N N 69  
ASP HB2  H  N N 70  
ASP HB3  H  N N 71  
ASP HD2  H  N N 72  
ASP HXT  H  N N 73  
CYS N    N  N N 74  
CYS CA   C  N R 75  
CYS C    C  N N 76  
CYS O    O  N N 77  
CYS CB   C  N N 78  
CYS SG   S  N N 79  
CYS OXT  O  N N 80  
CYS H    H  N N 81  
CYS H2   H  N N 82  
CYS HA   H  N N 83  
CYS HB2  H  N N 84  
CYS HB3  H  N N 85  
CYS HG   H  N N 86  
CYS HXT  H  N N 87  
FES FE1  FE N N 88  
FES FE2  FE N N 89  
FES S1   S  N N 90  
FES S2   S  N N 91  
GLN N    N  N N 92  
GLN CA   C  N S 93  
GLN C    C  N N 94  
GLN O    O  N N 95  
GLN CB   C  N N 96  
GLN CG   C  N N 97  
GLN CD   C  N N 98  
GLN OE1  O  N N 99  
GLN NE2  N  N N 100 
GLN OXT  O  N N 101 
GLN H    H  N N 102 
GLN H2   H  N N 103 
GLN HA   H  N N 104 
GLN HB2  H  N N 105 
GLN HB3  H  N N 106 
GLN HG2  H  N N 107 
GLN HG3  H  N N 108 
GLN HE21 H  N N 109 
GLN HE22 H  N N 110 
GLN HXT  H  N N 111 
GLU N    N  N N 112 
GLU CA   C  N S 113 
GLU C    C  N N 114 
GLU O    O  N N 115 
GLU CB   C  N N 116 
GLU CG   C  N N 117 
GLU CD   C  N N 118 
GLU OE1  O  N N 119 
GLU OE2  O  N N 120 
GLU OXT  O  N N 121 
GLU H    H  N N 122 
GLU H2   H  N N 123 
GLU HA   H  N N 124 
GLU HB2  H  N N 125 
GLU HB3  H  N N 126 
GLU HG2  H  N N 127 
GLU HG3  H  N N 128 
GLU HE2  H  N N 129 
GLU HXT  H  N N 130 
GLY N    N  N N 131 
GLY CA   C  N N 132 
GLY C    C  N N 133 
GLY O    O  N N 134 
GLY OXT  O  N N 135 
GLY H    H  N N 136 
GLY H2   H  N N 137 
GLY HA2  H  N N 138 
GLY HA3  H  N N 139 
GLY HXT  H  N N 140 
HIS N    N  N N 141 
HIS CA   C  N S 142 
HIS C    C  N N 143 
HIS O    O  N N 144 
HIS CB   C  N N 145 
HIS CG   C  Y N 146 
HIS ND1  N  Y N 147 
HIS CD2  C  Y N 148 
HIS CE1  C  Y N 149 
HIS NE2  N  Y N 150 
HIS OXT  O  N N 151 
HIS H    H  N N 152 
HIS H2   H  N N 153 
HIS HA   H  N N 154 
HIS HB2  H  N N 155 
HIS HB3  H  N N 156 
HIS HD1  H  N N 157 
HIS HD2  H  N N 158 
HIS HE1  H  N N 159 
HIS HE2  H  N N 160 
HIS HXT  H  N N 161 
HOH O    O  N N 162 
HOH H1   H  N N 163 
HOH H2   H  N N 164 
ILE N    N  N N 165 
ILE CA   C  N S 166 
ILE C    C  N N 167 
ILE O    O  N N 168 
ILE CB   C  N S 169 
ILE CG1  C  N N 170 
ILE CG2  C  N N 171 
ILE CD1  C  N N 172 
ILE OXT  O  N N 173 
ILE H    H  N N 174 
ILE H2   H  N N 175 
ILE HA   H  N N 176 
ILE HB   H  N N 177 
ILE HG12 H  N N 178 
ILE HG13 H  N N 179 
ILE HG21 H  N N 180 
ILE HG22 H  N N 181 
ILE HG23 H  N N 182 
ILE HD11 H  N N 183 
ILE HD12 H  N N 184 
ILE HD13 H  N N 185 
ILE HXT  H  N N 186 
LEU N    N  N N 187 
LEU CA   C  N S 188 
LEU C    C  N N 189 
LEU O    O  N N 190 
LEU CB   C  N N 191 
LEU CG   C  N N 192 
LEU CD1  C  N N 193 
LEU CD2  C  N N 194 
LEU OXT  O  N N 195 
LEU H    H  N N 196 
LEU H2   H  N N 197 
LEU HA   H  N N 198 
LEU HB2  H  N N 199 
LEU HB3  H  N N 200 
LEU HG   H  N N 201 
LEU HD11 H  N N 202 
LEU HD12 H  N N 203 
LEU HD13 H  N N 204 
LEU HD21 H  N N 205 
LEU HD22 H  N N 206 
LEU HD23 H  N N 207 
LEU HXT  H  N N 208 
LYS N    N  N N 209 
LYS CA   C  N S 210 
LYS C    C  N N 211 
LYS O    O  N N 212 
LYS CB   C  N N 213 
LYS CG   C  N N 214 
LYS CD   C  N N 215 
LYS CE   C  N N 216 
LYS NZ   N  N N 217 
LYS OXT  O  N N 218 
LYS H    H  N N 219 
LYS H2   H  N N 220 
LYS HA   H  N N 221 
LYS HB2  H  N N 222 
LYS HB3  H  N N 223 
LYS HG2  H  N N 224 
LYS HG3  H  N N 225 
LYS HD2  H  N N 226 
LYS HD3  H  N N 227 
LYS HE2  H  N N 228 
LYS HE3  H  N N 229 
LYS HZ1  H  N N 230 
LYS HZ2  H  N N 231 
LYS HZ3  H  N N 232 
LYS HXT  H  N N 233 
MET N    N  N N 234 
MET CA   C  N S 235 
MET C    C  N N 236 
MET O    O  N N 237 
MET CB   C  N N 238 
MET CG   C  N N 239 
MET SD   S  N N 240 
MET CE   C  N N 241 
MET OXT  O  N N 242 
MET H    H  N N 243 
MET H2   H  N N 244 
MET HA   H  N N 245 
MET HB2  H  N N 246 
MET HB3  H  N N 247 
MET HG2  H  N N 248 
MET HG3  H  N N 249 
MET HE1  H  N N 250 
MET HE2  H  N N 251 
MET HE3  H  N N 252 
MET HXT  H  N N 253 
PHE N    N  N N 254 
PHE CA   C  N S 255 
PHE C    C  N N 256 
PHE O    O  N N 257 
PHE CB   C  N N 258 
PHE CG   C  Y N 259 
PHE CD1  C  Y N 260 
PHE CD2  C  Y N 261 
PHE CE1  C  Y N 262 
PHE CE2  C  Y N 263 
PHE CZ   C  Y N 264 
PHE OXT  O  N N 265 
PHE H    H  N N 266 
PHE H2   H  N N 267 
PHE HA   H  N N 268 
PHE HB2  H  N N 269 
PHE HB3  H  N N 270 
PHE HD1  H  N N 271 
PHE HD2  H  N N 272 
PHE HE1  H  N N 273 
PHE HE2  H  N N 274 
PHE HZ   H  N N 275 
PHE HXT  H  N N 276 
PRO N    N  N N 277 
PRO CA   C  N S 278 
PRO C    C  N N 279 
PRO O    O  N N 280 
PRO CB   C  N N 281 
PRO CG   C  N N 282 
PRO CD   C  N N 283 
PRO OXT  O  N N 284 
PRO H    H  N N 285 
PRO HA   H  N N 286 
PRO HB2  H  N N 287 
PRO HB3  H  N N 288 
PRO HG2  H  N N 289 
PRO HG3  H  N N 290 
PRO HD2  H  N N 291 
PRO HD3  H  N N 292 
PRO HXT  H  N N 293 
SER N    N  N N 294 
SER CA   C  N S 295 
SER C    C  N N 296 
SER O    O  N N 297 
SER CB   C  N N 298 
SER OG   O  N N 299 
SER OXT  O  N N 300 
SER H    H  N N 301 
SER H2   H  N N 302 
SER HA   H  N N 303 
SER HB2  H  N N 304 
SER HB3  H  N N 305 
SER HG   H  N N 306 
SER HXT  H  N N 307 
THR N    N  N N 308 
THR CA   C  N S 309 
THR C    C  N N 310 
THR O    O  N N 311 
THR CB   C  N R 312 
THR OG1  O  N N 313 
THR CG2  C  N N 314 
THR OXT  O  N N 315 
THR H    H  N N 316 
THR H2   H  N N 317 
THR HA   H  N N 318 
THR HB   H  N N 319 
THR HG1  H  N N 320 
THR HG21 H  N N 321 
THR HG22 H  N N 322 
THR HG23 H  N N 323 
THR HXT  H  N N 324 
TRP N    N  N N 325 
TRP CA   C  N S 326 
TRP C    C  N N 327 
TRP O    O  N N 328 
TRP CB   C  N N 329 
TRP CG   C  Y N 330 
TRP CD1  C  Y N 331 
TRP CD2  C  Y N 332 
TRP NE1  N  Y N 333 
TRP CE2  C  Y N 334 
TRP CE3  C  Y N 335 
TRP CZ2  C  Y N 336 
TRP CZ3  C  Y N 337 
TRP CH2  C  Y N 338 
TRP OXT  O  N N 339 
TRP H    H  N N 340 
TRP H2   H  N N 341 
TRP HA   H  N N 342 
TRP HB2  H  N N 343 
TRP HB3  H  N N 344 
TRP HD1  H  N N 345 
TRP HE1  H  N N 346 
TRP HE3  H  N N 347 
TRP HZ2  H  N N 348 
TRP HZ3  H  N N 349 
TRP HH2  H  N N 350 
TRP HXT  H  N N 351 
TYR N    N  N N 352 
TYR CA   C  N S 353 
TYR C    C  N N 354 
TYR O    O  N N 355 
TYR CB   C  N N 356 
TYR CG   C  Y N 357 
TYR CD1  C  Y N 358 
TYR CD2  C  Y N 359 
TYR CE1  C  Y N 360 
TYR CE2  C  Y N 361 
TYR CZ   C  Y N 362 
TYR OH   O  N N 363 
TYR OXT  O  N N 364 
TYR H    H  N N 365 
TYR H2   H  N N 366 
TYR HA   H  N N 367 
TYR HB2  H  N N 368 
TYR HB3  H  N N 369 
TYR HD1  H  N N 370 
TYR HD2  H  N N 371 
TYR HE1  H  N N 372 
TYR HE2  H  N N 373 
TYR HH   H  N N 374 
TYR HXT  H  N N 375 
VAL N    N  N N 376 
VAL CA   C  N S 377 
VAL C    C  N N 378 
VAL O    O  N N 379 
VAL CB   C  N N 380 
VAL CG1  C  N N 381 
VAL CG2  C  N N 382 
VAL OXT  O  N N 383 
VAL H    H  N N 384 
VAL H2   H  N N 385 
VAL HA   H  N N 386 
VAL HB   H  N N 387 
VAL HG11 H  N N 388 
VAL HG12 H  N N 389 
VAL HG13 H  N N 390 
VAL HG21 H  N N 391 
VAL HG22 H  N N 392 
VAL HG23 H  N N 393 
VAL HXT  H  N N 394 
# 
loop_
_chem_comp_bond.comp_id 
_chem_comp_bond.atom_id_1 
_chem_comp_bond.atom_id_2 
_chem_comp_bond.value_order 
_chem_comp_bond.pdbx_aromatic_flag 
_chem_comp_bond.pdbx_stereo_config 
_chem_comp_bond.pdbx_ordinal 
ALA N   CA   sing N N 1   
ALA N   H    sing N N 2   
ALA N   H2   sing N N 3   
ALA CA  C    sing N N 4   
ALA CA  CB   sing N N 5   
ALA CA  HA   sing N N 6   
ALA C   O    doub N N 7   
ALA C   OXT  sing N N 8   
ALA CB  HB1  sing N N 9   
ALA CB  HB2  sing N N 10  
ALA CB  HB3  sing N N 11  
ALA OXT HXT  sing N N 12  
ARG N   CA   sing N N 13  
ARG N   H    sing N N 14  
ARG N   H2   sing N N 15  
ARG CA  C    sing N N 16  
ARG CA  CB   sing N N 17  
ARG CA  HA   sing N N 18  
ARG C   O    doub N N 19  
ARG C   OXT  sing N N 20  
ARG CB  CG   sing N N 21  
ARG CB  HB2  sing N N 22  
ARG CB  HB3  sing N N 23  
ARG CG  CD   sing N N 24  
ARG CG  HG2  sing N N 25  
ARG CG  HG3  sing N N 26  
ARG CD  NE   sing N N 27  
ARG CD  HD2  sing N N 28  
ARG CD  HD3  sing N N 29  
ARG NE  CZ   sing N N 30  
ARG NE  HE   sing N N 31  
ARG CZ  NH1  sing N N 32  
ARG CZ  NH2  doub N N 33  
ARG NH1 HH11 sing N N 34  
ARG NH1 HH12 sing N N 35  
ARG NH2 HH21 sing N N 36  
ARG NH2 HH22 sing N N 37  
ARG OXT HXT  sing N N 38  
ASN N   CA   sing N N 39  
ASN N   H    sing N N 40  
ASN N   H2   sing N N 41  
ASN CA  C    sing N N 42  
ASN CA  CB   sing N N 43  
ASN CA  HA   sing N N 44  
ASN C   O    doub N N 45  
ASN C   OXT  sing N N 46  
ASN CB  CG   sing N N 47  
ASN CB  HB2  sing N N 48  
ASN CB  HB3  sing N N 49  
ASN CG  OD1  doub N N 50  
ASN CG  ND2  sing N N 51  
ASN ND2 HD21 sing N N 52  
ASN ND2 HD22 sing N N 53  
ASN OXT HXT  sing N N 54  
ASP N   CA   sing N N 55  
ASP N   H    sing N N 56  
ASP N   H2   sing N N 57  
ASP CA  C    sing N N 58  
ASP CA  CB   sing N N 59  
ASP CA  HA   sing N N 60  
ASP C   O    doub N N 61  
ASP C   OXT  sing N N 62  
ASP CB  CG   sing N N 63  
ASP CB  HB2  sing N N 64  
ASP CB  HB3  sing N N 65  
ASP CG  OD1  doub N N 66  
ASP CG  OD2  sing N N 67  
ASP OD2 HD2  sing N N 68  
ASP OXT HXT  sing N N 69  
CYS N   CA   sing N N 70  
CYS N   H    sing N N 71  
CYS N   H2   sing N N 72  
CYS CA  C    sing N N 73  
CYS CA  CB   sing N N 74  
CYS CA  HA   sing N N 75  
CYS C   O    doub N N 76  
CYS C   OXT  sing N N 77  
CYS CB  SG   sing N N 78  
CYS CB  HB2  sing N N 79  
CYS CB  HB3  sing N N 80  
CYS SG  HG   sing N N 81  
CYS OXT HXT  sing N N 82  
FES FE1 S1   sing N N 83  
FES FE1 S2   sing N N 84  
FES FE2 S1   sing N N 85  
FES FE2 S2   sing N N 86  
GLN N   CA   sing N N 87  
GLN N   H    sing N N 88  
GLN N   H2   sing N N 89  
GLN CA  C    sing N N 90  
GLN CA  CB   sing N N 91  
GLN CA  HA   sing N N 92  
GLN C   O    doub N N 93  
GLN C   OXT  sing N N 94  
GLN CB  CG   sing N N 95  
GLN CB  HB2  sing N N 96  
GLN CB  HB3  sing N N 97  
GLN CG  CD   sing N N 98  
GLN CG  HG2  sing N N 99  
GLN CG  HG3  sing N N 100 
GLN CD  OE1  doub N N 101 
GLN CD  NE2  sing N N 102 
GLN NE2 HE21 sing N N 103 
GLN NE2 HE22 sing N N 104 
GLN OXT HXT  sing N N 105 
GLU N   CA   sing N N 106 
GLU N   H    sing N N 107 
GLU N   H2   sing N N 108 
GLU CA  C    sing N N 109 
GLU CA  CB   sing N N 110 
GLU CA  HA   sing N N 111 
GLU C   O    doub N N 112 
GLU C   OXT  sing N N 113 
GLU CB  CG   sing N N 114 
GLU CB  HB2  sing N N 115 
GLU CB  HB3  sing N N 116 
GLU CG  CD   sing N N 117 
GLU CG  HG2  sing N N 118 
GLU CG  HG3  sing N N 119 
GLU CD  OE1  doub N N 120 
GLU CD  OE2  sing N N 121 
GLU OE2 HE2  sing N N 122 
GLU OXT HXT  sing N N 123 
GLY N   CA   sing N N 124 
GLY N   H    sing N N 125 
GLY N   H2   sing N N 126 
GLY CA  C    sing N N 127 
GLY CA  HA2  sing N N 128 
GLY CA  HA3  sing N N 129 
GLY C   O    doub N N 130 
GLY C   OXT  sing N N 131 
GLY OXT HXT  sing N N 132 
HIS N   CA   sing N N 133 
HIS N   H    sing N N 134 
HIS N   H2   sing N N 135 
HIS CA  C    sing N N 136 
HIS CA  CB   sing N N 137 
HIS CA  HA   sing N N 138 
HIS C   O    doub N N 139 
HIS C   OXT  sing N N 140 
HIS CB  CG   sing N N 141 
HIS CB  HB2  sing N N 142 
HIS CB  HB3  sing N N 143 
HIS CG  ND1  sing Y N 144 
HIS CG  CD2  doub Y N 145 
HIS ND1 CE1  doub Y N 146 
HIS ND1 HD1  sing N N 147 
HIS CD2 NE2  sing Y N 148 
HIS CD2 HD2  sing N N 149 
HIS CE1 NE2  sing Y N 150 
HIS CE1 HE1  sing N N 151 
HIS NE2 HE2  sing N N 152 
HIS OXT HXT  sing N N 153 
HOH O   H1   sing N N 154 
HOH O   H2   sing N N 155 
ILE N   CA   sing N N 156 
ILE N   H    sing N N 157 
ILE N   H2   sing N N 158 
ILE CA  C    sing N N 159 
ILE CA  CB   sing N N 160 
ILE CA  HA   sing N N 161 
ILE C   O    doub N N 162 
ILE C   OXT  sing N N 163 
ILE CB  CG1  sing N N 164 
ILE CB  CG2  sing N N 165 
ILE CB  HB   sing N N 166 
ILE CG1 CD1  sing N N 167 
ILE CG1 HG12 sing N N 168 
ILE CG1 HG13 sing N N 169 
ILE CG2 HG21 sing N N 170 
ILE CG2 HG22 sing N N 171 
ILE CG2 HG23 sing N N 172 
ILE CD1 HD11 sing N N 173 
ILE CD1 HD12 sing N N 174 
ILE CD1 HD13 sing N N 175 
ILE OXT HXT  sing N N 176 
LEU N   CA   sing N N 177 
LEU N   H    sing N N 178 
LEU N   H2   sing N N 179 
LEU CA  C    sing N N 180 
LEU CA  CB   sing N N 181 
LEU CA  HA   sing N N 182 
LEU C   O    doub N N 183 
LEU C   OXT  sing N N 184 
LEU CB  CG   sing N N 185 
LEU CB  HB2  sing N N 186 
LEU CB  HB3  sing N N 187 
LEU CG  CD1  sing N N 188 
LEU CG  CD2  sing N N 189 
LEU CG  HG   sing N N 190 
LEU CD1 HD11 sing N N 191 
LEU CD1 HD12 sing N N 192 
LEU CD1 HD13 sing N N 193 
LEU CD2 HD21 sing N N 194 
LEU CD2 HD22 sing N N 195 
LEU CD2 HD23 sing N N 196 
LEU OXT HXT  sing N N 197 
LYS N   CA   sing N N 198 
LYS N   H    sing N N 199 
LYS N   H2   sing N N 200 
LYS CA  C    sing N N 201 
LYS CA  CB   sing N N 202 
LYS CA  HA   sing N N 203 
LYS C   O    doub N N 204 
LYS C   OXT  sing N N 205 
LYS CB  CG   sing N N 206 
LYS CB  HB2  sing N N 207 
LYS CB  HB3  sing N N 208 
LYS CG  CD   sing N N 209 
LYS CG  HG2  sing N N 210 
LYS CG  HG3  sing N N 211 
LYS CD  CE   sing N N 212 
LYS CD  HD2  sing N N 213 
LYS CD  HD3  sing N N 214 
LYS CE  NZ   sing N N 215 
LYS CE  HE2  sing N N 216 
LYS CE  HE3  sing N N 217 
LYS NZ  HZ1  sing N N 218 
LYS NZ  HZ2  sing N N 219 
LYS NZ  HZ3  sing N N 220 
LYS OXT HXT  sing N N 221 
MET N   CA   sing N N 222 
MET N   H    sing N N 223 
MET N   H2   sing N N 224 
MET CA  C    sing N N 225 
MET CA  CB   sing N N 226 
MET CA  HA   sing N N 227 
MET C   O    doub N N 228 
MET C   OXT  sing N N 229 
MET CB  CG   sing N N 230 
MET CB  HB2  sing N N 231 
MET CB  HB3  sing N N 232 
MET CG  SD   sing N N 233 
MET CG  HG2  sing N N 234 
MET CG  HG3  sing N N 235 
MET SD  CE   sing N N 236 
MET CE  HE1  sing N N 237 
MET CE  HE2  sing N N 238 
MET CE  HE3  sing N N 239 
MET OXT HXT  sing N N 240 
PHE N   CA   sing N N 241 
PHE N   H    sing N N 242 
PHE N   H2   sing N N 243 
PHE CA  C    sing N N 244 
PHE CA  CB   sing N N 245 
PHE CA  HA   sing N N 246 
PHE C   O    doub N N 247 
PHE C   OXT  sing N N 248 
PHE CB  CG   sing N N 249 
PHE CB  HB2  sing N N 250 
PHE CB  HB3  sing N N 251 
PHE CG  CD1  doub Y N 252 
PHE CG  CD2  sing Y N 253 
PHE CD1 CE1  sing Y N 254 
PHE CD1 HD1  sing N N 255 
PHE CD2 CE2  doub Y N 256 
PHE CD2 HD2  sing N N 257 
PHE CE1 CZ   doub Y N 258 
PHE CE1 HE1  sing N N 259 
PHE CE2 CZ   sing Y N 260 
PHE CE2 HE2  sing N N 261 
PHE CZ  HZ   sing N N 262 
PHE OXT HXT  sing N N 263 
PRO N   CA   sing N N 264 
PRO N   CD   sing N N 265 
PRO N   H    sing N N 266 
PRO CA  C    sing N N 267 
PRO CA  CB   sing N N 268 
PRO CA  HA   sing N N 269 
PRO C   O    doub N N 270 
PRO C   OXT  sing N N 271 
PRO CB  CG   sing N N 272 
PRO CB  HB2  sing N N 273 
PRO CB  HB3  sing N N 274 
PRO CG  CD   sing N N 275 
PRO CG  HG2  sing N N 276 
PRO CG  HG3  sing N N 277 
PRO CD  HD2  sing N N 278 
PRO CD  HD3  sing N N 279 
PRO OXT HXT  sing N N 280 
SER N   CA   sing N N 281 
SER N   H    sing N N 282 
SER N   H2   sing N N 283 
SER CA  C    sing N N 284 
SER CA  CB   sing N N 285 
SER CA  HA   sing N N 286 
SER C   O    doub N N 287 
SER C   OXT  sing N N 288 
SER CB  OG   sing N N 289 
SER CB  HB2  sing N N 290 
SER CB  HB3  sing N N 291 
SER OG  HG   sing N N 292 
SER OXT HXT  sing N N 293 
THR N   CA   sing N N 294 
THR N   H    sing N N 295 
THR N   H2   sing N N 296 
THR CA  C    sing N N 297 
THR CA  CB   sing N N 298 
THR CA  HA   sing N N 299 
THR C   O    doub N N 300 
THR C   OXT  sing N N 301 
THR CB  OG1  sing N N 302 
THR CB  CG2  sing N N 303 
THR CB  HB   sing N N 304 
THR OG1 HG1  sing N N 305 
THR CG2 HG21 sing N N 306 
THR CG2 HG22 sing N N 307 
THR CG2 HG23 sing N N 308 
THR OXT HXT  sing N N 309 
TRP N   CA   sing N N 310 
TRP N   H    sing N N 311 
TRP N   H2   sing N N 312 
TRP CA  C    sing N N 313 
TRP CA  CB   sing N N 314 
TRP CA  HA   sing N N 315 
TRP C   O    doub N N 316 
TRP C   OXT  sing N N 317 
TRP CB  CG   sing N N 318 
TRP CB  HB2  sing N N 319 
TRP CB  HB3  sing N N 320 
TRP CG  CD1  doub Y N 321 
TRP CG  CD2  sing Y N 322 
TRP CD1 NE1  sing Y N 323 
TRP CD1 HD1  sing N N 324 
TRP CD2 CE2  doub Y N 325 
TRP CD2 CE3  sing Y N 326 
TRP NE1 CE2  sing Y N 327 
TRP NE1 HE1  sing N N 328 
TRP CE2 CZ2  sing Y N 329 
TRP CE3 CZ3  doub Y N 330 
TRP CE3 HE3  sing N N 331 
TRP CZ2 CH2  doub Y N 332 
TRP CZ2 HZ2  sing N N 333 
TRP CZ3 CH2  sing Y N 334 
TRP CZ3 HZ3  sing N N 335 
TRP CH2 HH2  sing N N 336 
TRP OXT HXT  sing N N 337 
TYR N   CA   sing N N 338 
TYR N   H    sing N N 339 
TYR N   H2   sing N N 340 
TYR CA  C    sing N N 341 
TYR CA  CB   sing N N 342 
TYR CA  HA   sing N N 343 
TYR C   O    doub N N 344 
TYR C   OXT  sing N N 345 
TYR CB  CG   sing N N 346 
TYR CB  HB2  sing N N 347 
TYR CB  HB3  sing N N 348 
TYR CG  CD1  doub Y N 349 
TYR CG  CD2  sing Y N 350 
TYR CD1 CE1  sing Y N 351 
TYR CD1 HD1  sing N N 352 
TYR CD2 CE2  doub Y N 353 
TYR CD2 HD2  sing N N 354 
TYR CE1 CZ   doub Y N 355 
TYR CE1 HE1  sing N N 356 
TYR CE2 CZ   sing Y N 357 
TYR CE2 HE2  sing N N 358 
TYR CZ  OH   sing N N 359 
TYR OH  HH   sing N N 360 
TYR OXT HXT  sing N N 361 
VAL N   CA   sing N N 362 
VAL N   H    sing N N 363 
VAL N   H2   sing N N 364 
VAL CA  C    sing N N 365 
VAL CA  CB   sing N N 366 
VAL CA  HA   sing N N 367 
VAL C   O    doub N N 368 
VAL C   OXT  sing N N 369 
VAL CB  CG1  sing N N 370 
VAL CB  CG2  sing N N 371 
VAL CB  HB   sing N N 372 
VAL CG1 HG11 sing N N 373 
VAL CG1 HG12 sing N N 374 
VAL CG1 HG13 sing N N 375 
VAL CG2 HG21 sing N N 376 
VAL CG2 HG22 sing N N 377 
VAL CG2 HG23 sing N N 378 
VAL OXT HXT  sing N N 379 
# 
_atom_sites.entry_id                    1RIE 
_atom_sites.fract_transf_matrix[1][1]   0.02193680 
_atom_sites.fract_transf_matrix[1][2]   0.00004310 
_atom_sites.fract_transf_matrix[1][3]   -0.02283268 
_atom_sites.fract_transf_matrix[2][1]   -0.01294812 
_atom_sites.fract_transf_matrix[2][2]   -0.00577240 
_atom_sites.fract_transf_matrix[2][3]   -0.01245098 
_atom_sites.fract_transf_matrix[3][1]   -0.00251624 
_atom_sites.fract_transf_matrix[3][2]   0.02506072 
_atom_sites.fract_transf_matrix[3][3]   -0.00900170 
_atom_sites.fract_transf_vector[1]      0.598703 
_atom_sites.fract_transf_vector[2]      0.237964 
_atom_sites.fract_transf_vector[3]      0.241149 
# 
loop_
_atom_type.symbol 
C  
FE 
N  
O  
S  
# 
loop_
_atom_site.group_PDB 
_atom_site.id 
_atom_site.type_symbol 
_atom_site.label_atom_id 
_atom_site.label_alt_id 
_atom_site.label_comp_id 
_atom_site.label_asym_id 
_atom_site.label_entity_id 
_atom_site.label_seq_id 
_atom_site.pdbx_PDB_ins_code 
_atom_site.Cartn_x 
_atom_site.Cartn_y 
_atom_site.Cartn_z 
_atom_site.occupancy 
_atom_site.B_iso_or_equiv 
_atom_site.pdbx_formal_charge 
_atom_site.auth_seq_id 
_atom_site.auth_comp_id 
_atom_site.auth_asym_id 
_atom_site.auth_atom_id 
_atom_site.pdbx_PDB_model_num 
ATOM   1    N  N   . ALA A 1 3   ? -17.414 16.745  -5.119  1.00 31.51 ? 70  ALA A N   1 
ATOM   2    C  CA  . ALA A 1 3   ? -17.055 15.299  -5.131  1.00 31.25 ? 70  ALA A CA  1 
ATOM   3    C  C   . ALA A 1 3   ? -15.840 15.078  -4.252  1.00 31.50 ? 70  ALA A C   1 
ATOM   4    O  O   . ALA A 1 3   ? -14.725 15.456  -4.626  1.00 31.70 ? 70  ALA A O   1 
ATOM   5    C  CB  . ALA A 1 3   ? -16.761 14.867  -6.531  1.00 31.34 ? 70  ALA A CB  1 
ATOM   6    N  N   . MET A 1 4   ? -16.075 14.506  -3.070  1.00 31.16 ? 71  MET A N   1 
ATOM   7    C  CA  . MET A 1 4   ? -15.027 14.248  -2.085  1.00 30.76 ? 71  MET A CA  1 
ATOM   8    C  C   . MET A 1 4   ? -15.035 12.795  -1.589  1.00 29.34 ? 71  MET A C   1 
ATOM   9    O  O   . MET A 1 4   ? -14.093 12.358  -0.927  1.00 29.76 ? 71  MET A O   1 
ATOM   10   C  CB  . MET A 1 4   ? -15.178 15.211  -0.894  1.00 32.22 ? 71  MET A CB  1 
ATOM   11   C  CG  . MET A 1 4   ? -14.768 16.659  -1.189  1.00 34.31 ? 71  MET A CG  1 
ATOM   12   S  SD  . MET A 1 4   ? -15.376 17.882  0.083   1.00 37.77 ? 71  MET A SD  1 
ATOM   13   C  CE  . MET A 1 4   ? -15.931 19.241  -1.000  1.00 36.14 ? 71  MET A CE  1 
ATOM   14   N  N   . SER A 1 5   ? -16.108 12.061  -1.891  1.00 27.37 ? 72  SER A N   1 
ATOM   15   C  CA  . SER A 1 5   ? -16.214 10.663  -1.477  1.00 25.11 ? 72  SER A CA  1 
ATOM   16   C  C   . SER A 1 5   ? -15.356 9.763   -2.373  1.00 23.06 ? 72  SER A C   1 
ATOM   17   O  O   . SER A 1 5   ? -14.902 8.703   -1.941  1.00 23.16 ? 72  SER A O   1 
ATOM   18   C  CB  . SER A 1 5   ? -17.678 10.221  -1.480  1.00 25.61 ? 72  SER A CB  1 
ATOM   19   O  OG  . SER A 1 5   ? -17.834 8.862   -1.106  1.00 26.80 ? 72  SER A OG  1 
ATOM   20   N  N   . LYS A 1 6   ? -15.177 10.187  -3.624  1.00 20.53 ? 73  LYS A N   1 
ATOM   21   C  CA  . LYS A 1 6   ? -14.351 9.458   -4.580  1.00 17.90 ? 73  LYS A CA  1 
ATOM   22   C  C   . LYS A 1 6   ? -13.239 10.374  -5.082  1.00 15.96 ? 73  LYS A C   1 
ATOM   23   O  O   . LYS A 1 6   ? -13.453 11.573  -5.242  1.00 15.64 ? 73  LYS A O   1 
ATOM   24   C  CB  . LYS A 1 6   ? -15.175 8.967   -5.775  1.00 18.63 ? 73  LYS A CB  1 
ATOM   25   C  CG  . LYS A 1 6   ? -16.225 7.923   -5.441  1.00 19.27 ? 73  LYS A CG  1 
ATOM   26   C  CD  . LYS A 1 6   ? -16.833 7.330   -6.709  1.00 19.78 ? 73  LYS A CD  1 
ATOM   27   C  CE  . LYS A 1 6   ? -17.830 6.237   -6.348  1.00 20.36 ? 73  LYS A CE  1 
ATOM   28   N  NZ  . LYS A 1 6   ? -17.815 5.115   -7.361  1.00 20.84 ? 73  LYS A NZ  1 
ATOM   29   N  N   . ILE A 1 7   ? -12.047 9.814   -5.266  1.00 13.16 ? 74  ILE A N   1 
ATOM   30   C  CA  . ILE A 1 7   ? -10.909 10.584  -5.769  1.00 10.85 ? 74  ILE A CA  1 
ATOM   31   C  C   . ILE A 1 7   ? -10.383 9.940   -7.055  1.00 9.40  ? 74  ILE A C   1 
ATOM   32   O  O   . ILE A 1 7   ? -10.340 8.712   -7.180  1.00 8.52  ? 74  ILE A O   1 
ATOM   33   C  CB  . ILE A 1 7   ? -9.795  10.732  -4.682  1.00 10.67 ? 74  ILE A CB  1 
ATOM   34   C  CG1 . ILE A 1 7   ? -8.671  11.653  -5.168  1.00 10.14 ? 74  ILE A CG1 1 
ATOM   35   C  CG2 . ILE A 1 7   ? -9.276  9.358   -4.244  1.00 10.61 ? 74  ILE A CG2 1 
ATOM   36   C  CD1 . ILE A 1 7   ? -7.730  12.110  -4.048  1.00 10.10 ? 74  ILE A CD1 1 
ATOM   37   N  N   . GLU A 1 8   ? -10.076 10.772  -8.041  1.00 7.69  ? 75  GLU A N   1 
ATOM   38   C  CA  . GLU A 1 8   ? -9.596  10.318  -9.336  1.00 6.93  ? 75  GLU A CA  1 
ATOM   39   C  C   . GLU A 1 8   ? -8.147  10.736  -9.501  1.00 7.27  ? 75  GLU A C   1 
ATOM   40   O  O   . GLU A 1 8   ? -7.815  11.925  -9.472  1.00 7.46  ? 75  GLU A O   1 
ATOM   41   C  CB  . GLU A 1 8   ? -10.507 10.864  -10.435 1.00 6.22  ? 75  GLU A CB  1 
ATOM   42   C  CG  . GLU A 1 8   ? -11.979 10.539  -10.104 1.00 6.01  ? 75  GLU A CG  1 
ATOM   43   C  CD  . GLU A 1 8   ? -12.951 10.756  -11.249 1.00 6.02  ? 75  GLU A CD  1 
ATOM   44   O  OE1 . GLU A 1 8   ? -12.552 10.662  -12.426 1.00 6.60  ? 75  GLU A OE1 1 
ATOM   45   O  OE2 . GLU A 1 8   ? -14.136 10.992  -10.955 1.00 5.57  ? 75  GLU A OE2 1 
ATOM   46   N  N   . ILE A 1 9   ? -7.283  9.737   -9.618  1.00 6.82  ? 76  ILE A N   1 
ATOM   47   C  CA  . ILE A 1 9   ? -5.846  9.950   -9.694  1.00 7.18  ? 76  ILE A CA  1 
ATOM   48   C  C   . ILE A 1 9   ? -5.205  9.609   -11.037 1.00 7.44  ? 76  ILE A C   1 
ATOM   49   O  O   . ILE A 1 9   ? -5.433  8.526   -11.582 1.00 7.22  ? 76  ILE A O   1 
ATOM   50   C  CB  . ILE A 1 9   ? -5.192  9.149   -8.537  1.00 6.76  ? 76  ILE A CB  1 
ATOM   51   C  CG1 . ILE A 1 9   ? -5.626  9.786   -7.209  1.00 6.67  ? 76  ILE A CG1 1 
ATOM   52   C  CG2 . ILE A 1 9   ? -3.676  9.072   -8.696  1.00 6.53  ? 76  ILE A CG2 1 
ATOM   53   C  CD1 . ILE A 1 9   ? -5.664  8.861   -6.014  1.00 6.71  ? 76  ILE A CD1 1 
ATOM   54   N  N   . LYS A 1 10  ? -4.420  10.551  -11.565 1.00 8.09  ? 77  LYS A N   1 
ATOM   55   C  CA  . LYS A 1 10  ? -3.709  10.366  -12.835 1.00 9.35  ? 77  LYS A CA  1 
ATOM   56   C  C   . LYS A 1 10  ? -2.399  9.606   -12.592 1.00 9.60  ? 77  LYS A C   1 
ATOM   57   O  O   . LYS A 1 10  ? -1.449  10.123  -12.006 1.00 9.15  ? 77  LYS A O   1 
ATOM   58   C  CB  . LYS A 1 10  ? -3.438  11.719  -13.488 1.00 10.79 ? 77  LYS A CB  1 
ATOM   59   C  CG  . LYS A 1 10  ? -2.760  11.639  -14.833 1.00 12.46 ? 77  LYS A CG  1 
ATOM   60   C  CD  . LYS A 1 10  ? -2.661  13.034  -15.405 1.00 14.70 ? 77  LYS A CD  1 
ATOM   61   C  CE  . LYS A 1 10  ? -1.956  13.060  -16.744 1.00 15.39 ? 77  LYS A CE  1 
ATOM   62   N  NZ  . LYS A 1 10  ? -1.762  14.485  -17.196 1.00 17.38 ? 77  LYS A NZ  1 
ATOM   63   N  N   . LEU A 1 11  ? -2.369  8.377   -13.081 1.00 10.02 ? 78  LEU A N   1 
ATOM   64   C  CA  . LEU A 1 11  ? -1.257  7.445   -12.906 1.00 10.97 ? 78  LEU A CA  1 
ATOM   65   C  C   . LEU A 1 11  ? 0.084   7.878   -13.508 1.00 11.72 ? 78  LEU A C   1 
ATOM   66   O  O   . LEU A 1 11  ? 1.146   7.659   -12.898 1.00 11.87 ? 78  LEU A O   1 
ATOM   67   C  CB  . LEU A 1 11  ? -1.671  6.066   -13.434 1.00 10.65 ? 78  LEU A CB  1 
ATOM   68   C  CG  . LEU A 1 11  ? -2.955  5.510   -12.804 1.00 10.98 ? 78  LEU A CG  1 
ATOM   69   C  CD1 . LEU A 1 11  ? -3.432  4.285   -13.568 1.00 10.88 ? 78  LEU A CD1 1 
ATOM   70   C  CD2 . LEU A 1 11  ? -2.742  5.178   -11.339 1.00 10.90 ? 78  LEU A CD2 1 
ATOM   71   N  N   . SER A 1 12  ? 0.056   8.489   -14.690 1.00 12.21 ? 79  SER A N   1 
ATOM   72   C  CA  . SER A 1 12  ? 1.291   8.915   -15.348 1.00 12.75 ? 79  SER A CA  1 
ATOM   73   C  C   . SER A 1 12  ? 2.088   9.947   -14.542 1.00 12.82 ? 79  SER A C   1 
ATOM   74   O  O   . SER A 1 12  ? 3.258   10.175  -14.815 1.00 13.01 ? 79  SER A O   1 
ATOM   75   C  CB  . SER A 1 12  ? 0.992   9.439   -16.754 1.00 13.13 ? 79  SER A CB  1 
ATOM   76   O  OG  . SER A 1 12  ? -0.020  10.429  -16.720 1.00 13.99 ? 79  SER A OG  1 
ATOM   77   N  N   . ASP A 1 13  ? 1.465   10.552  -13.541 1.00 13.16 ? 80  ASP A N   1 
ATOM   78   C  CA  . ASP A 1 13  ? 2.150   11.537  -12.699 1.00 13.88 ? 80  ASP A CA  1 
ATOM   79   C  C   . ASP A 1 13  ? 3.005   10.869  -11.613 1.00 13.73 ? 80  ASP A C   1 
ATOM   80   O  O   . ASP A 1 13  ? 3.836   11.521  -10.980 1.00 14.31 ? 80  ASP A O   1 
ATOM   81   C  CB  . ASP A 1 13  ? 1.139   12.477  -12.024 1.00 14.67 ? 80  ASP A CB  1 
ATOM   82   C  CG  . ASP A 1 13  ? 0.500   13.469  -12.996 1.00 15.67 ? 80  ASP A CG  1 
ATOM   83   O  OD1 . ASP A 1 13  ? 1.059   13.697  -14.093 1.00 16.11 ? 80  ASP A OD1 1 
ATOM   84   O  OD2 . ASP A 1 13  ? -0.564  14.036  -12.639 1.00 16.42 ? 80  ASP A OD2 1 
ATOM   85   N  N   . ILE A 1 14  ? 2.793   9.575   -11.399 1.00 12.68 ? 81  ILE A N   1 
ATOM   86   C  CA  . ILE A 1 14  ? 3.526   8.830   -10.379 1.00 11.71 ? 81  ILE A CA  1 
ATOM   87   C  C   . ILE A 1 14  ? 4.507   7.878   -11.059 1.00 11.32 ? 81  ILE A C   1 
ATOM   88   O  O   . ILE A 1 14  ? 4.108   6.839   -11.572 1.00 10.92 ? 81  ILE A O   1 
ATOM   89   C  CB  . ILE A 1 14  ? 2.539   8.025   -9.484  1.00 11.34 ? 81  ILE A CB  1 
ATOM   90   C  CG1 . ILE A 1 14  ? 1.367   8.928   -9.066  1.00 11.01 ? 81  ILE A CG1 1 
ATOM   91   C  CG2 . ILE A 1 14  ? 3.266   7.456   -8.259  1.00 10.59 ? 81  ILE A CG2 1 
ATOM   92   C  CD1 . ILE A 1 14  ? 0.177   8.199   -8.516  1.00 10.57 ? 81  ILE A CD1 1 
ATOM   93   N  N   . PRO A 1 15  ? 5.800   8.243   -11.109 1.00 11.71 ? 82  PRO A N   1 
ATOM   94   C  CA  . PRO A 1 15  ? 6.819   7.403   -11.756 1.00 11.52 ? 82  PRO A CA  1 
ATOM   95   C  C   . PRO A 1 15  ? 7.134   6.124   -10.974 1.00 11.52 ? 82  PRO A C   1 
ATOM   96   O  O   . PRO A 1 15  ? 6.804   6.008   -9.799  1.00 10.58 ? 82  PRO A O   1 
ATOM   97   C  CB  . PRO A 1 15  ? 8.033   8.336   -11.818 1.00 12.17 ? 82  PRO A CB  1 
ATOM   98   C  CG  . PRO A 1 15  ? 7.881   9.166   -10.572 1.00 12.56 ? 82  PRO A CG  1 
ATOM   99   C  CD  . PRO A 1 15  ? 6.398   9.483   -10.568 1.00 11.93 ? 82  PRO A CD  1 
ATOM   100  N  N   . GLU A 1 16  ? 7.763   5.165   -11.648 1.00 11.84 ? 83  GLU A N   1 
ATOM   101  C  CA  . GLU A 1 16  ? 8.150   3.900   -11.032 1.00 12.26 ? 83  GLU A CA  1 
ATOM   102  C  C   . GLU A 1 16  ? 8.998   4.129   -9.799  1.00 11.63 ? 83  GLU A C   1 
ATOM   103  O  O   . GLU A 1 16  ? 9.935   4.920   -9.828  1.00 11.41 ? 83  GLU A O   1 
ATOM   104  C  CB  . GLU A 1 16  ? 8.970   3.055   -12.000 1.00 14.14 ? 83  GLU A CB  1 
ATOM   105  C  CG  . GLU A 1 16  ? 8.183   2.123   -12.890 1.00 16.40 ? 83  GLU A CG  1 
ATOM   106  C  CD  . GLU A 1 16  ? 9.047   0.994   -13.453 1.00 17.68 ? 83  GLU A CD  1 
ATOM   107  O  OE1 . GLU A 1 16  ? 10.190  0.799   -12.977 1.00 18.22 ? 83  GLU A OE1 1 
ATOM   108  O  OE2 . GLU A 1 16  ? 8.571   0.290   -14.362 1.00 18.99 ? 83  GLU A OE2 1 
ATOM   109  N  N   . GLY A 1 17  ? 8.654   3.431   -8.722  1.00 10.80 ? 84  GLY A N   1 
ATOM   110  C  CA  . GLY A 1 17  ? 9.388   3.548   -7.479  1.00 9.93  ? 84  GLY A CA  1 
ATOM   111  C  C   . GLY A 1 17  ? 8.840   4.607   -6.541  1.00 9.61  ? 84  GLY A C   1 
ATOM   112  O  O   . GLY A 1 17  ? 9.235   4.661   -5.371  1.00 10.08 ? 84  GLY A O   1 
ATOM   113  N  N   . LYS A 1 18  ? 7.907   5.428   -7.014  1.00 8.83  ? 85  LYS A N   1 
ATOM   114  C  CA  . LYS A 1 18  ? 7.364   6.476   -6.166  1.00 8.69  ? 85  LYS A CA  1 
ATOM   115  C  C   . LYS A 1 18  ? 6.053   6.123   -5.474  1.00 7.85  ? 85  LYS A C   1 
ATOM   116  O  O   . LYS A 1 18  ? 5.168   5.505   -6.071  1.00 7.56  ? 85  LYS A O   1 
ATOM   117  C  CB  . LYS A 1 18  ? 7.157   7.781   -6.951  1.00 9.50  ? 85  LYS A CB  1 
ATOM   118  C  CG  . LYS A 1 18  ? 6.497   8.878   -6.107  1.00 11.14 ? 85  LYS A CG  1 
ATOM   119  C  CD  . LYS A 1 18  ? 6.270   10.189  -6.855  1.00 13.00 ? 85  LYS A CD  1 
ATOM   120  C  CE  . LYS A 1 18  ? 5.815   11.281  -5.885  1.00 13.48 ? 85  LYS A CE  1 
ATOM   121  N  NZ  . LYS A 1 18  ? 5.713   12.607  -6.542  1.00 14.90 ? 85  LYS A NZ  1 
ATOM   122  N  N   . ASN A 1 19  ? 5.982   6.510   -4.198  1.00 7.00  ? 86  ASN A N   1 
ATOM   123  C  CA  . ASN A 1 19  ? 4.782   6.375   -3.376  1.00 6.27  ? 86  ASN A CA  1 
ATOM   124  C  C   . ASN A 1 19  ? 4.213   7.789   -3.260  1.00 6.19  ? 86  ASN A C   1 
ATOM   125  O  O   . ASN A 1 19  ? 4.856   8.655   -2.672  1.00 6.57  ? 86  ASN A O   1 
ATOM   126  C  CB  . ASN A 1 19  ? 5.112   5.877   -1.964  1.00 5.56  ? 86  ASN A CB  1 
ATOM   127  C  CG  . ASN A 1 19  ? 3.859   5.744   -1.079  1.00 5.51  ? 86  ASN A CG  1 
ATOM   128  O  OD1 . ASN A 1 19  ? 3.121   4.762   -1.175  1.00 5.10  ? 86  ASN A OD1 1 
ATOM   129  N  ND2 . ASN A 1 19  ? 3.599   6.751   -0.250  1.00 4.46  ? 86  ASN A ND2 1 
ATOM   130  N  N   . MET A 1 20  ? 3.079   8.045   -3.904  1.00 6.17  ? 87  MET A N   1 
ATOM   131  C  CA  . MET A 1 20  ? 2.457   9.368   -3.852  1.00 6.44  ? 87  MET A CA  1 
ATOM   132  C  C   . MET A 1 20  ? 1.299   9.370   -2.843  1.00 5.79  ? 87  MET A C   1 
ATOM   133  O  O   . MET A 1 20  ? 0.461   8.471   -2.859  1.00 5.81  ? 87  MET A O   1 
ATOM   134  C  CB  . MET A 1 20  ? 1.961   9.751   -5.255  1.00 7.83  ? 87  MET A CB  1 
ATOM   135  C  CG  . MET A 1 20  ? 1.383   11.151  -5.389  1.00 10.07 ? 87  MET A CG  1 
ATOM   136  S  SD  . MET A 1 20  ? 2.527   12.479  -4.951  1.00 13.63 ? 87  MET A SD  1 
ATOM   137  C  CE  . MET A 1 20  ? 1.318   13.787  -4.522  1.00 13.29 ? 87  MET A CE  1 
ATOM   138  N  N   . ALA A 1 21  ? 1.272   10.361  -1.953  1.00 5.38  ? 88  ALA A N   1 
ATOM   139  C  CA  . ALA A 1 21  ? 0.222   10.463  -0.938  1.00 5.46  ? 88  ALA A CA  1 
ATOM   140  C  C   . ALA A 1 21  ? -0.769  11.570  -1.264  1.00 6.05  ? 88  ALA A C   1 
ATOM   141  O  O   . ALA A 1 21  ? -0.384  12.668  -1.698  1.00 6.30  ? 88  ALA A O   1 
ATOM   142  C  CB  . ALA A 1 21  ? 0.823   10.699  0.428   1.00 5.47  ? 88  ALA A CB  1 
ATOM   143  N  N   . PHE A 1 22  ? -2.039  11.268  -1.030  1.00 5.70  ? 89  PHE A N   1 
ATOM   144  C  CA  . PHE A 1 22  ? -3.151  12.189  -1.251  1.00 6.19  ? 89  PHE A CA  1 
ATOM   145  C  C   . PHE A 1 22  ? -4.004  12.193  0.008   1.00 6.61  ? 89  PHE A C   1 
ATOM   146  O  O   . PHE A 1 22  ? -3.777  11.389  0.918   1.00 5.91  ? 89  PHE A O   1 
ATOM   147  C  CB  . PHE A 1 22  ? -4.036  11.712  -2.418  1.00 5.75  ? 89  PHE A CB  1 
ATOM   148  C  CG  . PHE A 1 22  ? -3.306  11.527  -3.717  1.00 5.58  ? 89  PHE A CG  1 
ATOM   149  C  CD1 . PHE A 1 22  ? -2.586  10.358  -3.965  1.00 5.45  ? 89  PHE A CD1 1 
ATOM   150  C  CD2 . PHE A 1 22  ? -3.347  12.513  -4.701  1.00 4.94  ? 89  PHE A CD2 1 
ATOM   151  C  CE1 . PHE A 1 22  ? -1.915  10.177  -5.178  1.00 5.74  ? 89  PHE A CE1 1 
ATOM   152  C  CE2 . PHE A 1 22  ? -2.686  12.348  -5.914  1.00 5.21  ? 89  PHE A CE2 1 
ATOM   153  C  CZ  . PHE A 1 22  ? -1.967  11.178  -6.152  1.00 5.27  ? 89  PHE A CZ  1 
ATOM   154  N  N   . LYS A 1 23  ? -4.973  13.101  0.075   1.00 7.78  ? 90  LYS A N   1 
ATOM   155  C  CA  . LYS A 1 23  ? -5.882  13.154  1.219   1.00 8.92  ? 90  LYS A CA  1 
ATOM   156  C  C   . LYS A 1 23  ? -7.247  12.683  0.729   1.00 8.71  ? 90  LYS A C   1 
ATOM   157  O  O   . LYS A 1 23  ? -7.762  13.196  -0.266  1.00 8.63  ? 90  LYS A O   1 
ATOM   158  C  CB  . LYS A 1 23  ? -5.977  14.574  1.788   1.00 11.19 ? 90  LYS A CB  1 
ATOM   159  C  CG  . LYS A 1 23  ? -6.189  14.599  3.287   1.00 14.95 ? 90  LYS A CG  1 
ATOM   160  C  CD  . LYS A 1 23  ? -6.722  15.936  3.792   1.00 17.47 ? 90  LYS A CD  1 
ATOM   161  C  CE  . LYS A 1 23  ? -6.895  15.869  5.307   1.00 19.79 ? 90  LYS A CE  1 
ATOM   162  N  NZ  . LYS A 1 23  ? -7.660  17.024  5.862   1.00 21.89 ? 90  LYS A NZ  1 
ATOM   163  N  N   . TRP A 1 24  ? -7.815  11.689  1.403   1.00 8.45  ? 91  TRP A N   1 
ATOM   164  C  CA  . TRP A 1 24  ? -9.101  11.122  1.008   1.00 8.52  ? 91  TRP A CA  1 
ATOM   165  C  C   . TRP A 1 24  ? -9.877  10.717  2.256   1.00 9.05  ? 91  TRP A C   1 
ATOM   166  O  O   . TRP A 1 24  ? -9.365  9.989   3.111   1.00 8.79  ? 91  TRP A O   1 
ATOM   167  C  CB  . TRP A 1 24  ? -8.863  9.917   0.085   1.00 8.31  ? 91  TRP A CB  1 
ATOM   168  C  CG  . TRP A 1 24  ? -10.092 9.172   -0.350  1.00 7.80  ? 91  TRP A CG  1 
ATOM   169  C  CD1 . TRP A 1 24  ? -11.124 9.651   -1.121  1.00 7.96  ? 91  TRP A CD1 1 
ATOM   170  C  CD2 . TRP A 1 24  ? -10.402 7.796   -0.083  1.00 7.21  ? 91  TRP A CD2 1 
ATOM   171  N  NE1 . TRP A 1 24  ? -12.041 8.656   -1.347  1.00 8.07  ? 91  TRP A NE1 1 
ATOM   172  C  CE2 . TRP A 1 24  ? -11.626 7.513   -0.718  1.00 7.28  ? 91  TRP A CE2 1 
ATOM   173  C  CE3 . TRP A 1 24  ? -9.760  6.785   0.652   1.00 7.10  ? 91  TRP A CE3 1 
ATOM   174  C  CZ2 . TRP A 1 24  ? -12.222 6.244   -0.659  1.00 6.91  ? 91  TRP A CZ2 1 
ATOM   175  C  CZ3 . TRP A 1 24  ? -10.360 5.527   0.709   1.00 6.61  ? 91  TRP A CZ3 1 
ATOM   176  C  CH2 . TRP A 1 24  ? -11.578 5.273   0.064   1.00 6.78  ? 91  TRP A CH2 1 
ATOM   177  N  N   . ARG A 1 25  ? -11.090 11.245  2.389   1.00 9.80  ? 92  ARG A N   1 
ATOM   178  C  CA  . ARG A 1 25  ? -11.941 10.972  3.554   1.00 10.46 ? 92  ARG A CA  1 
ATOM   179  C  C   . ARG A 1 25  ? -11.242 11.342  4.869   1.00 10.30 ? 92  ARG A C   1 
ATOM   180  O  O   . ARG A 1 25  ? -11.386 10.670  5.887   1.00 10.41 ? 92  ARG A O   1 
ATOM   181  C  CB  . ARG A 1 25  ? -12.441 9.521   3.547   1.00 11.58 ? 92  ARG A CB  1 
ATOM   182  C  CG  . ARG A 1 25  ? -13.309 9.222   2.344   1.00 13.07 ? 92  ARG A CG  1 
ATOM   183  C  CD  . ARG A 1 25  ? -13.966 7.864   2.402   1.00 14.75 ? 92  ARG A CD  1 
ATOM   184  N  NE  . ARG A 1 25  ? -14.779 7.635   1.206   1.00 16.83 ? 92  ARG A NE  1 
ATOM   185  C  CZ  . ARG A 1 25  ? -15.291 6.454   0.847   1.00 17.56 ? 92  ARG A CZ  1 
ATOM   186  N  NH1 . ARG A 1 25  ? -15.094 5.371   1.596   1.00 18.44 ? 92  ARG A NH1 1 
ATOM   187  N  NH2 . ARG A 1 25  ? -15.935 6.340   -0.308  1.00 18.20 ? 92  ARG A NH2 1 
ATOM   188  N  N   . GLY A 1 26  ? -10.470 12.428  4.809   1.00 10.70 ? 93  GLY A N   1 
ATOM   189  C  CA  . GLY A 1 26  ? -9.766  12.954  5.964   1.00 10.44 ? 93  GLY A CA  1 
ATOM   190  C  C   . GLY A 1 26  ? -8.509  12.204  6.370   1.00 10.50 ? 93  GLY A C   1 
ATOM   191  O  O   . GLY A 1 26  ? -7.912  12.546  7.393   1.00 11.01 ? 93  GLY A O   1 
ATOM   192  N  N   . LYS A 1 27  ? -8.064  11.242  5.566   1.00 9.80  ? 94  LYS A N   1 
ATOM   193  C  CA  . LYS A 1 27  ? -6.870  10.466  5.908   1.00 8.92  ? 94  LYS A CA  1 
ATOM   194  C  C   . LYS A 1 27  ? -5.930  10.282  4.709   1.00 7.23  ? 94  LYS A C   1 
ATOM   195  O  O   . LYS A 1 27  ? -6.318  10.507  3.562   1.00 6.02  ? 94  LYS A O   1 
ATOM   196  C  CB  . LYS A 1 27  ? -7.276  9.088   6.464   1.00 11.15 ? 94  LYS A CB  1 
ATOM   197  C  CG  . LYS A 1 27  ? -8.121  9.141   7.730   1.00 13.79 ? 94  LYS A CG  1 
ATOM   198  C  CD  . LYS A 1 27  ? -7.367  9.798   8.886   1.00 16.73 ? 94  LYS A CD  1 
ATOM   199  C  CE  . LYS A 1 27  ? -8.284  10.005  10.103  1.00 18.67 ? 94  LYS A CE  1 
ATOM   200  N  NZ  . LYS A 1 27  ? -7.612  10.774  11.205  1.00 20.01 ? 94  LYS A NZ  1 
ATOM   201  N  N   . PRO A 1 28  ? -4.677  9.883   4.967   1.00 5.76  ? 95  PRO A N   1 
ATOM   202  C  CA  . PRO A 1 28  ? -3.762  9.691   3.845   1.00 4.89  ? 95  PRO A CA  1 
ATOM   203  C  C   . PRO A 1 28  ? -4.170  8.505   2.971   1.00 4.13  ? 95  PRO A C   1 
ATOM   204  O  O   . PRO A 1 28  ? -4.604  7.458   3.471   1.00 3.43  ? 95  PRO A O   1 
ATOM   205  C  CB  . PRO A 1 28  ? -2.424  9.377   4.530   1.00 5.06  ? 95  PRO A CB  1 
ATOM   206  C  CG  . PRO A 1 28  ? -2.560  9.962   5.889   1.00 6.35  ? 95  PRO A CG  1 
ATOM   207  C  CD  . PRO A 1 28  ? -3.988  9.653   6.248   1.00 6.27  ? 95  PRO A CD  1 
ATOM   208  N  N   . LEU A 1 29  ? -3.976  8.673   1.671   1.00 3.24  ? 96  LEU A N   1 
ATOM   209  C  CA  . LEU A 1 29  ? -4.236  7.643   0.683   1.00 2.80  ? 96  LEU A CA  1 
ATOM   210  C  C   . LEU A 1 29  ? -2.967  7.525   -0.152  1.00 2.81  ? 96  LEU A C   1 
ATOM   211  O  O   . LEU A 1 29  ? -2.500  8.514   -0.735  1.00 3.13  ? 96  LEU A O   1 
ATOM   212  C  CB  . LEU A 1 29  ? -5.425  8.006   -0.226  1.00 2.41  ? 96  LEU A CB  1 
ATOM   213  C  CG  . LEU A 1 29  ? -5.625  7.090   -1.437  1.00 2.21  ? 96  LEU A CG  1 
ATOM   214  C  CD1 . LEU A 1 29  ? -6.101  5.710   -0.955  1.00 3.29  ? 96  LEU A CD1 1 
ATOM   215  C  CD2 . LEU A 1 29  ? -6.618  7.698   -2.409  1.00 2.63  ? 96  LEU A CD2 1 
ATOM   216  N  N   . PHE A 1 30  ? -2.392  6.328   -0.166  1.00 2.48  ? 97  PHE A N   1 
ATOM   217  C  CA  . PHE A 1 30  ? -1.167  6.065   -0.902  1.00 2.27  ? 97  PHE A CA  1 
ATOM   218  C  C   . PHE A 1 30  ? -1.415  5.370   -2.236  1.00 2.21  ? 97  PHE A C   1 
ATOM   219  O  O   . PHE A 1 30  ? -2.150  4.381   -2.299  1.00 2.00  ? 97  PHE A O   1 
ATOM   220  C  CB  . PHE A 1 30  ? -0.243  5.137   -0.097  1.00 2.45  ? 97  PHE A CB  1 
ATOM   221  C  CG  . PHE A 1 30  ? 0.234   5.699   1.222   1.00 2.43  ? 97  PHE A CG  1 
ATOM   222  C  CD1 . PHE A 1 30  ? 0.228   7.073   1.484   1.00 2.18  ? 97  PHE A CD1 1 
ATOM   223  C  CD2 . PHE A 1 30  ? 0.763   4.838   2.187   1.00 2.44  ? 97  PHE A CD2 1 
ATOM   224  C  CE1 . PHE A 1 30  ? 0.758   7.574   2.691   1.00 2.59  ? 97  PHE A CE1 1 
ATOM   225  C  CE2 . PHE A 1 30  ? 1.295   5.332   3.396   1.00 2.24  ? 97  PHE A CE2 1 
ATOM   226  C  CZ  . PHE A 1 30  ? 1.294   6.692   3.644   1.00 2.46  ? 97  PHE A CZ  1 
ATOM   227  N  N   . VAL A 1 31  ? -0.817  5.919   -3.294  1.00 2.59  ? 98  VAL A N   1 
ATOM   228  C  CA  . VAL A 1 31  ? -0.836  5.328   -4.631  1.00 2.76  ? 98  VAL A CA  1 
ATOM   229  C  C   . VAL A 1 31  ? 0.647   5.172   -5.012  1.00 3.07  ? 98  VAL A C   1 
ATOM   230  O  O   . VAL A 1 31  ? 1.365   6.166   -5.218  1.00 3.15  ? 98  VAL A O   1 
ATOM   231  C  CB  . VAL A 1 31  ? -1.596  6.187   -5.663  1.00 2.76  ? 98  VAL A CB  1 
ATOM   232  C  CG1 . VAL A 1 31  ? -1.610  5.476   -7.016  1.00 2.48  ? 98  VAL A CG1 1 
ATOM   233  C  CG2 . VAL A 1 31  ? -3.034  6.422   -5.195  1.00 2.79  ? 98  VAL A CG2 1 
ATOM   234  N  N   . ARG A 1 32  ? 1.109   3.925   -5.042  1.00 2.85  ? 99  ARG A N   1 
ATOM   235  C  CA  . ARG A 1 32  ? 2.506   3.640   -5.298  1.00 3.26  ? 99  ARG A CA  1 
ATOM   236  C  C   . ARG A 1 32  ? 2.749   2.842   -6.563  1.00 3.32  ? 99  ARG A C   1 
ATOM   237  O  O   . ARG A 1 32  ? 2.156   1.774   -6.773  1.00 3.74  ? 99  ARG A O   1 
ATOM   238  C  CB  . ARG A 1 32  ? 3.079   2.899   -4.085  1.00 2.75  ? 99  ARG A CB  1 
ATOM   239  C  CG  . ARG A 1 32  ? 4.517   2.440   -4.196  1.00 2.65  ? 99  ARG A CG  1 
ATOM   240  C  CD  . ARG A 1 32  ? 4.942   1.845   -2.872  1.00 3.17  ? 99  ARG A CD  1 
ATOM   241  N  NE  . ARG A 1 32  ? 6.281   1.276   -2.874  1.00 3.54  ? 99  ARG A NE  1 
ATOM   242  C  CZ  . ARG A 1 32  ? 6.944   0.941   -1.771  1.00 4.17  ? 99  ARG A CZ  1 
ATOM   243  N  NH1 . ARG A 1 32  ? 6.385   1.114   -0.582  1.00 4.11  ? 99  ARG A NH1 1 
ATOM   244  N  NH2 . ARG A 1 32  ? 8.172   0.456   -1.846  1.00 3.60  ? 99  ARG A NH2 1 
ATOM   245  N  N   . HIS A 1 33  ? 3.661   3.356   -7.384  1.00 4.11  ? 100 HIS A N   1 
ATOM   246  C  CA  . HIS A 1 33  ? 4.050   2.706   -8.629  1.00 4.56  ? 100 HIS A CA  1 
ATOM   247  C  C   . HIS A 1 33  ? 5.200   1.743   -8.311  1.00 4.89  ? 100 HIS A C   1 
ATOM   248  O  O   . HIS A 1 33  ? 6.308   2.169   -7.955  1.00 5.15  ? 100 HIS A O   1 
ATOM   249  C  CB  . HIS A 1 33  ? 4.501   3.757   -9.636  1.00 5.26  ? 100 HIS A CB  1 
ATOM   250  C  CG  . HIS A 1 33  ? 4.517   3.276   -11.054 1.00 6.05  ? 100 HIS A CG  1 
ATOM   251  N  ND1 . HIS A 1 33  ? 4.535   4.135   -12.123 1.00 6.92  ? 100 HIS A ND1 1 
ATOM   252  C  CD2 . HIS A 1 33  ? 4.496   2.019   -11.576 1.00 6.53  ? 100 HIS A CD2 1 
ATOM   253  C  CE1 . HIS A 1 33  ? 4.523   3.437   -13.255 1.00 6.36  ? 100 HIS A CE1 1 
ATOM   254  N  NE2 . HIS A 1 33  ? 4.499   2.158   -12.940 1.00 6.40  ? 100 HIS A NE2 1 
ATOM   255  N  N   . ARG A 1 34  ? 4.923   0.450   -8.416  1.00 4.71  ? 101 ARG A N   1 
ATOM   256  C  CA  . ARG A 1 34  ? 5.913   -0.567  -8.087  1.00 5.08  ? 101 ARG A CA  1 
ATOM   257  C  C   . ARG A 1 34  ? 6.726   -1.021  -9.276  1.00 5.53  ? 101 ARG A C   1 
ATOM   258  O  O   . ARG A 1 34  ? 6.241   -1.065  -10.415 1.00 6.17  ? 101 ARG A O   1 
ATOM   259  C  CB  . ARG A 1 34  ? 5.244   -1.783  -7.425  1.00 4.49  ? 101 ARG A CB  1 
ATOM   260  C  CG  . ARG A 1 34  ? 4.438   -1.448  -6.182  1.00 3.53  ? 101 ARG A CG  1 
ATOM   261  C  CD  . ARG A 1 34  ? 4.077   -2.698  -5.403  1.00 3.68  ? 101 ARG A CD  1 
ATOM   262  N  NE  . ARG A 1 34  ? 3.268   -3.654  -6.173  1.00 3.38  ? 101 ARG A NE  1 
ATOM   263  C  CZ  . ARG A 1 34  ? 2.675   -4.730  -5.653  1.00 2.74  ? 101 ARG A CZ  1 
ATOM   264  N  NH1 . ARG A 1 34  ? 2.780   -4.990  -4.356  1.00 2.00  ? 101 ARG A NH1 1 
ATOM   265  N  NH2 . ARG A 1 34  ? 2.078   -5.614  -6.445  1.00 2.65  ? 101 ARG A NH2 1 
ATOM   266  N  N   . THR A 1 35  ? 7.971   -1.376  -8.976  1.00 6.65  ? 102 THR A N   1 
ATOM   267  C  CA  . THR A 1 35  ? 8.922   -1.879  -9.959  1.00 7.13  ? 102 THR A CA  1 
ATOM   268  C  C   . THR A 1 35  ? 8.737   -3.390  -10.093 1.00 7.61  ? 102 THR A C   1 
ATOM   269  O  O   . THR A 1 35  ? 8.105   -4.025  -9.242  1.00 7.21  ? 102 THR A O   1 
ATOM   270  C  CB  . THR A 1 35  ? 10.373  -1.621  -9.503  1.00 7.43  ? 102 THR A CB  1 
ATOM   271  O  OG1 . THR A 1 35  ? 10.621  -2.324  -8.280  1.00 7.89  ? 102 THR A OG1 1 
ATOM   272  C  CG2 . THR A 1 35  ? 10.616  -0.133  -9.276  1.00 7.53  ? 102 THR A CG2 1 
ATOM   273  N  N   . LYS A 1 36  ? 9.330   -3.965  -11.134 1.00 8.45  ? 103 LYS A N   1 
ATOM   274  C  CA  . LYS A 1 36  ? 9.245   -5.399  -11.381 1.00 8.74  ? 103 LYS A CA  1 
ATOM   275  C  C   . LYS A 1 36  ? 9.877   -6.134  -10.203 1.00 8.91  ? 103 LYS A C   1 
ATOM   276  O  O   . LYS A 1 36  ? 9.352   -7.146  -9.724  1.00 8.81  ? 103 LYS A O   1 
ATOM   277  C  CB  . LYS A 1 36  ? 9.970   -5.741  -12.693 1.00 9.62  ? 103 LYS A CB  1 
ATOM   278  C  CG  . LYS A 1 36  ? 10.049  -7.230  -12.989 1.00 10.23 ? 103 LYS A CG  1 
ATOM   279  C  CD  . LYS A 1 36  ? 11.003  -7.551  -14.138 1.00 11.02 ? 103 LYS A CD  1 
ATOM   280  C  CE  . LYS A 1 36  ? 11.466  -8.996  -14.062 1.00 11.16 ? 103 LYS A CE  1 
ATOM   281  N  NZ  . LYS A 1 36  ? 10.310  -9.951  -13.994 1.00 11.48 ? 103 LYS A NZ  1 
ATOM   282  N  N   . LYS A 1 37  ? 10.972  -5.577  -9.698  1.00 8.54  ? 104 LYS A N   1 
ATOM   283  C  CA  . LYS A 1 37  ? 11.661  -6.175  -8.567  1.00 8.40  ? 104 LYS A CA  1 
ATOM   284  C  C   . LYS A 1 37  ? 10.734  -6.271  -7.345  1.00 7.48  ? 104 LYS A C   1 
ATOM   285  O  O   . LYS A 1 37  ? 10.654  -7.327  -6.698  1.00 6.98  ? 104 LYS A O   1 
ATOM   286  C  CB  . LYS A 1 37  ? 12.913  -5.372  -8.224  1.00 9.28  ? 104 LYS A CB  1 
ATOM   287  C  CG  . LYS A 1 37  ? 13.754  -6.025  -7.156  1.00 10.83 ? 104 LYS A CG  1 
ATOM   288  C  CD  . LYS A 1 37  ? 14.936  -5.181  -6.777  1.00 12.38 ? 104 LYS A CD  1 
ATOM   289  C  CE  . LYS A 1 37  ? 15.694  -5.835  -5.645  1.00 13.98 ? 104 LYS A CE  1 
ATOM   290  N  NZ  . LYS A 1 37  ? 16.905  -5.056  -5.291  1.00 16.06 ? 104 LYS A NZ  1 
ATOM   291  N  N   . GLU A 1 38  ? 10.032  -5.175  -7.042  1.00 6.77  ? 105 GLU A N   1 
ATOM   292  C  CA  . GLU A 1 38  ? 9.109   -5.141  -5.903  1.00 5.86  ? 105 GLU A CA  1 
ATOM   293  C  C   . GLU A 1 38  ? 7.981   -6.156  -6.086  1.00 5.83  ? 105 GLU A C   1 
ATOM   294  O  O   . GLU A 1 38  ? 7.669   -6.923  -5.165  1.00 5.24  ? 105 GLU A O   1 
ATOM   295  C  CB  . GLU A 1 38  ? 8.540   -3.730  -5.707  1.00 5.33  ? 105 GLU A CB  1 
ATOM   296  C  CG  . GLU A 1 38  ? 9.553   -2.748  -5.109  1.00 5.11  ? 105 GLU A CG  1 
ATOM   297  C  CD  . GLU A 1 38  ? 9.091   -1.297  -5.125  1.00 5.37  ? 105 GLU A CD  1 
ATOM   298  O  OE1 . GLU A 1 38  ? 8.349   -0.905  -6.049  1.00 5.44  ? 105 GLU A OE1 1 
ATOM   299  O  OE2 . GLU A 1 38  ? 9.509   -0.535  -4.233  1.00 5.28  ? 105 GLU A OE2 1 
ATOM   300  N  N   . ILE A 1 39  ? 7.413   -6.185  -7.289  1.00 5.44  ? 106 ILE A N   1 
ATOM   301  C  CA  . ILE A 1 39  ? 6.336   -7.113  -7.618  1.00 5.62  ? 106 ILE A CA  1 
ATOM   302  C  C   . ILE A 1 39  ? 6.792   -8.556  -7.376  1.00 5.63  ? 106 ILE A C   1 
ATOM   303  O  O   . ILE A 1 39  ? 6.141   -9.313  -6.654  1.00 5.28  ? 106 ILE A O   1 
ATOM   304  C  CB  . ILE A 1 39  ? 5.884   -6.933  -9.099  1.00 5.95  ? 106 ILE A CB  1 
ATOM   305  C  CG1 . ILE A 1 39  ? 5.216   -5.560  -9.277  1.00 5.52  ? 106 ILE A CG1 1 
ATOM   306  C  CG2 . ILE A 1 39  ? 4.932   -8.060  -9.522  1.00 6.13  ? 106 ILE A CG2 1 
ATOM   307  C  CD1 . ILE A 1 39  ? 5.106   -5.100  -10.716 1.00 5.48  ? 106 ILE A CD1 1 
ATOM   308  N  N   . ASP A 1 40  ? 7.949   -8.920  -7.920  1.00 5.74  ? 107 ASP A N   1 
ATOM   309  C  CA  . ASP A 1 40  ? 8.452   -10.277 -7.764  1.00 6.25  ? 107 ASP A CA  1 
ATOM   310  C  C   . ASP A 1 40  ? 8.787   -10.619 -6.321  1.00 5.84  ? 107 ASP A C   1 
ATOM   311  O  O   . ASP A 1 40  ? 8.526   -11.728 -5.866  1.00 5.89  ? 107 ASP A O   1 
ATOM   312  C  CB  . ASP A 1 40  ? 9.648   -10.513 -8.691  1.00 6.90  ? 107 ASP A CB  1 
ATOM   313  C  CG  . ASP A 1 40  ? 9.273   -10.424 -10.153 1.00 7.68  ? 107 ASP A CG  1 
ATOM   314  O  OD1 . ASP A 1 40  ? 8.064   -10.422 -10.471 1.00 8.91  ? 107 ASP A OD1 1 
ATOM   315  O  OD2 . ASP A 1 40  ? 10.185  -10.348 -10.997 1.00 7.79  ? 107 ASP A OD2 1 
ATOM   316  N  N   . GLN A 1 41  ? 9.373   -9.676  -5.602  1.00 6.34  ? 108 GLN A N   1 
ATOM   317  C  CA  . GLN A 1 41  ? 9.721   -9.880  -4.200  1.00 6.67  ? 108 GLN A CA  1 
ATOM   318  C  C   . GLN A 1 41  ? 8.450   -10.146 -3.366  1.00 5.77  ? 108 GLN A C   1 
ATOM   319  O  O   . GLN A 1 41  ? 8.422   -11.056 -2.528  1.00 5.22  ? 108 GLN A O   1 
ATOM   320  C  CB  . GLN A 1 41  ? 10.476  -8.648  -3.693  1.00 9.24  ? 108 GLN A CB  1 
ATOM   321  C  CG  . GLN A 1 41  ? 10.924  -8.663  -2.234  1.00 12.81 ? 108 GLN A CG  1 
ATOM   322  C  CD  . GLN A 1 41  ? 12.025  -7.623  -1.963  1.00 15.43 ? 108 GLN A CD  1 
ATOM   323  O  OE1 . GLN A 1 41  ? 13.106  -7.668  -2.572  1.00 17.03 ? 108 GLN A OE1 1 
ATOM   324  N  NE2 . GLN A 1 41  ? 11.748  -6.671  -1.070  1.00 15.99 ? 108 GLN A NE2 1 
ATOM   325  N  N   . GLU A 1 42  ? 7.379   -9.392  -3.632  1.00 4.24  ? 109 GLU A N   1 
ATOM   326  C  CA  . GLU A 1 42  ? 6.129   -9.610  -2.891  1.00 4.03  ? 109 GLU A CA  1 
ATOM   327  C  C   . GLU A 1 42  ? 5.507   -10.964 -3.236  1.00 3.59  ? 109 GLU A C   1 
ATOM   328  O  O   . GLU A 1 42  ? 4.890   -11.604 -2.386  1.00 3.62  ? 109 GLU A O   1 
ATOM   329  C  CB  . GLU A 1 42  ? 5.131   -8.470  -3.132  1.00 3.19  ? 109 GLU A CB  1 
ATOM   330  C  CG  . GLU A 1 42  ? 5.599   -7.114  -2.619  1.00 3.43  ? 109 GLU A CG  1 
ATOM   331  C  CD  . GLU A 1 42  ? 6.127   -7.143  -1.179  1.00 4.03  ? 109 GLU A CD  1 
ATOM   332  O  OE1 . GLU A 1 42  ? 5.663   -7.970  -0.363  1.00 3.87  ? 109 GLU A OE1 1 
ATOM   333  O  OE2 . GLU A 1 42  ? 7.018   -6.321  -0.855  1.00 3.68  ? 109 GLU A OE2 1 
ATOM   334  N  N   . ALA A 1 43  ? 5.731   -11.415 -4.467  1.00 4.36  ? 110 ALA A N   1 
ATOM   335  C  CA  . ALA A 1 43  ? 5.220   -12.697 -4.952  1.00 5.00  ? 110 ALA A CA  1 
ATOM   336  C  C   . ALA A 1 43  ? 5.956   -13.884 -4.308  1.00 5.46  ? 110 ALA A C   1 
ATOM   337  O  O   . ALA A 1 43  ? 5.410   -14.986 -4.218  1.00 5.97  ? 110 ALA A O   1 
ATOM   338  C  CB  . ALA A 1 43  ? 5.351   -12.768 -6.473  1.00 5.12  ? 110 ALA A CB  1 
ATOM   339  N  N   . ALA A 1 44  ? 7.177   -13.640 -3.846  1.00 5.48  ? 111 ALA A N   1 
ATOM   340  C  CA  . ALA A 1 44  ? 8.023   -14.666 -3.232  1.00 6.22  ? 111 ALA A CA  1 
ATOM   341  C  C   . ALA A 1 44  ? 7.762   -14.903 -1.741  1.00 6.14  ? 111 ALA A C   1 
ATOM   342  O  O   . ALA A 1 44  ? 8.309   -15.855 -1.153  1.00 6.66  ? 111 ALA A O   1 
ATOM   343  C  CB  . ALA A 1 44  ? 9.486   -14.325 -3.452  1.00 6.34  ? 111 ALA A CB  1 
ATOM   344  N  N   . VAL A 1 45  ? 6.946   -14.046 -1.126  1.00 5.82  ? 112 VAL A N   1 
ATOM   345  C  CA  . VAL A 1 45  ? 6.643   -14.149 0.298   1.00 5.64  ? 112 VAL A CA  1 
ATOM   346  C  C   . VAL A 1 45  ? 5.917   -15.452 0.659   1.00 6.04  ? 112 VAL A C   1 
ATOM   347  O  O   . VAL A 1 45  ? 4.970   -15.869 -0.018  1.00 5.68  ? 112 VAL A O   1 
ATOM   348  C  CB  . VAL A 1 45  ? 5.825   -12.907 0.795   1.00 5.65  ? 112 VAL A CB  1 
ATOM   349  C  CG1 . VAL A 1 45  ? 5.427   -13.052 2.267   1.00 5.18  ? 112 VAL A CG1 1 
ATOM   350  C  CG2 . VAL A 1 45  ? 6.627   -11.621 0.582   1.00 5.00  ? 112 VAL A CG2 1 
ATOM   351  N  N   . GLU A 1 46  ? 6.416   -16.130 1.691   1.00 6.08  ? 113 GLU A N   1 
ATOM   352  C  CA  . GLU A 1 46  ? 5.780   -17.354 2.149   1.00 6.47  ? 113 GLU A CA  1 
ATOM   353  C  C   . GLU A 1 46  ? 4.604   -16.928 3.025   1.00 5.84  ? 113 GLU A C   1 
ATOM   354  O  O   . GLU A 1 46  ? 4.762   -16.571 4.187   1.00 6.22  ? 113 GLU A O   1 
ATOM   355  C  CB  . GLU A 1 46  ? 6.771   -18.249 2.900   1.00 7.69  ? 113 GLU A CB  1 
ATOM   356  C  CG  . GLU A 1 46  ? 6.419   -19.731 2.777   1.00 9.99  ? 113 GLU A CG  1 
ATOM   357  C  CD  . GLU A 1 46  ? 5.191   -20.094 3.579   1.00 10.48 ? 113 GLU A CD  1 
ATOM   358  O  OE1 . GLU A 1 46  ? 5.322   -20.183 4.811   1.00 12.51 ? 113 GLU A OE1 1 
ATOM   359  O  OE2 . GLU A 1 46  ? 4.102   -20.265 2.995   1.00 11.88 ? 113 GLU A OE2 1 
ATOM   360  N  N   . VAL A 1 47  ? 3.419   -16.974 2.429   1.00 5.41  ? 114 VAL A N   1 
ATOM   361  C  CA  . VAL A 1 47  ? 2.178   -16.517 3.041   1.00 5.17  ? 114 VAL A CA  1 
ATOM   362  C  C   . VAL A 1 47  ? 1.742   -17.183 4.357   1.00 5.14  ? 114 VAL A C   1 
ATOM   363  O  O   . VAL A 1 47  ? 1.187   -16.503 5.228   1.00 4.46  ? 114 VAL A O   1 
ATOM   364  C  CB  . VAL A 1 47  ? 1.034   -16.558 1.977   1.00 5.38  ? 114 VAL A CB  1 
ATOM   365  C  CG1 . VAL A 1 47  ? -0.306  -16.268 2.592   1.00 6.30  ? 114 VAL A CG1 1 
ATOM   366  C  CG2 . VAL A 1 47  ? 1.338   -15.562 0.863   1.00 5.70  ? 114 VAL A CG2 1 
ATOM   367  N  N   . SER A 1 48  ? 2.014   -18.475 4.546   1.00 4.69  ? 115 SER A N   1 
ATOM   368  C  CA  . SER A 1 48  ? 1.554   -19.135 5.771   1.00 4.93  ? 115 SER A CA  1 
ATOM   369  C  C   . SER A 1 48  ? 2.194   -18.581 7.050   1.00 5.11  ? 115 SER A C   1 
ATOM   370  O  O   . SER A 1 48  ? 1.680   -18.804 8.139   1.00 5.07  ? 115 SER A O   1 
ATOM   371  C  CB  . SER A 1 48  ? 1.760   -20.663 5.693   1.00 5.01  ? 115 SER A CB  1 
ATOM   372  O  OG  . SER A 1 48  ? 3.109   -21.038 5.943   1.00 5.05  ? 115 SER A OG  1 
ATOM   373  N  N   . GLN A 1 49  ? 3.326   -17.893 6.913   1.00 5.57  ? 116 GLN A N   1 
ATOM   374  C  CA  . GLN A 1 49  ? 4.026   -17.345 8.068   1.00 5.96  ? 116 GLN A CA  1 
ATOM   375  C  C   . GLN A 1 49  ? 3.521   -15.959 8.455   1.00 5.66  ? 116 GLN A C   1 
ATOM   376  O  O   . GLN A 1 49  ? 3.909   -15.421 9.498   1.00 6.27  ? 116 GLN A O   1 
ATOM   377  C  CB  . GLN A 1 49  ? 5.531   -17.287 7.785   1.00 7.02  ? 116 GLN A CB  1 
ATOM   378  C  CG  . GLN A 1 49  ? 6.197   -18.647 7.494   1.00 8.68  ? 116 GLN A CG  1 
ATOM   379  C  CD  . GLN A 1 49  ? 6.301   -19.569 8.706   1.00 9.46  ? 116 GLN A CD  1 
ATOM   380  O  OE1 . GLN A 1 49  ? 6.029   -19.169 9.833   1.00 10.40 ? 116 GLN A OE1 1 
ATOM   381  N  NE2 . GLN A 1 49  ? 6.681   -20.819 8.467   1.00 10.37 ? 116 GLN A NE2 1 
ATOM   382  N  N   . LEU A 1 50  ? 2.674   -15.379 7.612   1.00 5.03  ? 117 LEU A N   1 
ATOM   383  C  CA  . LEU A 1 50  ? 2.140   -14.039 7.858   1.00 4.59  ? 117 LEU A CA  1 
ATOM   384  C  C   . LEU A 1 50  ? 1.095   -13.993 8.991   1.00 4.81  ? 117 LEU A C   1 
ATOM   385  O  O   . LEU A 1 50  ? 0.275   -14.901 9.154   1.00 4.89  ? 117 LEU A O   1 
ATOM   386  C  CB  . LEU A 1 50  ? 1.507   -13.470 6.577   1.00 4.29  ? 117 LEU A CB  1 
ATOM   387  C  CG  . LEU A 1 50  ? 2.414   -13.178 5.381   1.00 4.05  ? 117 LEU A CG  1 
ATOM   388  C  CD1 . LEU A 1 50  ? 1.561   -12.824 4.164   1.00 4.80  ? 117 LEU A CD1 1 
ATOM   389  C  CD2 . LEU A 1 50  ? 3.360   -12.046 5.714   1.00 4.67  ? 117 LEU A CD2 1 
ATOM   390  N  N   . ARG A 1 51  ? 1.098   -12.885 9.730   1.00 5.14  ? 118 ARG A N   1 
ATOM   391  C  CA  . ARG A 1 51  ? 0.137   -12.664 10.817  1.00 5.40  ? 118 ARG A CA  1 
ATOM   392  C  C   . ARG A 1 51  ? -1.275  -12.498 10.237  1.00 5.10  ? 118 ARG A C   1 
ATOM   393  O  O   . ARG A 1 51  ? -2.266  -12.909 10.839  1.00 5.15  ? 118 ARG A O   1 
ATOM   394  C  CB  . ARG A 1 51  ? 0.531   -11.388 11.580  1.00 7.27  ? 118 ARG A CB  1 
ATOM   395  C  CG  . ARG A 1 51  ? -0.498  -10.864 12.556  1.00 9.98  ? 118 ARG A CG  1 
ATOM   396  C  CD  . ARG A 1 51  ? 0.044   -9.652  13.284  1.00 11.70 ? 118 ARG A CD  1 
ATOM   397  N  NE  . ARG A 1 51  ? 1.025   -10.045 14.291  1.00 13.88 ? 118 ARG A NE  1 
ATOM   398  C  CZ  . ARG A 1 51  ? 2.091   -9.327  14.633  1.00 14.82 ? 118 ARG A CZ  1 
ATOM   399  N  NH1 . ARG A 1 51  ? 2.349   -8.155  14.048  1.00 14.16 ? 118 ARG A NH1 1 
ATOM   400  N  NH2 . ARG A 1 51  ? 2.909   -9.792  15.575  1.00 15.53 ? 118 ARG A NH2 1 
ATOM   401  N  N   . ASP A 1 52  ? -1.341  -11.832 9.088   1.00 3.57  ? 119 ASP A N   1 
ATOM   402  C  CA  . ASP A 1 52  ? -2.580  -11.568 8.368   1.00 2.89  ? 119 ASP A CA  1 
ATOM   403  C  C   . ASP A 1 52  ? -2.318  -12.064 6.935   1.00 2.87  ? 119 ASP A C   1 
ATOM   404  O  O   . ASP A 1 52  ? -1.926  -11.298 6.057   1.00 2.00  ? 119 ASP A O   1 
ATOM   405  C  CB  . ASP A 1 52  ? -2.856  -10.058 8.447   1.00 2.35  ? 119 ASP A CB  1 
ATOM   406  C  CG  . ASP A 1 52  ? -4.161  -9.646  7.786   1.00 3.16  ? 119 ASP A CG  1 
ATOM   407  O  OD1 . ASP A 1 52  ? -4.994  -10.522 7.464   1.00 3.99  ? 119 ASP A OD1 1 
ATOM   408  O  OD2 . ASP A 1 52  ? -4.345  -8.426  7.596   1.00 2.58  ? 119 ASP A OD2 1 
ATOM   409  N  N   . PRO A 1 53  ? -2.482  -13.381 6.704   1.00 2.90  ? 120 PRO A N   1 
ATOM   410  C  CA  . PRO A 1 53  ? -2.215  -14.007 5.409   1.00 2.98  ? 120 PRO A CA  1 
ATOM   411  C  C   . PRO A 1 53  ? -3.073  -13.589 4.225   1.00 3.05  ? 120 PRO A C   1 
ATOM   412  O  O   . PRO A 1 53  ? -4.291  -13.713 4.240   1.00 3.41  ? 120 PRO A O   1 
ATOM   413  C  CB  . PRO A 1 53  ? -2.349  -15.502 5.714   1.00 3.20  ? 120 PRO A CB  1 
ATOM   414  C  CG  . PRO A 1 53  ? -3.384  -15.524 6.769   1.00 3.87  ? 120 PRO A CG  1 
ATOM   415  C  CD  . PRO A 1 53  ? -2.960  -14.388 7.671   1.00 3.36  ? 120 PRO A CD  1 
ATOM   416  N  N   . GLN A 1 54  ? -2.383  -13.108 3.194   1.00 3.07  ? 121 GLN A N   1 
ATOM   417  C  CA  . GLN A 1 54  ? -2.976  -12.709 1.921   1.00 2.83  ? 121 GLN A CA  1 
ATOM   418  C  C   . GLN A 1 54  ? -1.873  -12.727 0.868   1.00 3.24  ? 121 GLN A C   1 
ATOM   419  O  O   . GLN A 1 54  ? -0.723  -12.394 1.173   1.00 2.98  ? 121 GLN A O   1 
ATOM   420  C  CB  . GLN A 1 54  ? -3.525  -11.276 1.957   1.00 2.85  ? 121 GLN A CB  1 
ATOM   421  C  CG  . GLN A 1 54  ? -4.838  -11.036 2.697   1.00 2.17  ? 121 GLN A CG  1 
ATOM   422  C  CD  . GLN A 1 54  ? -5.247  -9.577  2.580   1.00 2.00  ? 121 GLN A CD  1 
ATOM   423  O  OE1 . GLN A 1 54  ? -4.563  -8.698  3.110   1.00 2.00  ? 121 GLN A OE1 1 
ATOM   424  N  NE2 . GLN A 1 54  ? -6.314  -9.300  1.822   1.00 2.00  ? 121 GLN A NE2 1 
ATOM   425  N  N   . HIS A 1 55  ? -2.192  -13.193 -0.337  1.00 2.87  ? 122 HIS A N   1 
ATOM   426  C  CA  . HIS A 1 55  ? -1.216  -13.142 -1.421  1.00 2.54  ? 122 HIS A CA  1 
ATOM   427  C  C   . HIS A 1 55  ? -1.219  -11.701 -1.942  1.00 2.84  ? 122 HIS A C   1 
ATOM   428  O  O   . HIS A 1 55  ? -2.221  -10.987 -1.823  1.00 2.42  ? 122 HIS A O   1 
ATOM   429  C  CB  . HIS A 1 55  ? -1.567  -14.107 -2.573  1.00 3.10  ? 122 HIS A CB  1 
ATOM   430  C  CG  . HIS A 1 55  ? -0.472  -14.262 -3.587  1.00 3.85  ? 122 HIS A CG  1 
ATOM   431  N  ND1 . HIS A 1 55  ? -0.288  -13.344 -4.596  1.00 3.97  ? 122 HIS A ND1 1 
ATOM   432  C  CD2 . HIS A 1 55  ? 0.467   -15.231 -3.695  1.00 4.37  ? 122 HIS A CD2 1 
ATOM   433  C  CE1 . HIS A 1 55  ? 0.749   -13.772 -5.288  1.00 3.95  ? 122 HIS A CE1 1 
ATOM   434  N  NE2 . HIS A 1 55  ? 1.246   -14.910 -4.782  1.00 4.56  ? 122 HIS A NE2 1 
ATOM   435  N  N   . ASP A 1 56  ? -0.098  -11.274 -2.507  1.00 2.37  ? 123 ASP A N   1 
ATOM   436  C  CA  . ASP A 1 56  ? 0.002   -9.925  -3.041  1.00 2.10  ? 123 ASP A CA  1 
ATOM   437  C  C   . ASP A 1 56  ? -1.053  -9.662  -4.127  1.00 2.18  ? 123 ASP A C   1 
ATOM   438  O  O   . ASP A 1 56  ? -1.618  -8.582  -4.202  1.00 2.00  ? 123 ASP A O   1 
ATOM   439  C  CB  . ASP A 1 56  ? 1.404   -9.687  -3.617  1.00 2.26  ? 123 ASP A CB  1 
ATOM   440  C  CG  . ASP A 1 56  ? 1.562   -8.293  -4.195  1.00 2.02  ? 123 ASP A CG  1 
ATOM   441  O  OD1 . ASP A 1 56  ? 1.468   -7.313  -3.430  1.00 2.00  ? 123 ASP A OD1 1 
ATOM   442  O  OD2 . ASP A 1 56  ? 1.764   -8.173  -5.421  1.00 2.00  ? 123 ASP A OD2 1 
ATOM   443  N  N   . LEU A 1 57  ? -1.367  -10.686 -4.912  1.00 2.71  ? 124 LEU A N   1 
ATOM   444  C  CA  . LEU A 1 57  ? -2.301  -10.519 -6.013  1.00 2.97  ? 124 LEU A CA  1 
ATOM   445  C  C   . LEU A 1 57  ? -3.780  -10.428 -5.632  1.00 3.15  ? 124 LEU A C   1 
ATOM   446  O  O   . LEU A 1 57  ? -4.633  -10.269 -6.519  1.00 3.51  ? 124 LEU A O   1 
ATOM   447  C  CB  . LEU A 1 57  ? -2.011  -11.531 -7.119  1.00 3.12  ? 124 LEU A CB  1 
ATOM   448  C  CG  . LEU A 1 57  ? -0.599  -11.379 -7.697  1.00 3.20  ? 124 LEU A CG  1 
ATOM   449  C  CD1 . LEU A 1 57  ? -0.475  -12.321 -8.871  1.00 3.84  ? 124 LEU A CD1 1 
ATOM   450  C  CD2 . LEU A 1 57  ? -0.299  -9.951  -8.139  1.00 2.73  ? 124 LEU A CD2 1 
ATOM   451  N  N   . GLU A 1 58  ? -4.094  -10.559 -4.340  1.00 2.77  ? 125 GLU A N   1 
ATOM   452  C  CA  . GLU A 1 58  ? -5.474  -10.327 -3.902  1.00 2.43  ? 125 GLU A CA  1 
ATOM   453  C  C   . GLU A 1 58  ? -5.543  -8.963  -3.196  1.00 2.56  ? 125 GLU A C   1 
ATOM   454  O  O   . GLU A 1 58  ? -6.569  -8.599  -2.633  1.00 3.45  ? 125 GLU A O   1 
ATOM   455  C  CB  . GLU A 1 58  ? -6.014  -11.427 -2.989  1.00 2.00  ? 125 GLU A CB  1 
ATOM   456  C  CG  . GLU A 1 58  ? -5.403  -11.502 -1.584  1.00 2.00  ? 125 GLU A CG  1 
ATOM   457  C  CD  . GLU A 1 58  ? -5.878  -12.731 -0.831  1.00 2.06  ? 125 GLU A CD  1 
ATOM   458  O  OE1 . GLU A 1 58  ? -7.074  -12.811 -0.464  1.00 2.35  ? 125 GLU A OE1 1 
ATOM   459  O  OE2 . GLU A 1 58  ? -5.048  -13.626 -0.598  1.00 2.33  ? 125 GLU A OE2 1 
ATOM   460  N  N   . ARG A 1 59  ? -4.440  -8.216  -3.242  1.00 2.67  ? 126 ARG A N   1 
ATOM   461  C  CA  . ARG A 1 59  ? -4.363  -6.893  -2.608  1.00 2.38  ? 126 ARG A CA  1 
ATOM   462  C  C   . ARG A 1 59  ? -4.164  -5.774  -3.638  1.00 2.85  ? 126 ARG A C   1 
ATOM   463  O  O   . ARG A 1 59  ? -4.205  -4.594  -3.293  1.00 2.66  ? 126 ARG A O   1 
ATOM   464  C  CB  . ARG A 1 59  ? -3.242  -6.854  -1.561  1.00 2.26  ? 126 ARG A CB  1 
ATOM   465  C  CG  . ARG A 1 59  ? -3.546  -7.681  -0.312  1.00 2.00  ? 126 ARG A CG  1 
ATOM   466  C  CD  . ARG A 1 59  ? -2.370  -7.677  0.685   1.00 2.19  ? 126 ARG A CD  1 
ATOM   467  N  NE  . ARG A 1 59  ? -1.996  -6.325  1.111   1.00 2.00  ? 126 ARG A NE  1 
ATOM   468  C  CZ  . ARG A 1 59  ? -2.675  -5.594  1.998   1.00 2.00  ? 126 ARG A CZ  1 
ATOM   469  N  NH1 . ARG A 1 59  ? -3.769  -6.068  2.571   1.00 2.00  ? 126 ARG A NH1 1 
ATOM   470  N  NH2 . ARG A 1 59  ? -2.279  -4.362  2.292   1.00 2.00  ? 126 ARG A NH2 1 
ATOM   471  N  N   . VAL A 1 60  ? -3.937  -6.161  -4.888  1.00 3.17  ? 127 VAL A N   1 
ATOM   472  C  CA  . VAL A 1 60  ? -3.749  -5.221  -6.004  1.00 4.02  ? 127 VAL A CA  1 
ATOM   473  C  C   . VAL A 1 60  ? -4.542  -5.736  -7.213  1.00 4.90  ? 127 VAL A C   1 
ATOM   474  O  O   . VAL A 1 60  ? -4.888  -6.928  -7.270  1.00 4.99  ? 127 VAL A O   1 
ATOM   475  C  CB  . VAL A 1 60  ? -2.239  -5.086  -6.430  1.00 3.52  ? 127 VAL A CB  1 
ATOM   476  C  CG1 . VAL A 1 60  ? -1.385  -4.586  -5.269  1.00 3.55  ? 127 VAL A CG1 1 
ATOM   477  C  CG2 . VAL A 1 60  ? -1.696  -6.418  -6.961  1.00 3.91  ? 127 VAL A CG2 1 
ATOM   478  N  N   . LYS A 1 61  ? -4.928  -4.832  -8.109  1.00 5.93  ? 128 LYS A N   1 
ATOM   479  C  CA  . LYS A 1 61  ? -5.643  -5.205  -9.332  1.00 7.12  ? 128 LYS A CA  1 
ATOM   480  C  C   . LYS A 1 61  ? -4.632  -5.301  -10.474 1.00 7.90  ? 128 LYS A C   1 
ATOM   481  O  O   . LYS A 1 61  ? -4.703  -6.190  -11.312 1.00 9.51  ? 128 LYS A O   1 
ATOM   482  C  CB  . LYS A 1 61  ? -6.744  -4.198  -9.662  1.00 8.02  ? 128 LYS A CB  1 
ATOM   483  C  CG  . LYS A 1 61  ? -7.952  -4.272  -8.740  1.00 8.80  ? 128 LYS A CG  1 
ATOM   484  C  CD  . LYS A 1 61  ? -9.136  -3.497  -9.316  1.00 10.18 ? 128 LYS A CD  1 
ATOM   485  C  CE  . LYS A 1 61  ? -10.424 -3.816  -8.565  1.00 11.68 ? 128 LYS A CE  1 
ATOM   486  N  NZ  . LYS A 1 61  ? -11.608 -3.135  -9.175  1.00 13.02 ? 128 LYS A NZ  1 
ATOM   487  N  N   . LYS A 1 62  ? -3.716  -4.347  -10.510 1.00 8.10  ? 129 LYS A N   1 
ATOM   488  C  CA  . LYS A 1 62  ? -2.628  -4.308  -11.476 1.00 8.29  ? 129 LYS A CA  1 
ATOM   489  C  C   . LYS A 1 62  ? -1.373  -4.413  -10.631 1.00 7.62  ? 129 LYS A C   1 
ATOM   490  O  O   . LYS A 1 62  ? -1.199  -3.639  -9.699  1.00 7.04  ? 129 LYS A O   1 
ATOM   491  C  CB  . LYS A 1 62  ? -2.624  -2.996  -12.270 1.00 9.62  ? 129 LYS A CB  1 
ATOM   492  C  CG  . LYS A 1 62  ? -3.725  -2.897  -13.315 1.00 11.93 ? 129 LYS A CG  1 
ATOM   493  C  CD  . LYS A 1 62  ? -3.650  -1.593  -14.110 1.00 13.68 ? 129 LYS A CD  1 
ATOM   494  C  CE  . LYS A 1 62  ? -4.697  -1.585  -15.232 1.00 15.46 ? 129 LYS A CE  1 
ATOM   495  N  NZ  . LYS A 1 62  ? -4.911  -0.228  -15.821 1.00 17.55 ? 129 LYS A NZ  1 
ATOM   496  N  N   . PRO A 1 63  ? -0.488  -5.379  -10.937 1.00 7.24  ? 130 PRO A N   1 
ATOM   497  C  CA  . PRO A 1 63  ? 0.758   -5.618  -10.188 1.00 6.73  ? 130 PRO A CA  1 
ATOM   498  C  C   . PRO A 1 63  ? 1.649   -4.392  -9.983  1.00 5.87  ? 130 PRO A C   1 
ATOM   499  O  O   . PRO A 1 63  ? 2.290   -4.262  -8.948  1.00 4.87  ? 130 PRO A O   1 
ATOM   500  C  CB  . PRO A 1 63  ? 1.481   -6.661  -11.042 1.00 7.09  ? 130 PRO A CB  1 
ATOM   501  C  CG  . PRO A 1 63  ? 0.374   -7.399  -11.688 1.00 8.04  ? 130 PRO A CG  1 
ATOM   502  C  CD  . PRO A 1 63  ? -0.617  -6.326  -12.059 1.00 7.07  ? 130 PRO A CD  1 
ATOM   503  N  N   . GLU A 1 64  ? 1.706   -3.507  -10.969 1.00 5.60  ? 131 GLU A N   1 
ATOM   504  C  CA  . GLU A 1 64  ? 2.565   -2.340  -10.870 1.00 6.25  ? 131 GLU A CA  1 
ATOM   505  C  C   . GLU A 1 64  ? 2.017   -1.191  -10.004 1.00 5.60  ? 131 GLU A C   1 
ATOM   506  O  O   . GLU A 1 64  ? 2.684   -0.152  -9.870  1.00 5.52  ? 131 GLU A O   1 
ATOM   507  C  CB  . GLU A 1 64  ? 2.948   -1.842  -12.264 1.00 7.71  ? 131 GLU A CB  1 
ATOM   508  C  CG  . GLU A 1 64  ? 1.819   -1.253  -13.071 1.00 10.33 ? 131 GLU A CG  1 
ATOM   509  C  CD  . GLU A 1 64  ? 1.083   -2.252  -13.960 1.00 12.34 ? 131 GLU A CD  1 
ATOM   510  O  OE1 . GLU A 1 64  ? 1.126   -3.487  -13.719 1.00 12.46 ? 131 GLU A OE1 1 
ATOM   511  O  OE2 . GLU A 1 64  ? 0.438   -1.777  -14.926 1.00 13.90 ? 131 GLU A OE2 1 
ATOM   512  N  N   . TRP A 1 65  ? 0.844   -1.381  -9.404  1.00 4.56  ? 132 TRP A N   1 
ATOM   513  C  CA  . TRP A 1 65  ? 0.237   -0.347  -8.556  1.00 3.98  ? 132 TRP A CA  1 
ATOM   514  C  C   . TRP A 1 65  ? -0.287  -0.889  -7.233  1.00 3.73  ? 132 TRP A C   1 
ATOM   515  O  O   . TRP A 1 65  ? -1.081  -1.823  -7.226  1.00 4.19  ? 132 TRP A O   1 
ATOM   516  C  CB  . TRP A 1 65  ? -0.956  0.322   -9.257  1.00 4.09  ? 132 TRP A CB  1 
ATOM   517  C  CG  . TRP A 1 65  ? -0.588  1.088   -10.474 1.00 4.84  ? 132 TRP A CG  1 
ATOM   518  C  CD1 . TRP A 1 65  ? -0.743  0.691   -11.780 1.00 5.62  ? 132 TRP A CD1 1 
ATOM   519  C  CD2 . TRP A 1 65  ? 0.063   2.365   -10.513 1.00 4.86  ? 132 TRP A CD2 1 
ATOM   520  N  NE1 . TRP A 1 65  ? -0.210  1.636   -12.624 1.00 5.04  ? 132 TRP A NE1 1 
ATOM   521  C  CE2 . TRP A 1 65  ? 0.288   2.674   -11.879 1.00 5.26  ? 132 TRP A CE2 1 
ATOM   522  C  CE3 . TRP A 1 65  ? 0.480   3.275   -9.531  1.00 4.28  ? 132 TRP A CE3 1 
ATOM   523  C  CZ2 . TRP A 1 65  ? 0.920   3.864   -12.283 1.00 4.73  ? 132 TRP A CZ2 1 
ATOM   524  C  CZ3 . TRP A 1 65  ? 1.104   4.449   -9.932  1.00 4.22  ? 132 TRP A CZ3 1 
ATOM   525  C  CH2 . TRP A 1 65  ? 1.319   4.733   -11.300 1.00 4.84  ? 132 TRP A CH2 1 
ATOM   526  N  N   . VAL A 1 66  ? 0.210   -0.361  -6.116  1.00 2.92  ? 133 VAL A N   1 
ATOM   527  C  CA  . VAL A 1 66  ? -0.348  -0.758  -4.837  1.00 2.71  ? 133 VAL A CA  1 
ATOM   528  C  C   . VAL A 1 66  ? -1.032  0.489   -4.248  1.00 2.85  ? 133 VAL A C   1 
ATOM   529  O  O   . VAL A 1 66  ? -0.455  1.588   -4.253  1.00 2.87  ? 133 VAL A O   1 
ATOM   530  C  CB  . VAL A 1 66  ? 0.688   -1.410  -3.859  1.00 2.23  ? 133 VAL A CB  1 
ATOM   531  C  CG1 . VAL A 1 66  ? 1.740   -0.419  -3.394  1.00 2.16  ? 133 VAL A CG1 1 
ATOM   532  C  CG2 . VAL A 1 66  ? -0.052  -2.048  -2.661  1.00 2.99  ? 133 VAL A CG2 1 
ATOM   533  N  N   . ILE A 1 67  ? -2.299  0.345   -3.871  1.00 2.74  ? 134 ILE A N   1 
ATOM   534  C  CA  . ILE A 1 67  ? -3.088  1.452   -3.331  1.00 2.24  ? 134 ILE A CA  1 
ATOM   535  C  C   . ILE A 1 67  ? -3.536  1.094   -1.925  1.00 2.00  ? 134 ILE A C   1 
ATOM   536  O  O   . ILE A 1 67  ? -4.189  0.069   -1.718  1.00 2.00  ? 134 ILE A O   1 
ATOM   537  C  CB  . ILE A 1 67  ? -4.274  1.768   -4.264  1.00 2.45  ? 134 ILE A CB  1 
ATOM   538  C  CG1 . ILE A 1 67  ? -3.729  2.101   -5.662  1.00 2.00  ? 134 ILE A CG1 1 
ATOM   539  C  CG2 . ILE A 1 67  ? -5.132  2.911   -3.698  1.00 2.00  ? 134 ILE A CG2 1 
ATOM   540  C  CD1 . ILE A 1 67  ? -4.769  2.474   -6.676  1.00 2.44  ? 134 ILE A CD1 1 
ATOM   541  N  N   . LEU A 1 68  ? -3.175  1.946   -0.969  1.00 2.00  ? 135 LEU A N   1 
ATOM   542  C  CA  . LEU A 1 68  ? -3.436  1.664   0.437   1.00 2.00  ? 135 LEU A CA  1 
ATOM   543  C  C   . LEU A 1 68  ? -3.880  2.873   1.248   1.00 2.00  ? 135 LEU A C   1 
ATOM   544  O  O   . LEU A 1 68  ? -3.492  3.996   0.952   1.00 2.00  ? 135 LEU A O   1 
ATOM   545  C  CB  . LEU A 1 68  ? -2.122  1.176   1.073   1.00 2.00  ? 135 LEU A CB  1 
ATOM   546  C  CG  . LEU A 1 68  ? -1.364  0.004   0.429   1.00 2.00  ? 135 LEU A CG  1 
ATOM   547  C  CD1 . LEU A 1 68  ? 0.061   -0.062  0.967   1.00 2.00  ? 135 LEU A CD1 1 
ATOM   548  C  CD2 . LEU A 1 68  ? -2.125  -1.306  0.672   1.00 2.00  ? 135 LEU A CD2 1 
ATOM   549  N  N   . ILE A 1 69  ? -4.657  2.624   2.299   1.00 2.00  ? 136 ILE A N   1 
ATOM   550  C  CA  . ILE A 1 69  ? -5.047  3.690   3.227   1.00 2.06  ? 136 ILE A CA  1 
ATOM   551  C  C   . ILE A 1 69  ? -3.806  3.864   4.122   1.00 2.00  ? 136 ILE A C   1 
ATOM   552  O  O   . ILE A 1 69  ? -3.359  2.894   4.736   1.00 2.43  ? 136 ILE A O   1 
ATOM   553  C  CB  . ILE A 1 69  ? -6.287  3.285   4.108   1.00 2.44  ? 136 ILE A CB  1 
ATOM   554  C  CG1 . ILE A 1 69  ? -7.524  3.039   3.233   1.00 2.67  ? 136 ILE A CG1 1 
ATOM   555  C  CG2 . ILE A 1 69  ? -6.588  4.354   5.148   1.00 2.00  ? 136 ILE A CG2 1 
ATOM   556  C  CD1 . ILE A 1 69  ? -7.910  4.192   2.417   1.00 4.05  ? 136 ILE A CD1 1 
ATOM   557  N  N   . GLY A 1 70  ? -3.254  5.074   4.180   1.00 2.00  ? 137 GLY A N   1 
ATOM   558  C  CA  . GLY A 1 70  ? -2.040  5.323   4.944   1.00 2.86  ? 137 GLY A CA  1 
ATOM   559  C  C   . GLY A 1 70  ? -2.266  5.543   6.423   1.00 3.51  ? 137 GLY A C   1 
ATOM   560  O  O   . GLY A 1 70  ? -1.877  6.585   6.959   1.00 4.08  ? 137 GLY A O   1 
ATOM   561  N  N   . VAL A 1 71  ? -2.832  4.536   7.078   1.00 3.78  ? 138 VAL A N   1 
ATOM   562  C  CA  . VAL A 1 71  ? -3.138  4.567   8.511   1.00 4.49  ? 138 VAL A CA  1 
ATOM   563  C  C   . VAL A 1 71  ? -2.677  3.247   9.121   1.00 4.91  ? 138 VAL A C   1 
ATOM   564  O  O   . VAL A 1 71  ? -3.168  2.181   8.739   1.00 5.45  ? 138 VAL A O   1 
ATOM   565  C  CB  . VAL A 1 71  ? -4.681  4.751   8.748   1.00 4.14  ? 138 VAL A CB  1 
ATOM   566  C  CG1 . VAL A 1 71  ? -5.019  4.703   10.241  1.00 4.80  ? 138 VAL A CG1 1 
ATOM   567  C  CG2 . VAL A 1 71  ? -5.177  6.059   8.120   1.00 3.14  ? 138 VAL A CG2 1 
ATOM   568  N  N   . CYS A 1 72  ? -1.716  3.305   10.040  1.00 5.76  ? 139 CYS A N   1 
ATOM   569  C  CA  . CYS A 1 72  ? -1.187  2.102   10.692  1.00 6.47  ? 139 CYS A CA  1 
ATOM   570  C  C   . CYS A 1 72  ? -2.312  1.386   11.430  1.00 6.85  ? 139 CYS A C   1 
ATOM   571  O  O   . CYS A 1 72  ? -3.067  2.025   12.172  1.00 6.96  ? 139 CYS A O   1 
ATOM   572  C  CB  . CYS A 1 72  ? -0.070  2.478   11.672  1.00 6.31  ? 139 CYS A CB  1 
ATOM   573  S  SG  . CYS A 1 72  ? 0.716   1.061   12.510  1.00 6.75  ? 139 CYS A SG  1 
ATOM   574  N  N   . THR A 1 73  ? -2.411  0.067   11.238  1.00 6.99  ? 140 THR A N   1 
ATOM   575  C  CA  . THR A 1 73  ? -3.472  -0.727  11.868  1.00 7.10  ? 140 THR A CA  1 
ATOM   576  C  C   . THR A 1 73  ? -3.280  -0.919  13.375  1.00 7.50  ? 140 THR A C   1 
ATOM   577  O  O   . THR A 1 73  ? -4.180  -1.417  14.050  1.00 8.40  ? 140 THR A O   1 
ATOM   578  C  CB  . THR A 1 73  ? -3.641  -2.107  11.193  1.00 6.94  ? 140 THR A CB  1 
ATOM   579  O  OG1 . THR A 1 73  ? -2.470  -2.904  11.435  1.00 6.88  ? 140 THR A OG1 1 
ATOM   580  C  CG2 . THR A 1 73  ? -3.887  -1.948  9.682   1.00 7.35  ? 140 THR A CG2 1 
ATOM   581  N  N   . HIS A 1 74  ? -2.109  -0.553  13.894  1.00 7.82  ? 141 HIS A N   1 
ATOM   582  C  CA  . HIS A 1 74  ? -1.838  -0.661  15.322  1.00 7.93  ? 141 HIS A CA  1 
ATOM   583  C  C   . HIS A 1 74  ? -2.592  0.439   16.074  1.00 8.10  ? 141 HIS A C   1 
ATOM   584  O  O   . HIS A 1 74  ? -3.604  0.174   16.729  1.00 8.14  ? 141 HIS A O   1 
ATOM   585  C  CB  . HIS A 1 74  ? -0.328  -0.560  15.595  1.00 7.97  ? 141 HIS A CB  1 
ATOM   586  C  CG  . HIS A 1 74  ? 0.038   -0.667  17.046  1.00 7.31  ? 141 HIS A CG  1 
ATOM   587  N  ND1 . HIS A 1 74  ? 0.806   0.283   17.672  1.00 7.28  ? 141 HIS A ND1 1 
ATOM   588  C  CD2 . HIS A 1 74  ? -0.299  -1.637  17.938  1.00 7.62  ? 141 HIS A CD2 1 
ATOM   589  C  CE1 . HIS A 1 74  ? 0.924   -0.123  18.928  1.00 7.66  ? 141 HIS A CE1 1 
ATOM   590  N  NE2 . HIS A 1 74  ? 0.274   -1.275  19.135  1.00 7.51  ? 141 HIS A NE2 1 
ATOM   591  N  N   . LEU A 1 75  ? -2.108  1.673   15.979  1.00 8.38  ? 142 LEU A N   1 
ATOM   592  C  CA  . LEU A 1 75  ? -2.767  2.771   16.671  1.00 8.63  ? 142 LEU A CA  1 
ATOM   593  C  C   . LEU A 1 75  ? -3.056  4.004   15.811  1.00 8.55  ? 142 LEU A C   1 
ATOM   594  O  O   . LEU A 1 75  ? -3.211  5.101   16.339  1.00 9.44  ? 142 LEU A O   1 
ATOM   595  C  CB  . LEU A 1 75  ? -2.049  3.115   17.987  1.00 8.64  ? 142 LEU A CB  1 
ATOM   596  C  CG  . LEU A 1 75  ? -2.238  2.075   19.105  1.00 8.56  ? 142 LEU A CG  1 
ATOM   597  C  CD1 . LEU A 1 75  ? -1.390  2.431   20.311  1.00 8.86  ? 142 LEU A CD1 1 
ATOM   598  C  CD2 . LEU A 1 75  ? -3.722  1.967   19.498  1.00 8.67  ? 142 LEU A CD2 1 
ATOM   599  N  N   . GLY A 1 76  ? -3.047  3.848   14.490  1.00 8.56  ? 143 GLY A N   1 
ATOM   600  C  CA  . GLY A 1 76  ? -3.451  4.947   13.623  1.00 8.37  ? 143 GLY A CA  1 
ATOM   601  C  C   . GLY A 1 76  ? -2.401  5.923   13.116  1.00 8.62  ? 143 GLY A C   1 
ATOM   602  O  O   . GLY A 1 76  ? -2.786  6.868   12.417  1.00 9.40  ? 143 GLY A O   1 
ATOM   603  N  N   . CYS A 1 77  ? -1.117  5.757   13.418  1.00 8.37  ? 144 CYS A N   1 
ATOM   604  C  CA  . CYS A 1 77  ? -0.119  6.708   12.896  1.00 7.81  ? 144 CYS A CA  1 
ATOM   605  C  C   . CYS A 1 77  ? 0.062   6.572   11.370  1.00 7.32  ? 144 CYS A C   1 
ATOM   606  O  O   . CYS A 1 77  ? -0.582  5.728   10.752  1.00 8.29  ? 144 CYS A O   1 
ATOM   607  C  CB  . CYS A 1 77  ? 1.204   6.520   13.618  1.00 6.84  ? 144 CYS A CB  1 
ATOM   608  S  SG  . CYS A 1 77  ? 1.196   7.235   15.289  1.00 7.00  ? 144 CYS A SG  1 
ATOM   609  N  N   . VAL A 1 78  ? 0.918   7.391   10.756  1.00 6.49  ? 145 VAL A N   1 
ATOM   610  C  CA  . VAL A 1 78  ? 1.116   7.317   9.304   1.00 6.13  ? 145 VAL A CA  1 
ATOM   611  C  C   . VAL A 1 78  ? 2.381   6.542   8.913   1.00 5.44  ? 145 VAL A C   1 
ATOM   612  O  O   . VAL A 1 78  ? 3.486   6.919   9.281   1.00 4.60  ? 145 VAL A O   1 
ATOM   613  C  CB  . VAL A 1 78  ? 1.152   8.752   8.657   1.00 6.93  ? 145 VAL A CB  1 
ATOM   614  C  CG1 . VAL A 1 78  ? 1.416   8.675   7.155   1.00 6.69  ? 145 VAL A CG1 1 
ATOM   615  C  CG2 . VAL A 1 78  ? -0.167  9.464   8.911   1.00 7.28  ? 145 VAL A CG2 1 
ATOM   616  N  N   . PRO A 1 79  ? 2.225   5.434   8.165   1.00 5.19  ? 146 PRO A N   1 
ATOM   617  C  CA  . PRO A 1 79  ? 3.377   4.640   7.718   1.00 4.84  ? 146 PRO A CA  1 
ATOM   618  C  C   . PRO A 1 79  ? 4.248   5.455   6.754   1.00 4.97  ? 146 PRO A C   1 
ATOM   619  O  O   . PRO A 1 79  ? 3.723   6.146   5.875   1.00 5.17  ? 146 PRO A O   1 
ATOM   620  C  CB  . PRO A 1 79  ? 2.711   3.472   6.982   1.00 4.59  ? 146 PRO A CB  1 
ATOM   621  C  CG  . PRO A 1 79  ? 1.406   3.330   7.682   1.00 4.71  ? 146 PRO A CG  1 
ATOM   622  C  CD  . PRO A 1 79  ? 0.966   4.754   7.818   1.00 4.99  ? 146 PRO A CD  1 
ATOM   623  N  N   . ILE A 1 80  ? 5.563   5.364   6.915   1.00 4.63  ? 147 ILE A N   1 
ATOM   624  C  CA  . ILE A 1 80  ? 6.513   6.087   6.068   1.00 4.85  ? 147 ILE A CA  1 
ATOM   625  C  C   . ILE A 1 80  ? 7.026   5.161   4.962   1.00 4.98  ? 147 ILE A C   1 
ATOM   626  O  O   . ILE A 1 80  ? 7.565   4.096   5.251   1.00 4.33  ? 147 ILE A O   1 
ATOM   627  C  CB  . ILE A 1 80  ? 7.674   6.638   6.928   1.00 4.75  ? 147 ILE A CB  1 
ATOM   628  C  CG1 . ILE A 1 80  ? 7.116   7.660   7.920   1.00 5.75  ? 147 ILE A CG1 1 
ATOM   629  C  CG2 . ILE A 1 80  ? 8.749   7.260   6.046   1.00 4.73  ? 147 ILE A CG2 1 
ATOM   630  C  CD1 . ILE A 1 80  ? 8.019   7.990   9.099   1.00 6.87  ? 147 ILE A CD1 1 
ATOM   631  N  N   . ALA A 1 81  ? 6.842   5.564   3.698   1.00 4.94  ? 148 ALA A N   1 
ATOM   632  C  CA  . ALA A 1 81  ? 7.265   4.766   2.539   1.00 5.38  ? 148 ALA A CA  1 
ATOM   633  C  C   . ALA A 1 81  ? 8.780   4.606   2.424   1.00 6.16  ? 148 ALA A C   1 
ATOM   634  O  O   . ALA A 1 81  ? 9.553   5.531   2.739   1.00 5.76  ? 148 ALA A O   1 
ATOM   635  C  CB  . ALA A 1 81  ? 6.730   5.385   1.249   1.00 4.95  ? 148 ALA A CB  1 
ATOM   636  N  N   . ASN A 1 82  ? 9.179   3.443   1.916   1.00 7.04  ? 149 ASN A N   1 
ATOM   637  C  CA  . ASN A 1 82  ? 10.578  3.103   1.665   1.00 8.07  ? 149 ASN A CA  1 
ATOM   638  C  C   . ASN A 1 82  ? 11.434  3.147   2.921   1.00 8.48  ? 149 ASN A C   1 
ATOM   639  O  O   . ASN A 1 82  ? 12.557  3.671   2.916   1.00 10.06 ? 149 ASN A O   1 
ATOM   640  C  CB  . ASN A 1 82  ? 11.151  4.025   0.581   1.00 9.05  ? 149 ASN A CB  1 
ATOM   641  C  CG  . ASN A 1 82  ? 10.289  4.057   -0.671  1.00 10.10 ? 149 ASN A CG  1 
ATOM   642  O  OD1 . ASN A 1 82  ? 10.236  3.090   -1.422  1.00 12.16 ? 149 ASN A OD1 1 
ATOM   643  N  ND2 . ASN A 1 82  ? 9.599   5.163   -0.886  1.00 11.29 ? 149 ASN A ND2 1 
ATOM   644  N  N   . ALA A 1 83  ? 10.845  2.692   4.018   1.00 7.49  ? 150 ALA A N   1 
ATOM   645  C  CA  . ALA A 1 83  ? 11.522  2.619   5.298   1.00 6.70  ? 150 ALA A CA  1 
ATOM   646  C  C   . ALA A 1 83  ? 11.154  1.270   5.904   1.00 6.23  ? 150 ALA A C   1 
ATOM   647  O  O   . ALA A 1 83  ? 10.189  0.638   5.462   1.00 5.76  ? 150 ALA A O   1 
ATOM   648  C  CB  . ALA A 1 83  ? 11.098  3.760   6.210   1.00 6.48  ? 150 ALA A CB  1 
ATOM   649  N  N   . GLY A 1 84  ? 11.916  0.828   6.899   1.00 6.15  ? 151 GLY A N   1 
ATOM   650  C  CA  . GLY A 1 84  ? 11.645  -0.466  7.502   1.00 6.33  ? 151 GLY A CA  1 
ATOM   651  C  C   . GLY A 1 84  ? 12.488  -1.548  6.857   1.00 6.44  ? 151 GLY A C   1 
ATOM   652  O  O   . GLY A 1 84  ? 13.140  -1.287  5.843   1.00 6.58  ? 151 GLY A O   1 
ATOM   653  N  N   . ASP A 1 85  ? 12.405  -2.773  7.370   1.00 6.76  ? 152 ASP A N   1 
ATOM   654  C  CA  . ASP A 1 85  ? 13.221  -3.892  6.875   1.00 7.32  ? 152 ASP A CA  1 
ATOM   655  C  C   . ASP A 1 85  ? 12.715  -4.571  5.604   1.00 7.81  ? 152 ASP A C   1 
ATOM   656  O  O   . ASP A 1 85  ? 13.373  -5.481  5.111   1.00 7.97  ? 152 ASP A O   1 
ATOM   657  C  CB  . ASP A 1 85  ? 13.302  -5.013  7.927   1.00 8.51  ? 152 ASP A CB  1 
ATOM   658  C  CG  . ASP A 1 85  ? 14.001  -4.607  9.213   1.00 9.78  ? 152 ASP A CG  1 
ATOM   659  O  OD1 . ASP A 1 85  ? 14.685  -3.571  9.260   1.00 10.85 ? 152 ASP A OD1 1 
ATOM   660  O  OD2 . ASP A 1 85  ? 13.878  -5.382  10.190  1.00 11.80 ? 152 ASP A OD2 1 
ATOM   661  N  N   . PHE A 1 86  ? 11.552  -4.188  5.090   1.00 7.74  ? 153 PHE A N   1 
ATOM   662  C  CA  . PHE A 1 86  ? 11.000  -4.887  3.931   1.00 8.34  ? 153 PHE A CA  1 
ATOM   663  C  C   . PHE A 1 86  ? 10.752  -4.008  2.707   1.00 8.90  ? 153 PHE A C   1 
ATOM   664  O  O   . PHE A 1 86  ? 9.992   -4.387  1.817   1.00 10.18 ? 153 PHE A O   1 
ATOM   665  C  CB  . PHE A 1 86  ? 9.719   -5.625  4.353   1.00 8.37  ? 153 PHE A CB  1 
ATOM   666  C  CG  . PHE A 1 86  ? 9.929   -6.591  5.493   1.00 8.71  ? 153 PHE A CG  1 
ATOM   667  C  CD1 . PHE A 1 86  ? 9.921   -6.145  6.816   1.00 8.57  ? 153 PHE A CD1 1 
ATOM   668  C  CD2 . PHE A 1 86  ? 10.196  -7.937  5.246   1.00 8.77  ? 153 PHE A CD2 1 
ATOM   669  C  CE1 . PHE A 1 86  ? 10.183  -7.021  7.872   1.00 9.39  ? 153 PHE A CE1 1 
ATOM   670  C  CE2 . PHE A 1 86  ? 10.458  -8.820  6.296   1.00 8.93  ? 153 PHE A CE2 1 
ATOM   671  C  CZ  . PHE A 1 86  ? 10.456  -8.364  7.608   1.00 8.92  ? 153 PHE A CZ  1 
ATOM   672  N  N   . GLY A 1 87  ? 11.408  -2.849  2.661   1.00 9.03  ? 154 GLY A N   1 
ATOM   673  C  CA  . GLY A 1 87  ? 11.264  -1.937  1.539   1.00 8.94  ? 154 GLY A CA  1 
ATOM   674  C  C   . GLY A 1 87  ? 9.819   -1.580  1.235   1.00 8.52  ? 154 GLY A C   1 
ATOM   675  O  O   . GLY A 1 87  ? 9.443   -1.420  0.064   1.00 9.81  ? 154 GLY A O   1 
ATOM   676  N  N   . GLY A 1 88  ? 8.997   -1.536  2.272   1.00 7.01  ? 155 GLY A N   1 
ATOM   677  C  CA  . GLY A 1 88  ? 7.600   -1.182  2.100   1.00 4.82  ? 155 GLY A CA  1 
ATOM   678  C  C   . GLY A 1 88  ? 7.307   0.120   2.815   1.00 4.14  ? 155 GLY A C   1 
ATOM   679  O  O   . GLY A 1 88  ? 7.443   1.202   2.244   1.00 3.69  ? 155 GLY A O   1 
ATOM   680  N  N   . TYR A 1 89  ? 6.931   0.010   4.080   1.00 3.08  ? 156 TYR A N   1 
ATOM   681  C  CA  . TYR A 1 89  ? 6.641   1.174   4.916   1.00 2.64  ? 156 TYR A CA  1 
ATOM   682  C  C   . TYR A 1 89  ? 7.091   0.889   6.336   1.00 2.27  ? 156 TYR A C   1 
ATOM   683  O  O   . TYR A 1 89  ? 7.244   -0.271  6.729   1.00 2.00  ? 156 TYR A O   1 
ATOM   684  C  CB  . TYR A 1 89  ? 5.136   1.476   4.978   1.00 2.22  ? 156 TYR A CB  1 
ATOM   685  C  CG  . TYR A 1 89  ? 4.479   1.689   3.640   1.00 2.00  ? 156 TYR A CG  1 
ATOM   686  C  CD1 . TYR A 1 89  ? 4.089   0.600   2.851   1.00 2.01  ? 156 TYR A CD1 1 
ATOM   687  C  CD2 . TYR A 1 89  ? 4.290   2.972   3.137   1.00 2.00  ? 156 TYR A CD2 1 
ATOM   688  C  CE1 . TYR A 1 89  ? 3.535   0.786   1.586   1.00 2.35  ? 156 TYR A CE1 1 
ATOM   689  C  CE2 . TYR A 1 89  ? 3.736   3.170   1.876   1.00 2.39  ? 156 TYR A CE2 1 
ATOM   690  C  CZ  . TYR A 1 89  ? 3.365   2.074   1.105   1.00 2.22  ? 156 TYR A CZ  1 
ATOM   691  O  OH  . TYR A 1 89  ? 2.850   2.267   -0.150  1.00 3.23  ? 156 TYR A OH  1 
ATOM   692  N  N   . TYR A 1 90  ? 7.204   1.949   7.120   1.00 2.43  ? 157 TYR A N   1 
ATOM   693  C  CA  . TYR A 1 90  ? 7.582   1.836   8.520   1.00 2.76  ? 157 TYR A CA  1 
ATOM   694  C  C   . TYR A 1 90  ? 6.772   2.819   9.356   1.00 3.43  ? 157 TYR A C   1 
ATOM   695  O  O   . TYR A 1 90  ? 6.726   4.005   9.041   1.00 3.39  ? 157 TYR A O   1 
ATOM   696  C  CB  . TYR A 1 90  ? 9.079   2.125   8.697   1.00 3.15  ? 157 TYR A CB  1 
ATOM   697  C  CG  . TYR A 1 90  ? 9.540   2.204   10.143  1.00 2.44  ? 157 TYR A CG  1 
ATOM   698  C  CD1 . TYR A 1 90  ? 9.651   1.055   10.931  1.00 3.17  ? 157 TYR A CD1 1 
ATOM   699  C  CD2 . TYR A 1 90  ? 9.850   3.435   10.723  1.00 2.44  ? 157 TYR A CD2 1 
ATOM   700  C  CE1 . TYR A 1 90  ? 10.069  1.134   12.270  1.00 2.57  ? 157 TYR A CE1 1 
ATOM   701  C  CE2 . TYR A 1 90  ? 10.270  3.525   12.050  1.00 2.95  ? 157 TYR A CE2 1 
ATOM   702  C  CZ  . TYR A 1 90  ? 10.374  2.376   12.820  1.00 3.17  ? 157 TYR A CZ  1 
ATOM   703  O  OH  . TYR A 1 90  ? 10.813  2.481   14.121  1.00 3.43  ? 157 TYR A OH  1 
ATOM   704  N  N   . CYS A 1 91  ? 6.052   2.313   10.349  1.00 3.40  ? 158 CYS A N   1 
ATOM   705  C  CA  . CYS A 1 91  ? 5.304   3.179   11.252  1.00 4.04  ? 158 CYS A CA  1 
ATOM   706  C  C   . CYS A 1 91  ? 6.183   3.418   12.482  1.00 4.12  ? 158 CYS A C   1 
ATOM   707  O  O   . CYS A 1 91  ? 6.407   2.502   13.289  1.00 3.55  ? 158 CYS A O   1 
ATOM   708  C  CB  . CYS A 1 91  ? 3.989   2.559   11.686  1.00 4.54  ? 158 CYS A CB  1 
ATOM   709  S  SG  . CYS A 1 91  ? 3.075   3.763   12.707  1.00 6.24  ? 158 CYS A SG  1 
ATOM   710  N  N   . PRO A 1 92  ? 6.649   4.663   12.671  1.00 4.27  ? 159 PRO A N   1 
ATOM   711  C  CA  . PRO A 1 92  ? 7.537   4.998   13.786  1.00 5.22  ? 159 PRO A CA  1 
ATOM   712  C  C   . PRO A 1 92  ? 6.901   5.067   15.166  1.00 5.48  ? 159 PRO A C   1 
ATOM   713  O  O   . PRO A 1 92  ? 7.606   4.994   16.171  1.00 6.97  ? 159 PRO A O   1 
ATOM   714  C  CB  . PRO A 1 92  ? 8.123   6.336   13.352  1.00 4.65  ? 159 PRO A CB  1 
ATOM   715  C  CG  . PRO A 1 92  ? 6.954   6.977   12.669  1.00 4.76  ? 159 PRO A CG  1 
ATOM   716  C  CD  . PRO A 1 92  ? 6.372   5.855   11.844  1.00 4.30  ? 159 PRO A CD  1 
ATOM   717  N  N   . CYS A 1 93  ? 5.582   5.160   15.240  1.00 5.71  ? 160 CYS A N   1 
ATOM   718  C  CA  . CYS A 1 93  ? 4.943   5.261   16.538  1.00 5.75  ? 160 CYS A CA  1 
ATOM   719  C  C   . CYS A 1 93  ? 5.289   4.098   17.463  1.00 6.15  ? 160 CYS A C   1 
ATOM   720  O  O   . CYS A 1 93  ? 5.643   4.319   18.626  1.00 6.25  ? 160 CYS A O   1 
ATOM   721  C  CB  . CYS A 1 93  ? 3.442   5.497   16.389  1.00 5.99  ? 160 CYS A CB  1 
ATOM   722  S  SG  . CYS A 1 93  ? 3.181   7.165   15.704  1.00 6.27  ? 160 CYS A SG  1 
ATOM   723  N  N   . HIS A 1 94  ? 5.218   2.871   16.951  1.00 5.72  ? 161 HIS A N   1 
ATOM   724  C  CA  . HIS A 1 94  ? 5.574   1.707   17.759  1.00 5.27  ? 161 HIS A CA  1 
ATOM   725  C  C   . HIS A 1 94  ? 6.399   0.682   16.980  1.00 4.66  ? 161 HIS A C   1 
ATOM   726  O  O   . HIS A 1 94  ? 6.572   -0.458  17.413  1.00 4.87  ? 161 HIS A O   1 
ATOM   727  C  CB  . HIS A 1 94  ? 4.346   1.081   18.417  1.00 6.18  ? 161 HIS A CB  1 
ATOM   728  C  CG  . HIS A 1 94  ? 3.492   2.075   19.135  1.00 7.17  ? 161 HIS A CG  1 
ATOM   729  N  ND1 . HIS A 1 94  ? 2.454   2.719   18.494  1.00 7.38  ? 161 HIS A ND1 1 
ATOM   730  C  CD2 . HIS A 1 94  ? 3.583   2.538   20.402  1.00 6.97  ? 161 HIS A CD2 1 
ATOM   731  C  CE1 . HIS A 1 94  ? 1.950   3.552   19.381  1.00 8.02  ? 161 HIS A CE1 1 
ATOM   732  N  NE2 . HIS A 1 94  ? 2.603   3.481   20.556  1.00 7.82  ? 161 HIS A NE2 1 
ATOM   733  N  N   . GLY A 1 95  ? 6.904   1.109   15.829  1.00 3.60  ? 162 GLY A N   1 
ATOM   734  C  CA  . GLY A 1 95  ? 7.794   0.278   15.040  1.00 2.60  ? 162 GLY A CA  1 
ATOM   735  C  C   . GLY A 1 95  ? 7.193   -0.850  14.221  1.00 2.47  ? 162 GLY A C   1 
ATOM   736  O  O   . GLY A 1 95  ? 7.775   -1.929  14.188  1.00 2.00  ? 162 GLY A O   1 
ATOM   737  N  N   . SER A 1 96  ? 6.063   -0.643  13.559  1.00 2.17  ? 163 SER A N   1 
ATOM   738  C  CA  . SER A 1 96  ? 5.538   -1.710  12.697  1.00 2.84  ? 163 SER A CA  1 
ATOM   739  C  C   . SER A 1 96  ? 6.185   -1.608  11.297  1.00 2.89  ? 163 SER A C   1 
ATOM   740  O  O   . SER A 1 96  ? 6.273   -0.508  10.738  1.00 3.23  ? 163 SER A O   1 
ATOM   741  C  CB  . SER A 1 96  ? 4.015   -1.611  12.563  1.00 2.80  ? 163 SER A CB  1 
ATOM   742  O  OG  . SER A 1 96  ? 3.360   -1.889  13.795  1.00 3.07  ? 163 SER A OG  1 
ATOM   743  N  N   . HIS A 1 97  ? 6.640   -2.737  10.748  1.00 2.58  ? 164 HIS A N   1 
ATOM   744  C  CA  . HIS A 1 97  ? 7.249   -2.776  9.413   1.00 2.26  ? 164 HIS A CA  1 
ATOM   745  C  C   . HIS A 1 97  ? 6.294   -3.467  8.460   1.00 2.00  ? 164 HIS A C   1 
ATOM   746  O  O   . HIS A 1 97  ? 5.821   -4.575  8.748   1.00 2.20  ? 164 HIS A O   1 
ATOM   747  C  CB  . HIS A 1 97  ? 8.554   -3.593  9.399   1.00 2.57  ? 164 HIS A CB  1 
ATOM   748  C  CG  . HIS A 1 97  ? 9.646   -3.034  10.256  1.00 2.78  ? 164 HIS A CG  1 
ATOM   749  N  ND1 . HIS A 1 97  ? 10.906  -2.807  9.752   1.00 2.63  ? 164 HIS A ND1 1 
ATOM   750  C  CD2 . HIS A 1 97  ? 9.620   -2.680  11.561  1.00 2.34  ? 164 HIS A CD2 1 
ATOM   751  C  CE1 . HIS A 1 97  ? 11.613  -2.327  10.758  1.00 2.12  ? 164 HIS A CE1 1 
ATOM   752  N  NE2 . HIS A 1 97  ? 10.881  -2.230  11.875  1.00 2.26  ? 164 HIS A NE2 1 
ATOM   753  N  N   . TYR A 1 98  ? 6.037   -2.834  7.320   1.00 2.08  ? 165 TYR A N   1 
ATOM   754  C  CA  . TYR A 1 98  ? 5.159   -3.388  6.280   1.00 2.28  ? 165 TYR A CA  1 
ATOM   755  C  C   . TYR A 1 98  ? 5.939   -3.600  4.976   1.00 2.00  ? 165 TYR A C   1 
ATOM   756  O  O   . TYR A 1 98  ? 6.902   -2.889  4.707   1.00 2.00  ? 165 TYR A O   1 
ATOM   757  C  CB  . TYR A 1 98  ? 3.981   -2.442  5.983   1.00 2.00  ? 165 TYR A CB  1 
ATOM   758  C  CG  . TYR A 1 98  ? 3.086   -2.111  7.174   1.00 2.00  ? 165 TYR A CG  1 
ATOM   759  C  CD1 . TYR A 1 98  ? 3.397   -1.052  8.035   1.00 2.47  ? 165 TYR A CD1 1 
ATOM   760  C  CD2 . TYR A 1 98  ? 1.903   -2.837  7.418   1.00 2.00  ? 165 TYR A CD2 1 
ATOM   761  C  CE1 . TYR A 1 98  ? 2.556   -0.713  9.107   1.00 2.82  ? 165 TYR A CE1 1 
ATOM   762  C  CE2 . TYR A 1 98  ? 1.056   -2.510  8.485   1.00 2.00  ? 165 TYR A CE2 1 
ATOM   763  C  CZ  . TYR A 1 98  ? 1.390   -1.444  9.325   1.00 2.32  ? 165 TYR A CZ  1 
ATOM   764  O  OH  . TYR A 1 98  ? 0.534   -1.117  10.356  1.00 2.33  ? 165 TYR A OH  1 
ATOM   765  N  N   . ASP A 1 99  ? 5.549   -4.589  4.179   1.00 2.00  ? 166 ASP A N   1 
ATOM   766  C  CA  . ASP A 1 99  ? 6.233   -4.802  2.899   1.00 2.00  ? 166 ASP A CA  1 
ATOM   767  C  C   . ASP A 1 99  ? 5.592   -3.914  1.826   1.00 2.04  ? 166 ASP A C   1 
ATOM   768  O  O   . ASP A 1 99  ? 4.676   -3.140  2.137   1.00 2.00  ? 166 ASP A O   1 
ATOM   769  C  CB  . ASP A 1 99  ? 6.218   -6.287  2.488   1.00 2.00  ? 166 ASP A CB  1 
ATOM   770  C  CG  . ASP A 1 99  ? 4.812   -6.884  2.425   1.00 2.11  ? 166 ASP A CG  1 
ATOM   771  O  OD1 . ASP A 1 99  ? 3.864   -6.155  2.081   1.00 2.00  ? 166 ASP A OD1 1 
ATOM   772  O  OD2 . ASP A 1 99  ? 4.666   -8.105  2.692   1.00 2.00  ? 166 ASP A OD2 1 
ATOM   773  N  N   . ALA A 1 100 ? 6.045   -4.054  0.573   1.00 2.42  ? 167 ALA A N   1 
ATOM   774  C  CA  . ALA A 1 100 ? 5.533   -3.258  -0.560  1.00 2.28  ? 167 ALA A CA  1 
ATOM   775  C  C   . ALA A 1 100 ? 4.111   -3.642  -0.993  1.00 2.38  ? 167 ALA A C   1 
ATOM   776  O  O   . ALA A 1 100 ? 3.598   -3.108  -1.981  1.00 2.38  ? 167 ALA A O   1 
ATOM   777  C  CB  . ALA A 1 100 ? 6.491   -3.310  -1.750  1.00 2.62  ? 167 ALA A CB  1 
ATOM   778  N  N   . SER A 1 101 ? 3.534   -4.645  -0.328  1.00 2.13  ? 168 SER A N   1 
ATOM   779  C  CA  . SER A 1 101 ? 2.144   -5.026  -0.572  1.00 2.00  ? 168 SER A CA  1 
ATOM   780  C  C   . SER A 1 101 ? 1.307   -4.386  0.555   1.00 2.00  ? 168 SER A C   1 
ATOM   781  O  O   . SER A 1 101 ? 0.088   -4.398  0.537   1.00 2.04  ? 168 SER A O   1 
ATOM   782  C  CB  . SER A 1 101 ? 1.979   -6.554  -0.544  1.00 2.00  ? 168 SER A CB  1 
ATOM   783  O  OG  . SER A 1 101 ? 0.653   -6.944  -0.864  1.00 2.31  ? 168 SER A OG  1 
ATOM   784  N  N   . GLY A 1 102 ? 1.996   -3.784  1.518   1.00 2.00  ? 169 GLY A N   1 
ATOM   785  C  CA  . GLY A 1 102 ? 1.329   -3.176  2.658   1.00 2.00  ? 169 GLY A CA  1 
ATOM   786  C  C   . GLY A 1 102 ? 1.012   -4.188  3.754   1.00 2.00  ? 169 GLY A C   1 
ATOM   787  O  O   . GLY A 1 102 ? 0.245   -3.897  4.675   1.00 2.00  ? 169 GLY A O   1 
ATOM   788  N  N   . ARG A 1 103 ? 1.573   -5.393  3.646   1.00 2.00  ? 170 ARG A N   1 
ATOM   789  C  CA  . ARG A 1 103 ? 1.333   -6.439  4.651   1.00 2.02  ? 170 ARG A CA  1 
ATOM   790  C  C   . ARG A 1 103 ? 2.202   -6.228  5.900   1.00 2.28  ? 170 ARG A C   1 
ATOM   791  O  O   . ARG A 1 103 ? 3.344   -5.789  5.797   1.00 2.73  ? 170 ARG A O   1 
ATOM   792  C  CB  . ARG A 1 103 ? 1.592   -7.828  4.052   1.00 2.00  ? 170 ARG A CB  1 
ATOM   793  C  CG  . ARG A 1 103 ? 0.616   -8.219  2.959   1.00 2.00  ? 170 ARG A CG  1 
ATOM   794  C  CD  . ARG A 1 103 ? 0.992   -9.558  2.317   1.00 2.00  ? 170 ARG A CD  1 
ATOM   795  N  NE  . ARG A 1 103 ? 2.249   -9.454  1.576   1.00 2.00  ? 170 ARG A NE  1 
ATOM   796  C  CZ  . ARG A 1 103 ? 2.636   -10.312 0.641   1.00 2.00  ? 170 ARG A CZ  1 
ATOM   797  N  NH1 . ARG A 1 103 ? 1.873   -11.358 0.330   1.00 2.00  ? 170 ARG A NH1 1 
ATOM   798  N  NH2 . ARG A 1 103 ? 3.764   -10.100 -0.019  1.00 2.00  ? 170 ARG A NH2 1 
ATOM   799  N  N   . ILE A 1 104 ? 1.639   -6.493  7.076   1.00 2.02  ? 171 ILE A N   1 
ATOM   800  C  CA  . ILE A 1 104 ? 2.391   -6.340  8.318   1.00 2.19  ? 171 ILE A CA  1 
ATOM   801  C  C   . ILE A 1 104 ? 3.406   -7.479  8.429   1.00 2.21  ? 171 ILE A C   1 
ATOM   802  O  O   . ILE A 1 104 ? 3.058   -8.662  8.288   1.00 2.64  ? 171 ILE A O   1 
ATOM   803  C  CB  . ILE A 1 104 ? 1.451   -6.234  9.558   1.00 2.46  ? 171 ILE A CB  1 
ATOM   804  C  CG1 . ILE A 1 104 ? 2.272   -6.030  10.831  1.00 2.57  ? 171 ILE A CG1 1 
ATOM   805  C  CG2 . ILE A 1 104 ? 0.511   -7.456  9.681   1.00 3.10  ? 171 ILE A CG2 1 
ATOM   806  C  CD1 . ILE A 1 104 ? 3.079   -4.737  10.846  1.00 2.00  ? 171 ILE A CD1 1 
ATOM   807  N  N   . ARG A 1 105 ? 4.661   -7.112  8.644   1.00 2.00  ? 172 ARG A N   1 
ATOM   808  C  CA  . ARG A 1 105 ? 5.753   -8.087  8.689   1.00 2.48  ? 172 ARG A CA  1 
ATOM   809  C  C   . ARG A 1 105 ? 6.536   -8.139  10.000  1.00 2.65  ? 172 ARG A C   1 
ATOM   810  O  O   . ARG A 1 105 ? 7.176   -9.153  10.292  1.00 3.41  ? 172 ARG A O   1 
ATOM   811  C  CB  . ARG A 1 105 ? 6.729   -7.832  7.532   1.00 2.01  ? 172 ARG A CB  1 
ATOM   812  C  CG  . ARG A 1 105 ? 6.115   -7.862  6.132   1.00 2.00  ? 172 ARG A CG  1 
ATOM   813  C  CD  . ARG A 1 105 ? 5.547   -9.234  5.756   1.00 2.00  ? 172 ARG A CD  1 
ATOM   814  N  NE  . ARG A 1 105 ? 6.589   -10.244 5.554   1.00 2.57  ? 172 ARG A NE  1 
ATOM   815  C  CZ  . ARG A 1 105 ? 7.327   -10.345 4.453   1.00 2.59  ? 172 ARG A CZ  1 
ATOM   816  N  NH1 . ARG A 1 105 ? 7.138   -9.512  3.433   1.00 2.42  ? 172 ARG A NH1 1 
ATOM   817  N  NH2 . ARG A 1 105 ? 8.321   -11.221 4.408   1.00 3.55  ? 172 ARG A NH2 1 
ATOM   818  N  N   . LYS A 1 106 ? 6.577   -7.029  10.731  1.00 3.05  ? 173 LYS A N   1 
ATOM   819  C  CA  . LYS A 1 106 ? 7.302   -6.966  11.999  1.00 3.43  ? 173 LYS A CA  1 
ATOM   820  C  C   . LYS A 1 106 ? 6.661   -5.887  12.868  1.00 3.55  ? 173 LYS A C   1 
ATOM   821  O  O   . LYS A 1 106 ? 6.065   -4.944  12.345  1.00 2.73  ? 173 LYS A O   1 
ATOM   822  C  CB  . LYS A 1 106 ? 8.764   -6.594  11.719  1.00 4.21  ? 173 LYS A CB  1 
ATOM   823  C  CG  . LYS A 1 106 ? 9.716   -6.762  12.875  1.00 5.49  ? 173 LYS A CG  1 
ATOM   824  C  CD  . LYS A 1 106 ? 11.098  -6.288  12.454  1.00 6.28  ? 173 LYS A CD  1 
ATOM   825  C  CE  . LYS A 1 106 ? 12.092  -6.451  13.577  1.00 7.49  ? 173 LYS A CE  1 
ATOM   826  N  NZ  . LYS A 1 106 ? 13.356  -5.714  13.306  1.00 7.66  ? 173 LYS A NZ  1 
ATOM   827  N  N   . GLY A 1 107 ? 6.787   -5.995  14.183  1.00 3.31  ? 174 GLY A N   1 
ATOM   828  C  CA  . GLY A 1 107 ? 6.183   -4.979  15.025  1.00 3.32  ? 174 GLY A CA  1 
ATOM   829  C  C   . GLY A 1 107 ? 4.845   -5.402  15.617  1.00 3.68  ? 174 GLY A C   1 
ATOM   830  O  O   . GLY A 1 107 ? 4.375   -6.518  15.392  1.00 4.04  ? 174 GLY A O   1 
ATOM   831  N  N   . PRO A 1 108 ? 4.158   -4.480  16.299  1.00 3.78  ? 175 PRO A N   1 
ATOM   832  C  CA  . PRO A 1 108 ? 2.889   -4.783  16.958  1.00 4.13  ? 175 PRO A CA  1 
ATOM   833  C  C   . PRO A 1 108 ? 1.598   -4.733  16.135  1.00 4.25  ? 175 PRO A C   1 
ATOM   834  O  O   . PRO A 1 108 ? 0.608   -5.291  16.578  1.00 5.35  ? 175 PRO A O   1 
ATOM   835  C  CB  . PRO A 1 108 ? 2.871   -3.773  18.103  1.00 3.77  ? 175 PRO A CB  1 
ATOM   836  C  CG  . PRO A 1 108 ? 3.514   -2.554  17.471  1.00 3.40  ? 175 PRO A CG  1 
ATOM   837  C  CD  . PRO A 1 108 ? 4.656   -3.141  16.676  1.00 3.83  ? 175 PRO A CD  1 
ATOM   838  N  N   . ALA A 1 109 ? 1.568   -4.067  14.984  1.00 4.12  ? 176 ALA A N   1 
ATOM   839  C  CA  . ALA A 1 109 ? 0.310   -3.967  14.215  1.00 4.07  ? 176 ALA A CA  1 
ATOM   840  C  C   . ALA A 1 109 ? -0.343  -5.330  13.943  1.00 4.37  ? 176 ALA A C   1 
ATOM   841  O  O   . ALA A 1 109 ? 0.325   -6.285  13.541  1.00 4.04  ? 176 ALA A O   1 
ATOM   842  C  CB  . ALA A 1 109 ? 0.527   -3.209  12.919  1.00 4.19  ? 176 ALA A CB  1 
ATOM   843  N  N   . PRO A 1 110 ? -1.667  -5.431  14.153  1.00 4.53  ? 177 PRO A N   1 
ATOM   844  C  CA  . PRO A 1 110 ? -2.356  -6.711  13.940  1.00 4.53  ? 177 PRO A CA  1 
ATOM   845  C  C   . PRO A 1 110 ? -2.741  -7.059  12.500  1.00 4.26  ? 177 PRO A C   1 
ATOM   846  O  O   . PRO A 1 110 ? -2.863  -8.238  12.167  1.00 3.91  ? 177 PRO A O   1 
ATOM   847  C  CB  . PRO A 1 110 ? -3.595  -6.573  14.819  1.00 5.07  ? 177 PRO A CB  1 
ATOM   848  C  CG  . PRO A 1 110 ? -3.909  -5.088  14.734  1.00 5.04  ? 177 PRO A CG  1 
ATOM   849  C  CD  . PRO A 1 110 ? -2.546  -4.444  14.814  1.00 5.08  ? 177 PRO A CD  1 
ATOM   850  N  N   . LEU A 1 111 ? -2.872  -6.058  11.634  1.00 4.04  ? 178 LEU A N   1 
ATOM   851  C  CA  . LEU A 1 111 ? -3.330  -6.306  10.272  1.00 3.69  ? 178 LEU A CA  1 
ATOM   852  C  C   . LEU A 1 111 ? -2.558  -5.579  9.177   1.00 2.90  ? 178 LEU A C   1 
ATOM   853  O  O   . LEU A 1 111 ? -1.871  -4.575  9.409   1.00 2.54  ? 178 LEU A O   1 
ATOM   854  C  CB  . LEU A 1 111 ? -4.798  -5.877  10.153  1.00 3.63  ? 178 LEU A CB  1 
ATOM   855  C  CG  . LEU A 1 111 ? -5.817  -6.539  11.085  1.00 4.22  ? 178 LEU A CG  1 
ATOM   856  C  CD1 . LEU A 1 111 ? -7.140  -5.758  11.024  1.00 5.06  ? 178 LEU A CD1 1 
ATOM   857  C  CD2 . LEU A 1 111 ? -5.998  -7.984  10.694  1.00 3.96  ? 178 LEU A CD2 1 
ATOM   858  N  N   . ASN A 1 112 ? -2.733  -6.080  7.960   1.00 2.52  ? 179 ASN A N   1 
ATOM   859  C  CA  . ASN A 1 112 ? -2.144  -5.470  6.785   1.00 2.20  ? 179 ASN A CA  1 
ATOM   860  C  C   . ASN A 1 112 ? -2.869  -4.144  6.559   1.00 2.08  ? 179 ASN A C   1 
ATOM   861  O  O   . ASN A 1 112 ? -4.033  -3.991  6.947   1.00 2.00  ? 179 ASN A O   1 
ATOM   862  C  CB  . ASN A 1 112 ? -2.361  -6.356  5.553   1.00 2.04  ? 179 ASN A CB  1 
ATOM   863  C  CG  . ASN A 1 112 ? -1.762  -7.736  5.713   1.00 2.00  ? 179 ASN A CG  1 
ATOM   864  O  OD1 . ASN A 1 112 ? -0.800  -7.923  6.447   1.00 2.00  ? 179 ASN A OD1 1 
ATOM   865  N  ND2 . ASN A 1 112 ? -2.337  -8.713  5.025   1.00 2.00  ? 179 ASN A ND2 1 
ATOM   866  N  N   . LEU A 1 113 ? -2.161  -3.170  5.991   1.00 2.07  ? 180 LEU A N   1 
ATOM   867  C  CA  . LEU A 1 113 ? -2.769  -1.877  5.710   1.00 2.34  ? 180 LEU A CA  1 
ATOM   868  C  C   . LEU A 1 113 ? -4.007  -2.092  4.848   1.00 2.00  ? 180 LEU A C   1 
ATOM   869  O  O   . LEU A 1 113 ? -4.034  -2.970  3.977   1.00 2.51  ? 180 LEU A O   1 
ATOM   870  C  CB  . LEU A 1 113 ? -1.768  -0.960  5.009   1.00 2.11  ? 180 LEU A CB  1 
ATOM   871  C  CG  . LEU A 1 113 ? -0.518  -0.565  5.810   1.00 2.00  ? 180 LEU A CG  1 
ATOM   872  C  CD1 . LEU A 1 113 ? 0.400   0.277   4.930   1.00 2.00  ? 180 LEU A CD1 1 
ATOM   873  C  CD2 . LEU A 1 113 ? -0.918  0.214   7.048   1.00 2.65  ? 180 LEU A CD2 1 
ATOM   874  N  N   . GLU A 1 114 ? -5.039  -1.300  5.097   1.00 2.36  ? 181 GLU A N   1 
ATOM   875  C  CA  . GLU A 1 114 ? -6.295  -1.443  4.374   1.00 2.25  ? 181 GLU A CA  1 
ATOM   876  C  C   . GLU A 1 114 ? -6.240  -1.072  2.895   1.00 2.35  ? 181 GLU A C   1 
ATOM   877  O  O   . GLU A 1 114 ? -5.723  -0.028  2.509   1.00 2.64  ? 181 GLU A O   1 
ATOM   878  C  CB  . GLU A 1 114 ? -7.406  -0.635  5.062   1.00 3.52  ? 181 GLU A CB  1 
ATOM   879  C  CG  . GLU A 1 114 ? -8.778  -0.831  4.399   1.00 4.74  ? 181 GLU A CG  1 
ATOM   880  C  CD  . GLU A 1 114 ? -9.901  0.021   4.984   1.00 6.96  ? 181 GLU A CD  1 
ATOM   881  O  OE1 . GLU A 1 114 ? -9.706  0.682   6.033   1.00 7.74  ? 181 GLU A OE1 1 
ATOM   882  O  OE2 . GLU A 1 114 ? -10.992 0.021   4.373   1.00 7.45  ? 181 GLU A OE2 1 
ATOM   883  N  N   . VAL A 1 115 ? -6.789  -1.954  2.068   1.00 2.00  ? 182 VAL A N   1 
ATOM   884  C  CA  . VAL A 1 115 ? -6.880  -1.723  0.635   1.00 2.33  ? 182 VAL A CA  1 
ATOM   885  C  C   . VAL A 1 115 ? -8.295  -1.208  0.355   1.00 2.65  ? 182 VAL A C   1 
ATOM   886  O  O   . VAL A 1 115 ? -9.287  -1.882  0.660   1.00 2.31  ? 182 VAL A O   1 
ATOM   887  C  CB  . VAL A 1 115 ? -6.622  -3.015  -0.191  1.00 2.43  ? 182 VAL A CB  1 
ATOM   888  C  CG1 . VAL A 1 115 ? -6.827  -2.743  -1.685  1.00 2.18  ? 182 VAL A CG1 1 
ATOM   889  C  CG2 . VAL A 1 115 ? -5.203  -3.521  0.047   1.00 3.50  ? 182 VAL A CG2 1 
ATOM   890  N  N   . PRO A 1 116 ? -8.405  0.027   -0.144  1.00 2.56  ? 183 PRO A N   1 
ATOM   891  C  CA  . PRO A 1 116 ? -9.735  0.566   -0.427  1.00 3.16  ? 183 PRO A CA  1 
ATOM   892  C  C   . PRO A 1 116 ? -10.315 0.012   -1.729  1.00 3.31  ? 183 PRO A C   1 
ATOM   893  O  O   . PRO A 1 116 ? -9.626  -0.636  -2.512  1.00 3.59  ? 183 PRO A O   1 
ATOM   894  C  CB  . PRO A 1 116 ? -9.453  2.063   -0.561  1.00 3.12  ? 183 PRO A CB  1 
ATOM   895  C  CG  . PRO A 1 116 ? -8.112  2.071   -1.244  1.00 2.19  ? 183 PRO A CG  1 
ATOM   896  C  CD  . PRO A 1 116 ? -7.352  1.011   -0.476  1.00 2.58  ? 183 PRO A CD  1 
ATOM   897  N  N   . SER A 1 117 ? -11.593 0.280   -1.947  1.00 4.30  ? 184 SER A N   1 
ATOM   898  C  CA  . SER A 1 117 ? -12.255 -0.122  -3.166  1.00 5.39  ? 184 SER A CA  1 
ATOM   899  C  C   . SER A 1 117 ? -11.799 0.836   -4.266  1.00 5.48  ? 184 SER A C   1 
ATOM   900  O  O   . SER A 1 117 ? -11.774 2.046   -4.045  1.00 5.42  ? 184 SER A O   1 
ATOM   901  C  CB  . SER A 1 117 ? -13.773 -0.005  -2.985  1.00 6.38  ? 184 SER A CB  1 
ATOM   902  O  OG  . SER A 1 117 ? -14.450 -0.381  -4.168  1.00 9.55  ? 184 SER A OG  1 
ATOM   903  N  N   . TYR A 1 118 ? -11.385 0.305   -5.414  1.00 5.49  ? 185 TYR A N   1 
ATOM   904  C  CA  . TYR A 1 118 ? -10.948 1.155   -6.521  1.00 6.00  ? 185 TYR A CA  1 
ATOM   905  C  C   . TYR A 1 118 ? -10.970 0.417   -7.840  1.00 6.78  ? 185 TYR A C   1 
ATOM   906  O  O   . TYR A 1 118 ? -11.069 -0.811  -7.867  1.00 6.76  ? 185 TYR A O   1 
ATOM   907  C  CB  . TYR A 1 118 ? -9.540  1.727   -6.273  1.00 4.79  ? 185 TYR A CB  1 
ATOM   908  C  CG  . TYR A 1 118 ? -8.416  0.714   -6.230  1.00 3.88  ? 185 TYR A CG  1 
ATOM   909  C  CD1 . TYR A 1 118 ? -7.805  0.259   -7.400  1.00 3.69  ? 185 TYR A CD1 1 
ATOM   910  C  CD2 . TYR A 1 118 ? -7.925  0.253   -5.010  1.00 3.98  ? 185 TYR A CD2 1 
ATOM   911  C  CE1 . TYR A 1 118 ? -6.717  -0.638  -7.351  1.00 3.76  ? 185 TYR A CE1 1 
ATOM   912  C  CE2 . TYR A 1 118 ? -6.844  -0.635  -4.950  1.00 3.11  ? 185 TYR A CE2 1 
ATOM   913  C  CZ  . TYR A 1 118 ? -6.244  -1.075  -6.117  1.00 3.29  ? 185 TYR A CZ  1 
ATOM   914  O  OH  . TYR A 1 118 ? -5.186  -1.949  -6.039  1.00 2.83  ? 185 TYR A OH  1 
ATOM   915  N  N   . GLU A 1 119 ? -10.883 1.165   -8.933  1.00 8.14  ? 186 GLU A N   1 
ATOM   916  C  CA  . GLU A 1 119 ? -10.862 0.568   -10.262 1.00 10.01 ? 186 GLU A CA  1 
ATOM   917  C  C   . GLU A 1 119 ? -10.137 1.469   -11.240 1.00 10.20 ? 186 GLU A C   1 
ATOM   918  O  O   . GLU A 1 119 ? -10.080 2.679   -11.052 1.00 9.83  ? 186 GLU A O   1 
ATOM   919  C  CB  . GLU A 1 119 ? -12.280 0.308   -10.776 1.00 11.63 ? 186 GLU A CB  1 
ATOM   920  C  CG  . GLU A 1 119 ? -13.072 1.566   -11.066 1.00 14.36 ? 186 GLU A CG  1 
ATOM   921  C  CD  . GLU A 1 119 ? -14.414 1.268   -11.702 1.00 16.31 ? 186 GLU A CD  1 
ATOM   922  O  OE1 . GLU A 1 119 ? -14.450 0.768   -12.847 1.00 17.70 ? 186 GLU A OE1 1 
ATOM   923  O  OE2 . GLU A 1 119 ? -15.436 1.517   -11.052 1.00 17.22 ? 186 GLU A OE2 1 
ATOM   924  N  N   . PHE A 1 120 ? -9.544  0.863   -12.257 1.00 11.25 ? 187 PHE A N   1 
ATOM   925  C  CA  . PHE A 1 120 ? -8.836  1.610   -13.283 1.00 12.60 ? 187 PHE A CA  1 
ATOM   926  C  C   . PHE A 1 120 ? -9.819  1.923   -14.392 1.00 14.51 ? 187 PHE A C   1 
ATOM   927  O  O   . PHE A 1 120 ? -10.459 1.017   -14.930 1.00 14.26 ? 187 PHE A O   1 
ATOM   928  C  CB  . PHE A 1 120 ? -7.639  0.795   -13.790 1.00 11.52 ? 187 PHE A CB  1 
ATOM   929  C  CG  . PHE A 1 120 ? -6.584  0.561   -12.741 1.00 10.57 ? 187 PHE A CG  1 
ATOM   930  C  CD1 . PHE A 1 120 ? -5.679  1.563   -12.415 1.00 10.28 ? 187 PHE A CD1 1 
ATOM   931  C  CD2 . PHE A 1 120 ? -6.522  -0.643  -12.053 1.00 9.77  ? 187 PHE A CD2 1 
ATOM   932  C  CE1 . PHE A 1 120 ? -4.727  1.369   -11.417 1.00 10.04 ? 187 PHE A CE1 1 
ATOM   933  C  CE2 . PHE A 1 120 ? -5.574  -0.847  -11.057 1.00 10.10 ? 187 PHE A CE2 1 
ATOM   934  C  CZ  . PHE A 1 120 ? -4.680  0.157   -10.734 1.00 9.57  ? 187 PHE A CZ  1 
ATOM   935  N  N   . THR A 1 121 ? -9.991  3.202   -14.706 1.00 17.14 ? 188 THR A N   1 
ATOM   936  C  CA  . THR A 1 121 ? -10.943 3.622   -15.732 1.00 20.16 ? 188 THR A CA  1 
ATOM   937  C  C   . THR A 1 121 ? -10.316 3.701   -17.119 1.00 21.65 ? 188 THR A C   1 
ATOM   938  O  O   . THR A 1 121 ? -11.007 3.827   -18.136 1.00 22.17 ? 188 THR A O   1 
ATOM   939  C  CB  . THR A 1 121 ? -11.570 4.967   -15.384 1.00 20.62 ? 188 THR A CB  1 
ATOM   940  O  OG1 . THR A 1 121 ? -10.555 5.847   -14.887 1.00 21.33 ? 188 THR A OG1 1 
ATOM   941  C  CG2 . THR A 1 121 ? -12.660 4.778   -14.331 1.00 21.34 ? 188 THR A CG2 1 
ATOM   942  N  N   . SER A 1 122 ? -8.990  3.671   -17.124 1.00 23.30 ? 189 SER A N   1 
ATOM   943  C  CA  . SER A 1 122 ? -8.185  3.717   -18.334 1.00 24.87 ? 189 SER A CA  1 
ATOM   944  C  C   . SER A 1 122 ? -6.744  3.467   -17.918 1.00 25.49 ? 189 SER A C   1 
ATOM   945  O  O   . SER A 1 122 ? -6.460  3.311   -16.728 1.00 26.11 ? 189 SER A O   1 
ATOM   946  C  CB  . SER A 1 122 ? -8.312  5.087   -19.019 1.00 25.52 ? 189 SER A CB  1 
ATOM   947  O  OG  . SER A 1 122 ? -7.935  6.144   -18.141 1.00 27.03 ? 189 SER A OG  1 
ATOM   948  N  N   . ASP A 1 123 ? -5.843  3.463   -18.896 1.00 25.97 ? 190 ASP A N   1 
ATOM   949  C  CA  . ASP A 1 123 ? -4.421  3.235   -18.660 1.00 25.79 ? 190 ASP A CA  1 
ATOM   950  C  C   . ASP A 1 123 ? -3.787  4.299   -17.764 1.00 24.91 ? 190 ASP A C   1 
ATOM   951  O  O   . ASP A 1 123 ? -2.776  4.048   -17.115 1.00 25.39 ? 190 ASP A O   1 
ATOM   952  C  CB  . ASP A 1 123 ? -3.676  3.160   -20.010 1.00 27.13 ? 190 ASP A CB  1 
ATOM   953  C  CG  . ASP A 1 123 ? -3.962  4.355   -20.935 1.00 28.27 ? 190 ASP A CG  1 
ATOM   954  O  OD1 . ASP A 1 123 ? -4.803  5.234   -20.609 1.00 29.23 ? 190 ASP A OD1 1 
ATOM   955  O  OD2 . ASP A 1 123 ? -3.351  4.420   -22.024 1.00 29.35 ? 190 ASP A OD2 1 
ATOM   956  N  N   . ASP A 1 124 ? -4.386  5.489   -17.759 1.00 23.24 ? 191 ASP A N   1 
ATOM   957  C  CA  . ASP A 1 124 ? -3.871  6.613   -17.013 1.00 21.78 ? 191 ASP A CA  1 
ATOM   958  C  C   . ASP A 1 124 ? -4.592  6.915   -15.724 1.00 19.59 ? 191 ASP A C   1 
ATOM   959  O  O   . ASP A 1 124 ? -4.016  7.584   -14.890 1.00 19.50 ? 191 ASP A O   1 
ATOM   960  C  CB  . ASP A 1 124 ? -3.912  7.859   -17.902 1.00 24.30 ? 191 ASP A CB  1 
ATOM   961  C  CG  . ASP A 1 124 ? -5.317  8.163   -18.428 1.00 26.24 ? 191 ASP A CG  1 
ATOM   962  O  OD1 . ASP A 1 124 ? -5.906  7.280   -19.107 1.00 27.90 ? 191 ASP A OD1 1 
ATOM   963  O  OD2 . ASP A 1 124 ? -5.849  9.273   -18.180 1.00 28.20 ? 191 ASP A OD2 1 
ATOM   964  N  N   . MET A 1 125 ? -5.852  6.515   -15.561 1.00 17.01 ? 192 MET A N   1 
ATOM   965  C  CA  . MET A 1 125 ? -6.574  6.883   -14.347 1.00 14.22 ? 192 MET A CA  1 
ATOM   966  C  C   . MET A 1 125 ? -7.056  5.723   -13.464 1.00 12.27 ? 192 MET A C   1 
ATOM   967  O  O   . MET A 1 125 ? -7.441  4.671   -13.935 1.00 11.89 ? 192 MET A O   1 
ATOM   968  C  CB  . MET A 1 125 ? -7.816  7.699   -14.703 1.00 14.76 ? 192 MET A CB  1 
ATOM   969  C  CG  . MET A 1 125 ? -7.593  8.950   -15.516 1.00 14.82 ? 192 MET A CG  1 
ATOM   970  S  SD  . MET A 1 125 ? -6.803  10.272  -14.587 1.00 15.71 ? 192 MET A SD  1 
ATOM   971  C  CE  . MET A 1 125 ? -8.002  10.477  -13.250 1.00 15.07 ? 192 MET A CE  1 
ATOM   972  N  N   . VAL A 1 126 ? -7.089  6.028   -12.173 1.00 10.03 ? 193 VAL A N   1 
ATOM   973  C  CA  . VAL A 1 126 ? -7.596  5.100   -11.162 1.00 7.98  ? 193 VAL A CA  1 
ATOM   974  C  C   . VAL A 1 126 ? -8.599  5.908   -10.316 1.00 7.53  ? 193 VAL A C   1 
ATOM   975  O  O   . VAL A 1 126 ? -8.350  7.087   -9.981  1.00 7.32  ? 193 VAL A O   1 
ATOM   976  C  CB  . VAL A 1 126 ? -6.481  4.504   -10.232 1.00 7.34  ? 193 VAL A CB  1 
ATOM   977  C  CG1 . VAL A 1 126 ? -5.849  5.567   -9.368  1.00 7.05  ? 193 VAL A CG1 1 
ATOM   978  C  CG2 . VAL A 1 126 ? -7.099  3.422   -9.376  1.00 7.40  ? 193 VAL A CG2 1 
ATOM   979  N  N   . ILE A 1 127 ? -9.756  5.312   -10.045 1.00 7.13  ? 194 ILE A N   1 
ATOM   980  C  CA  . ILE A 1 127 ? -10.789 5.966   -9.248  1.00 7.00  ? 194 ILE A CA  1 
ATOM   981  C  C   . ILE A 1 127 ? -10.966 5.191   -7.961  1.00 6.96  ? 194 ILE A C   1 
ATOM   982  O  O   . ILE A 1 127 ? -11.291 3.996   -7.994  1.00 6.73  ? 194 ILE A O   1 
ATOM   983  C  CB  . ILE A 1 127 ? -12.123 6.037   -10.007 1.00 7.49  ? 194 ILE A CB  1 
ATOM   984  C  CG1 . ILE A 1 127 ? -11.929 6.822   -11.301 1.00 8.74  ? 194 ILE A CG1 1 
ATOM   985  C  CG2 . ILE A 1 127 ? -13.201 6.680   -9.137  1.00 7.90  ? 194 ILE A CG2 1 
ATOM   986  C  CD1 . ILE A 1 127 ? -13.226 7.166   -11.978 1.00 9.32  ? 194 ILE A CD1 1 
ATOM   987  N  N   . VAL A 1 128 ? -10.703 5.860   -6.845  1.00 6.64  ? 195 VAL A N   1 
ATOM   988  C  CA  . VAL A 1 128 ? -10.797 5.255   -5.518  1.00 7.04  ? 195 VAL A CA  1 
ATOM   989  C  C   . VAL A 1 128 ? -12.043 5.696   -4.785  1.00 8.00  ? 195 VAL A C   1 
ATOM   990  O  O   . VAL A 1 128 ? -12.348 6.890   -4.725  1.00 7.59  ? 195 VAL A O   1 
ATOM   991  C  CB  . VAL A 1 128 ? -9.553  5.601   -4.660  1.00 6.89  ? 195 VAL A CB  1 
ATOM   992  C  CG1 . VAL A 1 128 ? -9.631  4.915   -3.287  1.00 6.63  ? 195 VAL A CG1 1 
ATOM   993  C  CG2 . VAL A 1 128 ? -8.290  5.196   -5.412  1.00 7.00  ? 195 VAL A CG2 1 
ATOM   994  N  N   . GLY A 1 129 ? -12.741 4.732   -4.202  1.00 9.00  ? 196 GLY A N   1 
ATOM   995  C  CA  . GLY A 1 129 ? -13.938 5.038   -3.454  1.00 11.26 ? 196 GLY A CA  1 
ATOM   996  C  C   . GLY A 1 129 ? -15.155 4.368   -4.038  1.00 12.80 ? 196 GLY A C   1 
ATOM   997  O  O   . GLY A 1 129 ? -15.389 4.539   -5.254  1.00 13.73 ? 196 GLY A O   1 
ATOM   998  O  OXT . GLY A 1 129 ? -15.856 3.663   -3.280  1.00 14.62 ? 196 GLY A OXT 1 
HETATM 999  FE FE1 . FES B 2 .   ? 1.953   2.325   13.968  1.00 6.78  ? 200 FES A FE1 1 
HETATM 1000 FE FE2 . FES B 2 .   ? 1.823   1.877   16.638  1.00 7.65  ? 200 FES A FE2 1 
HETATM 1001 S  S1  . FES B 2 .   ? 3.262   0.981   15.184  1.00 6.68  ? 200 FES A S1  1 
HETATM 1002 S  S2  . FES B 2 .   ? 0.540   3.282   15.434  1.00 7.01  ? 200 FES A S2  1 
HETATM 1003 O  O   . HOH C 3 .   ? -7.528  -6.707  1.361   1.00 4.14  ? 201 HOH A O   1 
HETATM 1004 O  O   . HOH C 3 .   ? 3.376   -9.979  -6.649  1.00 2.69  ? 202 HOH A O   1 
HETATM 1005 O  O   . HOH C 3 .   ? 3.421   -15.454 -2.198  1.00 4.68  ? 203 HOH A O   1 
HETATM 1006 O  O   . HOH C 3 .   ? 9.523   -2.092  5.262   1.00 3.32  ? 204 HOH A O   1 
HETATM 1007 O  O   . HOH C 3 .   ? 3.268   -11.446 -8.901  1.00 8.25  ? 205 HOH A O   1 
HETATM 1008 O  O   . HOH C 3 .   ? -3.979  -1.993  -3.666  1.00 2.00  ? 206 HOH A O   1 
HETATM 1009 O  O   . HOH C 3 .   ? -7.603  -14.228 1.938   1.00 11.52 ? 207 HOH A O   1 
HETATM 1010 O  O   . HOH C 3 .   ? 8.970   -5.601  -2.418  1.00 10.03 ? 208 HOH A O   1 
HETATM 1011 O  O   . HOH C 3 .   ? 5.420   4.371   22.877  1.00 10.05 ? 209 HOH A O   1 
HETATM 1012 O  O   . HOH C 3 .   ? 0.619   -10.146 7.511   1.00 2.50  ? 210 HOH A O   1 
HETATM 1013 O  O   . HOH C 3 .   ? -5.697  -5.406  4.968   1.00 2.79  ? 211 HOH A O   1 
HETATM 1014 O  O   . HOH C 3 .   ? 2.425   -12.752 -2.064  1.00 2.63  ? 212 HOH A O   1 
HETATM 1015 O  O   . HOH C 3 .   ? -4.695  1.210   6.695   1.00 4.84  ? 213 HOH A O   1 
HETATM 1016 O  O   . HOH C 3 .   ? -3.595  -2.317  -8.418  1.00 2.13  ? 214 HOH A O   1 
HETATM 1017 O  O   . HOH C 3 .   ? 2.160   -10.473 -11.303 1.00 8.12  ? 215 HOH A O   1 
HETATM 1018 O  O   . HOH C 3 .   ? -7.277  1.736   7.648   1.00 11.46 ? 216 HOH A O   1 
HETATM 1019 O  O   . HOH C 3 .   ? -7.625  -4.633  3.043   1.00 2.43  ? 217 HOH A O   1 
HETATM 1020 O  O   . HOH C 3 .   ? 7.463   1.611   -5.559  1.00 3.82  ? 218 HOH A O   1 
HETATM 1021 O  O   . HOH C 3 .   ? -13.115 1.652   0.201   1.00 8.41  ? 219 HOH A O   1 
HETATM 1022 O  O   . HOH C 3 .   ? 10.105  -11.554 -0.291  1.00 17.95 ? 220 HOH A O   1 
HETATM 1023 O  O   . HOH C 3 .   ? -10.463 13.572  -7.837  1.00 10.00 ? 221 HOH A O   1 
HETATM 1024 O  O   . HOH C 3 .   ? -6.858  -3.222  7.565   1.00 14.13 ? 222 HOH A O   1 
HETATM 1025 O  O   . HOH C 3 .   ? 5.821   -6.206  18.782  1.00 7.11  ? 223 HOH A O   1 
HETATM 1026 O  O   . HOH C 3 .   ? -5.768  -15.984 3.195   1.00 21.96 ? 224 HOH A O   1 
HETATM 1027 O  O   . HOH C 3 .   ? 3.421   -11.059 9.739   1.00 4.42  ? 225 HOH A O   1 
HETATM 1028 O  O   . HOH C 3 .   ? -13.870 3.216   -7.323  1.00 8.61  ? 226 HOH A O   1 
HETATM 1029 O  O   . HOH C 3 .   ? 7.526   -8.764  15.320  1.00 13.69 ? 227 HOH A O   1 
HETATM 1030 O  O   . HOH C 3 .   ? 6.979   -15.307 5.068   1.00 18.15 ? 228 HOH A O   1 
HETATM 1031 O  O   . HOH C 3 .   ? 8.962   -15.265 2.609   1.00 20.48 ? 229 HOH A O   1 
HETATM 1032 O  O   . HOH C 3 .   ? -8.307  -10.654 0.397   1.00 7.60  ? 230 HOH A O   1 
HETATM 1033 O  O   . HOH C 3 .   ? 3.505   -18.761 0.107   1.00 13.43 ? 231 HOH A O   1 
HETATM 1034 O  O   . HOH C 3 .   ? -11.431 -1.747  2.306   1.00 10.24 ? 232 HOH A O   1 
HETATM 1035 O  O   . HOH C 3 .   ? 14.221  -7.116  15.866  1.00 9.11  ? 233 HOH A O   1 
HETATM 1036 O  O   . HOH C 3 .   ? 6.638   -1.543  -13.099 1.00 14.86 ? 234 HOH A O   1 
HETATM 1037 O  O   . HOH C 3 .   ? -5.899  -12.923 6.246   1.00 11.51 ? 235 HOH A O   1 
HETATM 1038 O  O   . HOH C 3 .   ? 12.713  -9.782  -10.256 1.00 24.69 ? 236 HOH A O   1 
HETATM 1039 O  O   . HOH C 3 .   ? -8.796  14.107  -10.679 1.00 17.95 ? 237 HOH A O   1 
HETATM 1040 O  O   . HOH C 3 .   ? -18.077 0.874   -11.121 1.00 27.39 ? 238 HOH A O   1 
HETATM 1041 O  O   . HOH C 3 .   ? 5.753   -12.032 -9.977  1.00 10.62 ? 239 HOH A O   1 
HETATM 1042 O  O   . HOH C 3 .   ? -4.245  13.164  -10.310 1.00 25.10 ? 240 HOH A O   1 
HETATM 1043 O  O   . HOH C 3 .   ? 12.795  -1.793  -6.772  1.00 19.80 ? 241 HOH A O   1 
HETATM 1044 O  O   . HOH C 3 .   ? -6.536  -2.794  13.169  1.00 16.86 ? 242 HOH A O   1 
HETATM 1045 O  O   . HOH C 3 .   ? 7.940   4.051   -2.829  1.00 17.38 ? 243 HOH A O   1 
HETATM 1046 O  O   . HOH C 3 .   ? 8.540   7.205   -2.871  1.00 21.76 ? 244 HOH A O   1 
HETATM 1047 O  O   . HOH C 3 .   ? 15.821  -2.837  11.851  1.00 17.16 ? 245 HOH A O   1 
HETATM 1048 O  O   . HOH C 3 .   ? -1.898  12.614  2.737   1.00 11.55 ? 246 HOH A O   1 
HETATM 1049 O  O   . HOH C 3 .   ? -7.146  -7.915  -5.939  1.00 9.54  ? 247 HOH A O   1 
HETATM 1050 O  O   . HOH C 3 .   ? -11.644 2.304   2.433   1.00 13.94 ? 248 HOH A O   1 
HETATM 1051 O  O   . HOH C 3 .   ? -7.598  7.587   3.181   1.00 6.42  ? 249 HOH A O   1 
HETATM 1052 O  O   . HOH C 3 .   ? 3.489   6.230   -14.169 1.00 16.02 ? 250 HOH A O   1 
HETATM 1053 O  O   . HOH C 3 .   ? 4.249   9.009   5.140   1.00 20.73 ? 251 HOH A O   1 
HETATM 1054 O  O   . HOH C 3 .   ? -4.047  -10.301 13.663  1.00 17.59 ? 252 HOH A O   1 
HETATM 1055 O  O   . HOH C 3 .   ? 10.448  2.220   -4.112  1.00 17.70 ? 253 HOH A O   1 
HETATM 1056 O  O   . HOH C 3 .   ? 4.956   0.137   -14.651 1.00 16.89 ? 254 HOH A O   1 
HETATM 1057 O  O   . HOH C 3 .   ? -10.214 -4.356  -0.712  1.00 17.05 ? 255 HOH A O   1 
HETATM 1058 O  O   . HOH C 3 .   ? -12.358 14.065  -5.804  1.00 20.70 ? 256 HOH A O   1 
HETATM 1059 O  O   . HOH C 3 .   ? 10.805  -2.041  -12.737 1.00 18.99 ? 257 HOH A O   1 
HETATM 1060 O  O   . HOH C 3 .   ? -10.016 -7.841  2.128   1.00 18.18 ? 258 HOH A O   1 
HETATM 1061 O  O   . HOH C 3 .   ? 5.274   6.363   20.542  1.00 13.27 ? 259 HOH A O   1 
HETATM 1062 O  O   . HOH C 3 .   ? 8.778   -14.089 -7.322  1.00 14.03 ? 260 HOH A O   1 
HETATM 1063 O  O   . HOH C 3 .   ? 3.575   11.738  -8.172  1.00 18.70 ? 261 HOH A O   1 
HETATM 1064 O  O   . HOH C 3 .   ? 10.447  4.572   16.081  1.00 20.43 ? 262 HOH A O   1 
HETATM 1065 O  O   . HOH C 3 .   ? -10.156 -2.733  -4.722  1.00 18.62 ? 263 HOH A O   1 
HETATM 1066 O  O   . HOH C 3 .   ? -9.310  -0.284  8.564   1.00 22.89 ? 264 HOH A O   1 
HETATM 1067 O  O   . HOH C 3 .   ? -15.932 3.674   -9.436  1.00 19.31 ? 265 HOH A O   1 
HETATM 1068 O  O   . HOH C 3 .   ? 10.057  -12.705 2.634   1.00 24.03 ? 266 HOH A O   1 
HETATM 1069 O  O   . HOH C 3 .   ? -5.708  1.960   13.140  1.00 22.46 ? 267 HOH A O   1 
HETATM 1070 O  O   . HOH C 3 .   ? 16.197  -2.622  -3.271  1.00 25.46 ? 268 HOH A O   1 
HETATM 1071 O  O   . HOH C 3 .   ? -5.556  13.686  -8.030  1.00 22.20 ? 269 HOH A O   1 
HETATM 1072 O  O   . HOH C 3 .   ? 7.026   -9.420  -12.934 1.00 26.53 ? 270 HOH A O   1 
HETATM 1073 O  O   . HOH C 3 .   ? -14.356 0.325   -7.038  1.00 23.10 ? 271 HOH A O   1 
HETATM 1074 O  O   . HOH C 3 .   ? 5.747   -20.935 12.026  1.00 23.45 ? 272 HOH A O   1 
HETATM 1075 O  O   . HOH C 3 .   ? 11.004  -16.585 0.085   1.00 29.84 ? 273 HOH A O   1 
HETATM 1076 O  O   . HOH C 3 .   ? -10.117 -2.144  -12.637 1.00 23.49 ? 274 HOH A O   1 
HETATM 1077 O  O   . HOH C 3 .   ? 11.476  -1.354  -2.490  1.00 11.08 ? 275 HOH A O   1 
HETATM 1078 O  O   . HOH C 3 .   ? 4.030   0.903   23.216  1.00 9.48  ? 276 HOH A O   1 
HETATM 1079 O  O   . HOH C 3 .   ? 5.393   8.896   0.360   1.00 18.54 ? 277 HOH A O   1 
HETATM 1080 O  O   . HOH C 3 .   ? 6.011   8.299   3.132   1.00 15.15 ? 278 HOH A O   1 
HETATM 1081 O  O   . HOH C 3 .   ? 0.555   1.380   -15.428 1.00 26.06 ? 279 HOH A O   1 
HETATM 1082 O  O   . HOH C 3 .   ? 3.258   12.442  -1.590  1.00 19.86 ? 280 HOH A O   1 
HETATM 1083 O  O   . HOH C 3 .   ? 9.164   6.436   18.181  1.00 32.55 ? 281 HOH A O   1 
HETATM 1084 O  O   . HOH C 3 .   ? -10.237 14.626  2.588   1.00 17.66 ? 282 HOH A O   1 
HETATM 1085 O  O   . HOH C 3 .   ? 8.414   5.281   -14.488 1.00 15.14 ? 283 HOH A O   1 
HETATM 1086 O  O   . HOH C 3 .   ? 12.697  -9.387  -7.366  1.00 18.27 ? 284 HOH A O   1 
HETATM 1087 O  O   . HOH C 3 .   ? 10.620  -3.793  -1.534  1.00 25.27 ? 285 HOH A O   1 
HETATM 1088 O  O   . HOH C 3 .   ? 9.427   -12.153 7.194   1.00 25.03 ? 286 HOH A O   1 
HETATM 1089 O  O   . HOH C 3 .   ? 13.470  -8.217  9.720   1.00 26.39 ? 287 HOH A O   1 
HETATM 1090 O  O   . HOH C 3 .   ? -0.838  15.201  -2.177  1.00 15.10 ? 288 HOH A O   1 
HETATM 1091 O  O   . HOH C 3 .   ? 14.208  2.504   7.950   1.00 26.78 ? 289 HOH A O   1 
HETATM 1092 O  O   . HOH C 3 .   ? -14.245 4.839   4.367   1.00 31.43 ? 290 HOH A O   1 
HETATM 1093 O  O   . HOH C 3 .   ? -6.908  3.398   -21.528 1.00 22.87 ? 291 HOH A O   1 
HETATM 1094 O  O   . HOH C 3 .   ? 11.863  2.408   -14.999 1.00 25.25 ? 292 HOH A O   1 
HETATM 1095 O  O   . HOH C 3 .   ? -9.928  6.443   4.494   1.00 9.20  ? 293 HOH A O   1 
HETATM 1096 O  O   . HOH C 3 .   ? -0.647  -10.685 -12.216 1.00 12.40 ? 294 HOH A O   1 
HETATM 1097 O  O   . HOH C 3 .   ? 1.017   12.981  -8.568  1.00 22.49 ? 295 HOH A O   1 
HETATM 1098 O  O   . HOH C 3 .   ? 8.047   -8.769  0.760   1.00 23.75 ? 296 HOH A O   1 
HETATM 1099 O  O   . HOH C 3 .   ? 4.274   11.496  1.156   1.00 17.10 ? 297 HOH A O   1 
HETATM 1100 O  O   . HOH C 3 .   ? -2.918  -9.292  -11.233 1.00 12.08 ? 298 HOH A O   1 
HETATM 1101 O  O   . HOH C 3 .   ? 9.971   -6.988  0.906   1.00 26.74 ? 299 HOH A O   1 
HETATM 1102 O  O   . HOH C 3 .   ? 13.798  0.775   10.057  1.00 26.30 ? 300 HOH A O   1 
HETATM 1103 O  O   . HOH C 3 .   ? 3.117   3.305   24.309  1.00 17.06 ? 301 HOH A O   1 
HETATM 1104 O  O   . HOH C 3 .   ? 5.255   -8.931  16.890  1.00 23.25 ? 302 HOH A O   1 
HETATM 1105 O  O   . HOH C 3 .   ? 10.166  -9.657  2.114   1.00 30.31 ? 303 HOH A O   1 
HETATM 1106 O  O   . HOH C 3 .   ? 2.220   -17.846 -2.133  1.00 16.28 ? 304 HOH A O   1 
HETATM 1107 O  O   . HOH C 3 .   ? 14.688  -1.908  -9.135  1.00 29.24 ? 305 HOH A O   1 
HETATM 1108 O  O   . HOH C 3 .   ? -4.972  8.873   14.760  1.00 30.52 ? 306 HOH A O   1 
HETATM 1109 O  O   . HOH C 3 .   ? 12.595  -3.716  -11.236 1.00 13.71 ? 307 HOH A O   1 
HETATM 1110 O  O   . HOH C 3 .   ? -8.464  4.078   8.472   1.00 16.89 ? 308 HOH A O   1 
HETATM 1111 O  O   . HOH C 3 .   ? -11.104 8.360   -16.420 1.00 27.20 ? 309 HOH A O   1 
HETATM 1112 O  O   . HOH C 3 .   ? -13.560 0.909   4.743   1.00 34.26 ? 310 HOH A O   1 
HETATM 1113 O  O   . HOH C 3 .   ? 3.943   -9.066  -12.950 1.00 27.41 ? 311 HOH A O   1 
HETATM 1114 O  O   . HOH C 3 .   ? -7.116  -0.983  11.092  1.00 26.08 ? 312 HOH A O   1 
HETATM 1115 O  O   . HOH C 3 .   ? 12.595  -0.599  -14.651 1.00 29.08 ? 313 HOH A O   1 
HETATM 1116 O  O   . HOH C 3 .   ? -13.957 4.643   -17.431 1.00 29.47 ? 314 HOH A O   1 
HETATM 1117 O  O   . HOH C 3 .   ? 12.893  -12.037 -12.511 1.00 23.11 ? 315 HOH A O   1 
HETATM 1118 O  O   . HOH C 3 .   ? 0.532   -2.401  21.741  1.00 27.55 ? 316 HOH A O   1 
HETATM 1119 O  O   . HOH C 3 .   ? 12.712  2.867   -8.888  1.00 27.94 ? 317 HOH A O   1 
HETATM 1120 O  O   . HOH C 3 .   ? -14.368 -3.335  -4.059  1.00 27.50 ? 318 HOH A O   1 
HETATM 1121 O  O   . HOH C 3 .   ? -1.526  11.566  -9.638  1.00 25.22 ? 319 HOH A O   1 
HETATM 1122 O  O   . HOH C 3 .   ? 1.349   0.303   22.333  1.00 23.49 ? 320 HOH A O   1 
HETATM 1123 O  O   . HOH C 3 .   ? -11.858 2.424   6.250   1.00 25.08 ? 321 HOH A O   1 
HETATM 1124 O  O   . HOH C 3 .   ? 6.914   -13.192 6.735   1.00 26.46 ? 322 HOH A O   1 
HETATM 1125 O  O   . HOH C 3 .   ? -4.121  -2.585  18.018  1.00 28.02 ? 323 HOH A O   1 
HETATM 1126 O  O   . HOH C 3 .   ? -14.756 -1.939  -9.154  1.00 32.23 ? 324 HOH A O   1 
HETATM 1127 O  O   . HOH C 3 .   ? 11.577  6.061   -12.069 1.00 23.83 ? 325 HOH A O   1 
HETATM 1128 O  O   . HOH C 3 .   ? -11.886 13.029  0.528   1.00 30.59 ? 326 HOH A O   1 
HETATM 1129 O  O   . HOH C 3 .   ? -1.172  -4.826  -15.275 1.00 23.78 ? 327 HOH A O   1 
HETATM 1130 O  O   . HOH C 3 .   ? -2.200  8.043   16.051  1.00 25.16 ? 328 HOH A O   1 
HETATM 1131 O  O   . HOH C 3 .   ? -2.088  -14.414 13.307  1.00 28.62 ? 329 HOH A O   1 
HETATM 1132 O  O   . HOH C 3 .   ? 12.515  1.021   -0.972  1.00 28.61 ? 330 HOH A O   1 
HETATM 1133 O  O   . HOH C 3 .   ? -6.625  -7.671  6.258   1.00 7.69  ? 331 HOH A O   1 
HETATM 1134 O  O   . HOH C 3 .   ? 0.342   11.285  3.726   1.00 22.40 ? 332 HOH A O   1 
HETATM 1135 O  O   . HOH C 3 .   ? -7.926  -9.905  7.233   1.00 25.85 ? 333 HOH A O   1 
HETATM 1136 O  O   . HOH C 3 .   ? -15.616 2.744   -0.169  1.00 27.67 ? 334 HOH A O   1 
HETATM 1137 O  O   . HOH C 3 .   ? -0.873  -8.759  17.024  1.00 27.84 ? 335 HOH A O   1 
HETATM 1138 O  O   . HOH C 3 .   ? 8.505   -10.333 12.617  1.00 31.29 ? 336 HOH A O   1 
HETATM 1139 O  O   . HOH C 3 .   ? 6.428   -12.245 9.203   1.00 31.46 ? 337 HOH A O   1 
HETATM 1140 O  O   . HOH C 3 .   ? 9.522   -19.104 5.290   1.00 18.13 ? 338 HOH A O   1 
HETATM 1141 O  O   . HOH C 3 .   ? -8.634  15.577  -6.663  1.00 22.79 ? 339 HOH A O   1 
HETATM 1142 O  O   . HOH C 3 .   ? -0.307  -9.355  -14.815 1.00 23.99 ? 340 HOH A O   1 
HETATM 1143 O  O   . HOH C 3 .   ? -19.214 5.537   -10.693 1.00 26.40 ? 341 HOH A O   1 
HETATM 1144 O  O   . HOH C 3 .   ? -8.410  -5.425  7.467   1.00 19.58 ? 342 HOH A O   1 
HETATM 1145 O  O   . HOH C 3 .   ? 13.047  -9.888  -17.149 1.00 25.38 ? 343 HOH A O   1 
HETATM 1146 O  O   . HOH C 3 .   ? 12.067  -12.043 -5.776  1.00 27.30 ? 344 HOH A O   1 
HETATM 1147 O  O   . HOH C 3 .   ? -8.982  5.676   10.576  1.00 29.13 ? 345 HOH A O   1 
HETATM 1148 O  O   . HOH C 3 .   ? -20.255 8.469   -5.954  1.00 27.50 ? 346 HOH A O   1 
HETATM 1149 O  O   . HOH C 3 .   ? -13.506 14.600  5.895   1.00 28.94 ? 347 HOH A O   1 
HETATM 1150 O  O   . HOH C 3 .   ? 3.935   8.547   19.721  1.00 27.74 ? 348 HOH A O   1 
HETATM 1151 O  O   . HOH C 3 .   ? -14.008 -0.848  1.195   1.00 22.09 ? 349 HOH A O   1 
HETATM 1152 O  O   . HOH C 3 .   ? 13.251  -3.072  -3.832  1.00 32.39 ? 350 HOH A O   1 
HETATM 1153 O  O   . HOH C 3 .   ? -12.368 -3.841  -2.297  1.00 24.83 ? 351 HOH A O   1 
HETATM 1154 O  O   . HOH C 3 .   ? 8.087   9.142   -0.511  1.00 27.85 ? 352 HOH A O   1 
HETATM 1155 O  O   . HOH C 3 .   ? -7.410  -4.683  15.066  1.00 27.79 ? 353 HOH A O   1 
HETATM 1156 O  O   . HOH C 3 .   ? 10.693  -21.807 8.828   1.00 29.64 ? 354 HOH A O   1 
HETATM 1157 O  O   . HOH C 3 .   ? 10.816  -18.884 1.994   1.00 36.30 ? 355 HOH A O   1 
HETATM 1158 O  O   . HOH C 3 .   ? -18.928 10.622  -4.073  1.00 33.26 ? 356 HOH A O   1 
HETATM 1159 O  O   . HOH C 3 .   ? 5.974   7.055   -15.374 1.00 28.13 ? 357 HOH A O   1 
HETATM 1160 O  O   . HOH C 3 .   ? 12.488  0.862   -5.685  1.00 31.26 ? 358 HOH A O   1 
HETATM 1161 O  O   . HOH C 3 .   ? 5.922   -4.514  -14.378 1.00 37.80 ? 359 HOH A O   1 
HETATM 1162 O  O   . HOH C 3 .   ? -10.128 -7.829  12.866  1.00 28.42 ? 360 HOH A O   1 
HETATM 1163 O  O   . HOH C 3 .   ? -15.898 4.168   -12.998 1.00 29.95 ? 361 HOH A O   1 
HETATM 1164 O  O   . HOH C 3 .   ? 18.337  -4.947  8.699   1.00 34.79 ? 362 HOH A O   1 
HETATM 1165 O  O   . HOH C 3 .   ? -3.728  -7.924  -13.868 1.00 36.73 ? 363 HOH A O   1 
HETATM 1166 O  O   . HOH C 3 .   ? -18.169 3.884   0.260   1.00 38.42 ? 364 HOH A O   1 
HETATM 1167 O  O   . HOH C 3 .   ? 12.223  7.083   4.384   1.00 31.30 ? 365 HOH A O   1 
HETATM 1168 O  O   . HOH C 3 .   ? -2.474  1.470   -15.934 1.00 31.07 ? 366 HOH A O   1 
HETATM 1169 O  O   . HOH C 3 .   ? 2.113   4.686   -16.050 1.00 29.46 ? 367 HOH A O   1 
# 
